data_3GNC
#
_entry.id   3GNC
#
_cell.length_a   98.239
_cell.length_b   106.104
_cell.length_c   144.239
_cell.angle_alpha   90.00
_cell.angle_beta   90.00
_cell.angle_gamma   90.00
#
_symmetry.space_group_name_H-M   'P 21 21 21'
#
loop_
_entity.id
_entity.type
_entity.pdbx_description
1 polymer 'Glutaryl-CoA dehydrogenase'
2 non-polymer 'SULFATE ION'
3 non-polymer '1-(1-methylethyl)-1H-benzimidazole-2-sulfonic acid'
4 non-polymer '4-(2-HYDROXYETHYL)-1-PIPERAZINE ETHANESULFONIC ACID'
5 water water
#
_entity_poly.entity_id   1
_entity_poly.type   'polypeptide(L)'
_entity_poly.pdbx_seq_one_letter_code
;GPGSMAAATFHWDDPLLLDQQLADDERMVRDAAHAYAQGKLAPRVTEAFRHETTDAAIFREMGEIGLLGPTIPEQYGGPG
LDYVSYGLIAREVERVDSGYRSMMSVQSSLVMVPIFEFGSDAQKEKYLPKLATGEWIGCFGLTEPNHGSDPGSMVTRARK
VPGGYSLSGSKMWITNSPIADVFVVWAKLDEDGRDEIRGFILEKGCKGLSAPAIHGKVGLRASITGEIVLDEAFVPEENI
LPHVKGLRGPFTCLNSARYGIAWGALGAAESCWHIARQYVLDRKQFGRPLAANQLIQKKLADMQTEITLGLQGVLRLGRM
KDEGTAAVEITSIMKRNSCGKALDIARLARDMLGGNGISDEFGVARHLVNLEVVNTYEGTHDIHALILGRAQTGIQAFF
;
_entity_poly.pdbx_strand_id   A,B,C,D
#
loop_
_chem_comp.id
_chem_comp.type
_chem_comp.name
_chem_comp.formula
EPE non-polymer '4-(2-HYDROXYETHYL)-1-PIPERAZINE ETHANESULFONIC ACID' 'C8 H18 N2 O4 S'
QQQ non-polymer '1-(1-methylethyl)-1H-benzimidazole-2-sulfonic acid' 'C10 H12 N2 O3 S'
SO4 non-polymer 'SULFATE ION' 'O4 S -2'
#
# COMPACT_ATOMS: atom_id res chain seq x y z
N ALA A 7 6.65 -30.11 -25.95
CA ALA A 7 5.43 -29.75 -25.17
C ALA A 7 5.85 -29.14 -23.83
N ALA A 8 5.74 -27.81 -23.72
CA ALA A 8 6.38 -27.08 -22.63
C ALA A 8 5.71 -27.28 -21.26
N THR A 9 6.51 -27.59 -20.24
CA THR A 9 6.03 -27.75 -18.88
C THR A 9 6.38 -26.54 -18.03
N PHE A 10 5.52 -26.24 -17.07
CA PHE A 10 5.70 -25.10 -16.19
C PHE A 10 6.57 -25.48 -15.00
N HIS A 11 7.51 -24.59 -14.65
CA HIS A 11 8.32 -24.73 -13.46
C HIS A 11 7.97 -23.62 -12.47
N TRP A 12 7.11 -23.94 -11.49
CA TRP A 12 6.61 -22.93 -10.56
C TRP A 12 7.76 -22.20 -9.87
N ASP A 13 8.84 -22.92 -9.61
CA ASP A 13 9.98 -22.39 -8.87
C ASP A 13 10.98 -21.67 -9.76
N ASP A 14 10.78 -21.72 -11.08
CA ASP A 14 11.67 -21.06 -12.03
C ASP A 14 10.91 -20.78 -13.34
N PRO A 15 9.86 -19.95 -13.27
CA PRO A 15 8.92 -19.82 -14.37
C PRO A 15 9.54 -19.39 -15.70
N LEU A 16 10.54 -18.53 -15.64
CA LEU A 16 11.23 -18.08 -16.86
C LEU A 16 12.49 -18.89 -17.16
N LEU A 17 12.65 -20.03 -16.47
CA LEU A 17 13.81 -20.90 -16.67
C LEU A 17 15.11 -20.12 -16.65
N LEU A 18 15.34 -19.40 -15.55
CA LEU A 18 16.59 -18.67 -15.34
C LEU A 18 17.76 -19.60 -15.57
N ASP A 19 17.60 -20.83 -15.08
CA ASP A 19 18.56 -21.89 -15.24
C ASP A 19 19.07 -21.99 -16.68
N GLN A 20 18.16 -21.89 -17.66
CA GLN A 20 18.50 -22.01 -19.08
C GLN A 20 19.08 -20.77 -19.73
N GLN A 21 19.11 -19.66 -18.98
CA GLN A 21 19.70 -18.41 -19.46
C GLN A 21 21.15 -18.24 -18.97
N LEU A 22 21.63 -19.18 -18.16
CA LEU A 22 23.01 -19.14 -17.67
C LEU A 22 23.92 -19.89 -18.62
N ALA A 23 25.20 -19.53 -18.65
CA ALA A 23 26.22 -20.36 -19.29
C ALA A 23 26.60 -21.47 -18.32
N ASP A 24 27.20 -22.54 -18.84
CA ASP A 24 27.59 -23.71 -18.02
C ASP A 24 28.52 -23.33 -16.86
N ASP A 25 29.57 -22.60 -17.22
CA ASP A 25 30.36 -21.76 -16.35
C ASP A 25 29.58 -21.26 -15.11
N GLU A 26 28.49 -20.56 -15.39
CA GLU A 26 27.76 -19.83 -14.36
C GLU A 26 26.91 -20.79 -13.54
N ARG A 27 26.28 -21.74 -14.22
CA ARG A 27 25.49 -22.76 -13.54
C ARG A 27 26.35 -23.63 -12.60
N MET A 28 27.59 -23.94 -12.98
CA MET A 28 28.49 -24.72 -12.12
C MET A 28 28.88 -23.94 -10.85
N VAL A 29 29.13 -22.64 -11.01
CA VAL A 29 29.39 -21.76 -9.88
C VAL A 29 28.19 -21.74 -8.94
N ARG A 30 26.99 -21.59 -9.50
CA ARG A 30 25.78 -21.56 -8.67
C ARG A 30 25.63 -22.86 -7.87
N ASP A 31 25.89 -23.97 -8.53
CA ASP A 31 25.77 -25.29 -7.91
C ASP A 31 26.72 -25.47 -6.75
N ALA A 32 27.95 -25.02 -6.94
CA ALA A 32 28.98 -25.15 -5.90
C ALA A 32 28.65 -24.25 -4.70
N ALA A 33 28.16 -23.04 -4.99
CA ALA A 33 27.76 -22.12 -3.93
C ALA A 33 26.57 -22.68 -3.17
N HIS A 34 25.62 -23.25 -3.91
CA HIS A 34 24.47 -23.90 -3.34
C HIS A 34 24.87 -25.08 -2.44
N ALA A 35 25.75 -25.95 -2.93
CA ALA A 35 26.20 -27.12 -2.13
C ALA A 35 26.91 -26.67 -0.85
N TYR A 36 27.78 -25.68 -0.97
CA TYR A 36 28.48 -25.18 0.20
C TYR A 36 27.52 -24.59 1.21
N ALA A 37 26.66 -23.67 0.77
CA ALA A 37 25.78 -22.95 1.69
C ALA A 37 24.81 -23.90 2.40
N GLN A 38 24.20 -24.81 1.64
CA GLN A 38 23.24 -25.77 2.21
C GLN A 38 23.97 -26.83 3.03
N GLY A 39 25.13 -27.26 2.55
CA GLY A 39 25.94 -28.25 3.26
C GLY A 39 26.58 -27.75 4.54
N LYS A 40 27.08 -26.51 4.52
CA LYS A 40 27.87 -25.99 5.62
C LYS A 40 27.27 -24.81 6.39
N LEU A 41 26.51 -23.93 5.72
CA LEU A 41 25.95 -22.77 6.42
C LEU A 41 24.60 -23.07 7.07
N ALA A 42 23.73 -23.80 6.39
CA ALA A 42 22.38 -24.03 6.93
C ALA A 42 22.39 -24.72 8.32
N PRO A 43 23.23 -25.76 8.48
CA PRO A 43 23.35 -26.43 9.80
C PRO A 43 23.83 -25.51 10.94
N ARG A 44 24.62 -24.48 10.64
CA ARG A 44 25.07 -23.52 11.66
C ARG A 44 24.10 -22.38 11.97
N VAL A 45 23.26 -22.05 11.01
CA VAL A 45 22.65 -20.72 11.03
C VAL A 45 21.76 -20.45 12.25
N THR A 46 20.94 -21.42 12.66
CA THR A 46 19.97 -21.16 13.72
C THR A 46 20.61 -20.78 15.06
N GLU A 47 21.61 -21.54 15.47
CA GLU A 47 22.29 -21.28 16.74
C GLU A 47 23.26 -20.12 16.61
N ALA A 48 23.86 -19.95 15.44
CA ALA A 48 24.75 -18.81 15.20
C ALA A 48 23.98 -17.48 15.30
N PHE A 49 22.80 -17.45 14.72
CA PHE A 49 21.94 -16.26 14.83
C PHE A 49 21.52 -16.01 16.28
N ARG A 50 20.98 -17.04 16.92
CA ARG A 50 20.51 -16.98 18.31
C ARG A 50 21.55 -16.41 19.31
N HIS A 51 22.77 -16.95 19.31
CA HIS A 51 23.80 -16.50 20.29
C HIS A 51 24.94 -15.70 19.68
N GLU A 52 24.77 -15.23 18.45
CA GLU A 52 25.72 -14.30 17.83
C GLU A 52 27.12 -14.96 17.77
N THR A 53 27.14 -16.21 17.32
CA THR A 53 28.38 -16.97 17.15
C THR A 53 29.33 -16.29 16.17
N THR A 54 30.61 -16.21 16.53
CA THR A 54 31.67 -15.85 15.60
C THR A 54 32.30 -17.14 15.07
N ASP A 55 32.16 -17.41 13.78
CA ASP A 55 32.81 -18.59 13.17
C ASP A 55 33.69 -18.10 12.03
N ALA A 56 34.93 -17.76 12.36
CA ALA A 56 35.85 -17.16 11.39
C ALA A 56 36.27 -18.16 10.33
N ALA A 57 36.11 -19.45 10.61
CA ALA A 57 36.50 -20.53 9.67
C ALA A 57 35.75 -20.47 8.35
N ILE A 58 34.62 -19.76 8.33
CA ILE A 58 33.81 -19.63 7.12
C ILE A 58 34.59 -19.02 5.93
N PHE A 59 35.47 -18.06 6.20
CA PHE A 59 36.23 -17.39 5.13
C PHE A 59 37.16 -18.34 4.39
N ARG A 60 37.92 -19.15 5.12
CA ARG A 60 38.76 -20.17 4.48
C ARG A 60 37.90 -21.15 3.70
N GLU A 61 36.81 -21.61 4.31
CA GLU A 61 35.87 -22.51 3.63
C GLU A 61 35.36 -21.92 2.33
N MET A 62 35.03 -20.63 2.35
CA MET A 62 34.52 -19.94 1.16
C MET A 62 35.60 -19.72 0.09
N GLY A 63 36.75 -19.22 0.52
CA GLY A 63 37.87 -18.99 -0.39
C GLY A 63 38.33 -20.28 -1.06
N GLU A 64 38.43 -21.35 -0.27
CA GLU A 64 38.82 -22.66 -0.81
C GLU A 64 38.16 -23.02 -2.12
N ILE A 65 36.87 -22.72 -2.23
CA ILE A 65 36.12 -23.11 -3.42
C ILE A 65 36.04 -21.99 -4.46
N GLY A 66 36.62 -20.83 -4.13
CA GLY A 66 36.60 -19.67 -5.03
C GLY A 66 35.34 -18.84 -4.93
N LEU A 67 34.84 -18.63 -3.70
CA LEU A 67 33.64 -17.83 -3.50
C LEU A 67 33.99 -16.43 -3.01
N LEU A 68 35.26 -16.19 -2.64
CA LEU A 68 35.67 -14.87 -2.21
C LEU A 68 36.29 -14.11 -3.35
N GLY A 69 35.85 -12.86 -3.54
CA GLY A 69 36.31 -12.01 -4.63
C GLY A 69 36.14 -12.60 -6.02
N PRO A 70 34.94 -13.09 -6.32
CA PRO A 70 34.60 -13.78 -7.56
C PRO A 70 35.18 -13.17 -8.84
N THR A 71 35.09 -11.85 -8.99
CA THR A 71 35.49 -11.21 -10.25
C THR A 71 36.99 -10.87 -10.31
N ILE A 72 37.71 -11.06 -9.21
CA ILE A 72 39.15 -10.79 -9.21
C ILE A 72 39.86 -11.82 -10.11
N PRO A 73 40.75 -11.35 -11.01
CA PRO A 73 41.44 -12.22 -11.96
C PRO A 73 42.30 -13.32 -11.33
N GLU A 74 42.58 -14.36 -12.11
CA GLU A 74 43.41 -15.47 -11.66
C GLU A 74 44.83 -15.03 -11.33
N GLN A 75 45.32 -14.00 -12.02
CA GLN A 75 46.66 -13.49 -11.78
C GLN A 75 46.92 -13.21 -10.29
N TYR A 76 45.86 -12.91 -9.53
CA TYR A 76 46.00 -12.56 -8.13
C TYR A 76 45.24 -13.50 -7.18
N GLY A 77 44.98 -14.73 -7.64
CA GLY A 77 44.38 -15.76 -6.79
C GLY A 77 42.86 -15.81 -6.79
N GLY A 78 42.22 -14.94 -7.58
CA GLY A 78 40.78 -14.93 -7.67
C GLY A 78 40.36 -15.93 -8.72
N PRO A 79 39.08 -16.32 -8.70
CA PRO A 79 38.62 -17.33 -9.65
C PRO A 79 38.33 -16.80 -11.07
N GLY A 80 38.42 -15.49 -11.26
CA GLY A 80 38.24 -14.90 -12.59
C GLY A 80 36.85 -15.15 -13.16
N LEU A 81 35.84 -15.11 -12.30
CA LEU A 81 34.46 -15.35 -12.72
C LEU A 81 33.87 -14.02 -13.22
N ASP A 82 32.72 -14.09 -13.87
CA ASP A 82 32.02 -12.90 -14.38
C ASP A 82 30.99 -12.38 -13.34
N TYR A 83 30.41 -11.20 -13.58
CA TYR A 83 29.51 -10.56 -12.62
C TYR A 83 28.25 -11.37 -12.32
N VAL A 84 27.71 -12.01 -13.33
CA VAL A 84 26.59 -12.90 -13.14
C VAL A 84 26.92 -13.98 -12.09
N SER A 85 28.13 -14.53 -12.18
CA SER A 85 28.56 -15.53 -11.20
C SER A 85 28.67 -14.96 -9.78
N TYR A 86 29.25 -13.78 -9.66
CA TYR A 86 29.24 -13.08 -8.37
C TYR A 86 27.79 -13.02 -7.81
N GLY A 87 26.84 -12.68 -8.66
CA GLY A 87 25.44 -12.57 -8.24
C GLY A 87 24.84 -13.88 -7.78
N LEU A 88 25.05 -14.93 -8.57
CA LEU A 88 24.59 -16.27 -8.22
C LEU A 88 25.18 -16.72 -6.87
N ILE A 89 26.44 -16.45 -6.63
CA ILE A 89 27.07 -16.81 -5.37
C ILE A 89 26.33 -16.12 -4.22
N ALA A 90 26.14 -14.81 -4.34
CA ALA A 90 25.51 -14.02 -3.30
C ALA A 90 24.10 -14.53 -3.00
N ARG A 91 23.37 -14.86 -4.05
CA ARG A 91 22.00 -15.37 -3.93
C ARG A 91 21.95 -16.66 -3.11
N GLU A 92 22.90 -17.56 -3.35
CA GLU A 92 22.93 -18.85 -2.66
C GLU A 92 23.36 -18.70 -1.22
N VAL A 93 24.27 -17.77 -0.94
CA VAL A 93 24.68 -17.55 0.45
C VAL A 93 23.55 -16.91 1.25
N GLU A 94 22.88 -15.92 0.65
CA GLU A 94 21.85 -15.15 1.39
C GLU A 94 20.59 -15.98 1.57
N ARG A 95 20.35 -16.90 0.64
CA ARG A 95 19.31 -17.90 0.76
C ARG A 95 19.33 -18.58 2.13
N VAL A 96 20.53 -18.80 2.65
CA VAL A 96 20.67 -19.28 4.02
C VAL A 96 20.53 -18.14 4.99
N ASP A 97 21.36 -17.10 4.85
CA ASP A 97 21.33 -15.94 5.77
C ASP A 97 22.04 -14.69 5.19
N SER A 98 21.40 -13.52 5.33
CA SER A 98 22.02 -12.24 4.97
C SER A 98 23.33 -11.92 5.71
N GLY A 99 23.48 -12.41 6.93
CA GLY A 99 24.72 -12.19 7.72
C GLY A 99 25.93 -12.84 7.09
N TYR A 100 25.74 -14.03 6.52
CA TYR A 100 26.82 -14.71 5.82
C TYR A 100 27.11 -14.00 4.50
N ARG A 101 26.06 -13.53 3.82
CA ARG A 101 26.25 -12.81 2.58
C ARG A 101 27.01 -11.51 2.87
N SER A 102 26.67 -10.87 3.98
CA SER A 102 27.38 -9.67 4.39
C SER A 102 28.92 -9.87 4.57
N MET A 103 29.31 -10.99 5.18
CA MET A 103 30.73 -11.28 5.42
C MET A 103 31.48 -11.37 4.08
N MET A 104 30.82 -12.01 3.14
CA MET A 104 31.28 -12.20 1.78
C MET A 104 31.32 -10.89 0.95
N SER A 105 30.27 -10.08 1.07
CA SER A 105 30.22 -8.77 0.40
C SER A 105 31.43 -7.94 0.78
N VAL A 106 31.78 -7.97 2.07
CA VAL A 106 32.90 -7.18 2.56
C VAL A 106 34.22 -7.65 1.92
N GLN A 107 34.54 -8.95 2.03
CA GLN A 107 35.74 -9.52 1.40
C GLN A 107 35.84 -9.14 -0.06
N SER A 108 34.78 -9.42 -0.81
CA SER A 108 34.78 -9.32 -2.26
C SER A 108 34.72 -7.89 -2.77
N SER A 109 33.66 -7.16 -2.41
CA SER A 109 33.41 -5.83 -2.97
C SER A 109 34.08 -4.69 -2.24
N LEU A 110 34.21 -4.81 -0.92
CA LEU A 110 34.71 -3.73 -0.09
C LEU A 110 36.19 -3.83 0.27
N VAL A 111 36.84 -4.95 -0.07
CA VAL A 111 38.27 -5.08 0.26
C VAL A 111 39.12 -5.48 -0.94
N MET A 112 38.75 -6.57 -1.61
CA MET A 112 39.47 -7.02 -2.79
C MET A 112 39.27 -6.10 -4.01
N VAL A 113 38.08 -5.56 -4.19
CA VAL A 113 37.84 -4.63 -5.30
C VAL A 113 38.63 -3.32 -5.16
N PRO A 114 38.56 -2.63 -3.99
CA PRO A 114 39.38 -1.43 -3.84
C PRO A 114 40.89 -1.66 -4.04
N ILE A 115 41.43 -2.76 -3.54
CA ILE A 115 42.85 -3.04 -3.69
C ILE A 115 43.18 -3.34 -5.16
N PHE A 116 42.44 -4.28 -5.76
CA PHE A 116 42.66 -4.62 -7.16
C PHE A 116 42.55 -3.39 -8.04
N GLU A 117 41.51 -2.61 -7.82
CA GLU A 117 41.16 -1.54 -8.73
C GLU A 117 42.03 -0.32 -8.54
N PHE A 118 42.39 -0.01 -7.29
CA PHE A 118 43.12 1.24 -6.98
C PHE A 118 44.51 1.07 -6.38
N GLY A 119 44.91 -0.15 -6.09
CA GLY A 119 46.19 -0.38 -5.40
C GLY A 119 47.36 -0.51 -6.35
N SER A 120 48.57 -0.44 -5.79
CA SER A 120 49.80 -0.69 -6.56
C SER A 120 49.97 -2.16 -6.81
N ASP A 121 50.84 -2.49 -7.77
CA ASP A 121 51.21 -3.87 -8.05
C ASP A 121 51.64 -4.57 -6.77
N ALA A 122 52.54 -3.94 -6.00
CA ALA A 122 52.99 -4.51 -4.72
C ALA A 122 51.84 -4.85 -3.76
N GLN A 123 50.87 -3.94 -3.62
CA GLN A 123 49.70 -4.16 -2.77
C GLN A 123 48.84 -5.31 -3.30
N LYS A 124 48.62 -5.35 -4.61
CA LYS A 124 47.78 -6.39 -5.21
C LYS A 124 48.37 -7.79 -5.02
N GLU A 125 49.67 -7.97 -5.30
CA GLU A 125 50.28 -9.29 -5.13
C GLU A 125 50.44 -9.66 -3.65
N LYS A 126 50.64 -8.68 -2.78
CA LYS A 126 50.71 -9.00 -1.36
C LYS A 126 49.38 -9.44 -0.73
N TYR A 127 48.30 -8.73 -1.05
CA TYR A 127 47.06 -8.91 -0.29
C TYR A 127 46.01 -9.80 -0.95
N LEU A 128 45.84 -9.67 -2.26
CA LEU A 128 44.75 -10.35 -2.93
C LEU A 128 44.79 -11.89 -2.79
N PRO A 129 45.96 -12.52 -3.02
CA PRO A 129 45.96 -13.98 -2.95
C PRO A 129 45.45 -14.53 -1.61
N LYS A 130 45.85 -13.91 -0.50
CA LYS A 130 45.47 -14.39 0.83
C LYS A 130 44.02 -14.02 1.21
N LEU A 131 43.50 -12.97 0.60
CA LEU A 131 42.09 -12.61 0.74
C LEU A 131 41.19 -13.56 -0.06
N ALA A 132 41.66 -13.97 -1.24
CA ALA A 132 40.95 -14.92 -2.10
C ALA A 132 40.76 -16.30 -1.47
N THR A 133 41.79 -16.78 -0.78
CA THR A 133 41.73 -18.05 -0.07
C THR A 133 41.02 -17.90 1.27
N GLY A 134 40.97 -16.69 1.80
CA GLY A 134 40.31 -16.42 3.07
C GLY A 134 41.27 -16.61 4.24
N GLU A 135 42.55 -16.80 3.92
CA GLU A 135 43.58 -16.92 4.94
C GLU A 135 43.67 -15.57 5.64
N TRP A 136 43.59 -14.49 4.87
CA TRP A 136 43.39 -13.16 5.44
C TRP A 136 41.94 -12.65 5.26
N ILE A 137 41.39 -12.13 6.36
CA ILE A 137 40.01 -11.61 6.44
C ILE A 137 40.06 -10.08 6.40
N GLY A 138 39.25 -9.46 5.55
CA GLY A 138 39.27 -8.01 5.38
C GLY A 138 38.07 -7.30 5.99
N CYS A 139 38.25 -6.03 6.32
CA CYS A 139 37.12 -5.13 6.61
C CYS A 139 37.33 -3.77 5.93
N PHE A 140 36.29 -2.95 6.00
CA PHE A 140 36.15 -1.75 5.20
C PHE A 140 35.65 -0.66 6.14
N GLY A 141 36.53 0.30 6.41
CA GLY A 141 36.27 1.36 7.40
C GLY A 141 35.94 2.69 6.77
N LEU A 142 34.66 2.95 6.59
CA LEU A 142 34.17 4.19 6.04
C LEU A 142 33.42 4.98 7.11
N THR A 143 32.32 4.40 7.62
CA THR A 143 31.36 5.11 8.47
C THR A 143 31.89 5.45 9.86
N GLU A 144 31.48 6.60 10.37
CA GLU A 144 32.00 7.12 11.64
C GLU A 144 30.90 7.34 12.67
N PRO A 145 31.26 7.24 13.97
CA PRO A 145 30.31 7.56 15.04
C PRO A 145 30.16 9.06 15.20
N MET A 154 33.91 13.67 7.71
CA MET A 154 34.85 12.58 7.92
C MET A 154 36.01 13.04 8.80
N VAL A 155 35.92 12.71 10.09
CA VAL A 155 36.91 13.10 11.09
C VAL A 155 38.25 12.36 10.94
N THR A 156 38.21 11.13 10.43
CA THR A 156 39.43 10.31 10.35
C THR A 156 40.48 10.94 9.43
N ARG A 157 41.62 11.31 10.03
CA ARG A 157 42.65 12.12 9.38
C ARG A 157 43.97 11.33 9.32
N ALA A 158 44.60 11.32 8.15
CA ALA A 158 45.97 10.84 8.03
C ALA A 158 46.91 12.05 7.87
N ARG A 159 47.93 12.11 8.72
CA ARG A 159 48.93 13.19 8.66
C ARG A 159 50.28 12.63 8.20
N LYS A 160 50.89 13.30 7.22
CA LYS A 160 52.16 12.87 6.65
C LYS A 160 53.28 13.02 7.68
N VAL A 161 53.94 11.91 7.99
CA VAL A 161 55.12 11.91 8.86
C VAL A 161 56.26 11.28 8.07
N PRO A 162 57.48 11.28 8.65
CA PRO A 162 58.52 10.44 8.07
C PRO A 162 58.05 9.00 8.04
N GLY A 163 58.46 8.24 7.03
CA GLY A 163 58.11 6.82 6.92
C GLY A 163 56.81 6.55 6.17
N GLY A 164 55.80 7.40 6.40
CA GLY A 164 54.51 7.26 5.74
C GLY A 164 53.45 8.20 6.28
N TYR A 165 52.49 7.64 7.04
CA TYR A 165 51.32 8.38 7.52
C TYR A 165 50.93 7.97 8.93
N SER A 166 50.54 8.95 9.74
CA SER A 166 49.91 8.68 11.04
C SER A 166 48.40 8.86 10.89
N LEU A 167 47.64 7.89 11.41
CA LEU A 167 46.17 7.90 11.29
C LEU A 167 45.50 7.99 12.65
N SER A 168 44.47 8.83 12.73
CA SER A 168 43.67 8.97 13.94
C SER A 168 42.20 9.14 13.57
N GLY A 169 41.33 8.50 14.34
CA GLY A 169 39.91 8.49 14.07
C GLY A 169 39.24 7.23 14.60
N SER A 170 37.98 7.04 14.21
CA SER A 170 37.22 5.87 14.60
C SER A 170 36.23 5.53 13.51
N LYS A 171 36.09 4.24 13.20
CA LYS A 171 35.02 3.77 12.34
C LYS A 171 34.04 2.93 13.17
N MET A 172 32.79 2.93 12.75
CA MET A 172 31.71 2.30 13.52
C MET A 172 30.88 1.40 12.62
N TRP A 173 30.35 0.32 13.21
CA TRP A 173 29.54 -0.67 12.49
C TRP A 173 30.31 -1.30 11.34
N ILE A 174 31.52 -1.78 11.61
CA ILE A 174 32.41 -2.33 10.58
C ILE A 174 32.37 -3.86 10.61
N THR A 175 31.69 -4.44 9.63
CA THR A 175 31.58 -5.88 9.51
C THR A 175 32.94 -6.54 9.35
N ASN A 176 33.16 -7.62 10.09
CA ASN A 176 34.42 -8.41 10.12
C ASN A 176 35.54 -7.85 11.02
N SER A 177 35.41 -6.61 11.50
CA SER A 177 36.58 -5.92 12.03
C SER A 177 37.24 -6.62 13.22
N PRO A 178 36.44 -7.22 14.12
CA PRO A 178 37.10 -7.92 15.23
C PRO A 178 37.93 -9.15 14.84
N ILE A 179 37.77 -9.65 13.62
CA ILE A 179 38.48 -10.83 13.15
C ILE A 179 39.28 -10.57 11.89
N ALA A 180 39.43 -9.30 11.53
CA ALA A 180 40.07 -8.92 10.27
C ALA A 180 41.59 -8.95 10.38
N ASP A 181 42.25 -9.38 9.31
CA ASP A 181 43.70 -9.30 9.21
C ASP A 181 44.10 -8.04 8.44
N VAL A 182 43.29 -7.70 7.44
CA VAL A 182 43.52 -6.58 6.54
C VAL A 182 42.41 -5.56 6.74
N PHE A 183 42.80 -4.31 6.97
CA PHE A 183 41.89 -3.21 7.16
C PHE A 183 42.07 -2.23 6.02
N VAL A 184 41.01 -2.00 5.25
CA VAL A 184 40.99 -0.93 4.26
C VAL A 184 40.25 0.24 4.89
N VAL A 185 41.00 1.27 5.29
CA VAL A 185 40.47 2.43 6.01
C VAL A 185 40.56 3.70 5.17
N TRP A 186 39.45 4.42 5.07
CA TRP A 186 39.38 5.66 4.29
C TRP A 186 39.47 6.87 5.20
N ALA A 187 40.48 7.71 4.95
CA ALA A 187 40.75 8.89 5.74
C ALA A 187 40.99 10.08 4.82
N LYS A 188 40.98 11.29 5.42
CA LYS A 188 41.19 12.53 4.67
C LYS A 188 42.65 13.01 4.79
N LEU A 189 43.22 13.42 3.65
CA LEU A 189 44.61 13.88 3.57
C LEU A 189 44.71 15.21 2.81
N ASP A 190 45.54 16.13 3.31
CA ASP A 190 45.79 17.40 2.62
C ASP A 190 47.09 17.39 1.82
N GLU A 191 47.05 17.98 0.62
CA GLU A 191 48.21 18.09 -0.27
C GLU A 191 47.83 18.74 -1.61
N ASP A 192 48.54 19.81 -1.98
CA ASP A 192 48.44 20.41 -3.32
C ASP A 192 47.03 20.86 -3.71
N ARG A 194 42.57 19.65 -3.02
CA ARG A 194 43.34 19.87 -1.79
C ARG A 194 43.08 18.77 -0.75
N ASP A 195 42.32 19.09 0.31
CA ASP A 195 42.00 18.13 1.38
C ASP A 195 41.08 17.04 0.85
N GLU A 196 41.60 15.82 0.64
CA GLU A 196 40.88 14.80 -0.13
C GLU A 196 40.85 13.40 0.50
N ILE A 197 39.82 12.63 0.14
CA ILE A 197 39.65 11.27 0.68
C ILE A 197 40.65 10.32 0.03
N ARG A 198 41.52 9.72 0.86
CA ARG A 198 42.43 8.67 0.42
C ARG A 198 42.12 7.34 1.10
N GLY A 199 42.59 6.26 0.46
CA GLY A 199 42.49 4.91 1.00
C GLY A 199 43.81 4.41 1.55
N PHE A 200 43.78 3.89 2.77
CA PHE A 200 44.94 3.29 3.42
C PHE A 200 44.67 1.81 3.71
N ILE A 201 45.73 1.00 3.67
CA ILE A 201 45.67 -0.41 4.04
C ILE A 201 46.46 -0.58 5.31
N LEU A 202 45.79 -1.00 6.39
CA LEU A 202 46.45 -1.39 7.62
C LEU A 202 46.34 -2.91 7.79
N GLU A 203 47.10 -3.46 8.73
CA GLU A 203 47.08 -4.88 9.05
C GLU A 203 46.97 -5.07 10.55
N LYS A 204 46.37 -6.19 10.95
CA LYS A 204 46.17 -6.54 12.35
C LYS A 204 47.49 -6.49 13.12
N GLY A 205 47.43 -6.07 14.39
CA GLY A 205 48.62 -5.98 15.22
C GLY A 205 49.43 -4.70 15.08
N CYS A 206 49.04 -3.84 14.14
CA CYS A 206 49.62 -2.49 14.01
C CYS A 206 49.33 -1.71 15.29
N LYS A 207 50.37 -1.16 15.92
CA LYS A 207 50.19 -0.42 17.17
C LYS A 207 49.32 0.82 16.96
N GLY A 208 48.43 1.08 17.92
CA GLY A 208 47.44 2.14 17.80
C GLY A 208 46.20 1.78 16.99
N LEU A 209 46.08 0.52 16.59
CA LEU A 209 44.89 0.01 15.91
C LEU A 209 44.22 -0.99 16.86
N SER A 210 42.94 -0.77 17.14
CA SER A 210 42.14 -1.73 17.89
C SER A 210 40.81 -1.89 17.19
N ALA A 211 40.10 -2.98 17.49
CA ALA A 211 38.88 -3.34 16.77
C ALA A 211 37.87 -4.08 17.67
N PRO A 212 37.40 -3.40 18.74
CA PRO A 212 36.49 -4.03 19.70
C PRO A 212 35.15 -4.40 19.07
N ALA A 213 34.66 -5.59 19.40
CA ALA A 213 33.46 -6.13 18.79
C ALA A 213 32.20 -5.52 19.40
N ILE A 214 31.18 -5.40 18.56
CA ILE A 214 29.85 -4.99 18.95
C ILE A 214 29.04 -6.25 19.14
N HIS A 215 28.27 -6.32 20.21
CA HIS A 215 27.33 -7.41 20.39
C HIS A 215 25.96 -6.90 20.81
N GLY A 216 24.97 -7.78 20.73
CA GLY A 216 23.58 -7.45 21.02
C GLY A 216 22.84 -6.88 19.83
N LYS A 217 23.18 -7.30 18.61
CA LYS A 217 22.51 -6.79 17.41
C LYS A 217 21.07 -7.34 17.29
N VAL A 218 20.19 -6.62 16.60
CA VAL A 218 18.83 -7.08 16.38
C VAL A 218 18.79 -7.92 15.12
N GLY A 219 19.47 -7.46 14.07
CA GLY A 219 19.55 -8.18 12.81
C GLY A 219 20.97 -8.48 12.40
N LEU A 220 21.12 -9.37 11.41
CA LEU A 220 22.45 -9.81 10.95
C LEU A 220 23.31 -10.34 12.12
N ARG A 221 22.67 -10.97 13.10
CA ARG A 221 23.37 -11.47 14.29
C ARG A 221 24.41 -12.55 13.94
N ALA A 222 24.30 -13.17 12.77
CA ALA A 222 25.25 -14.19 12.31
C ALA A 222 26.55 -13.62 11.75
N SER A 223 26.64 -12.30 11.65
CA SER A 223 27.87 -11.68 11.18
C SER A 223 28.47 -10.93 12.37
N ILE A 224 29.80 -10.95 12.48
CA ILE A 224 30.46 -10.23 13.54
C ILE A 224 30.78 -8.84 13.01
N THR A 225 30.55 -7.86 13.87
CA THR A 225 30.76 -6.47 13.55
C THR A 225 31.46 -5.81 14.72
N GLY A 226 32.19 -4.74 14.44
CA GLY A 226 32.84 -4.03 15.50
C GLY A 226 33.33 -2.69 15.07
N GLU A 227 34.31 -2.20 15.81
CA GLU A 227 34.87 -0.87 15.59
C GLU A 227 36.22 -0.94 14.90
N ILE A 228 36.71 0.24 14.52
CA ILE A 228 38.11 0.45 14.19
C ILE A 228 38.51 1.73 14.91
N VAL A 229 39.38 1.62 15.91
CA VAL A 229 39.90 2.79 16.61
C VAL A 229 41.38 2.96 16.30
N LEU A 230 41.71 4.05 15.61
CA LEU A 230 43.07 4.40 15.27
C LEU A 230 43.58 5.51 16.20
N ASP A 231 44.57 5.20 17.03
CA ASP A 231 45.23 6.21 17.87
C ASP A 231 46.66 6.38 17.39
N GLU A 232 46.87 7.35 16.50
CA GLU A 232 48.17 7.60 15.88
C GLU A 232 48.74 6.30 15.30
N ALA A 233 47.96 5.66 14.43
CA ALA A 233 48.36 4.39 13.81
C ALA A 233 49.27 4.68 12.62
N PHE A 234 50.45 4.07 12.61
CA PHE A 234 51.43 4.30 11.54
C PHE A 234 51.15 3.44 10.31
N VAL A 235 50.93 4.11 9.18
CA VAL A 235 50.76 3.45 7.88
C VAL A 235 51.98 3.82 7.01
N PRO A 236 52.81 2.84 6.65
CA PRO A 236 53.96 3.14 5.76
C PRO A 236 53.54 3.74 4.41
N GLU A 237 54.51 4.33 3.71
CA GLU A 237 54.24 4.99 2.44
C GLU A 237 53.65 4.01 1.43
N GLU A 238 54.12 2.76 1.50
CA GLU A 238 53.76 1.71 0.56
C GLU A 238 52.32 1.19 0.72
N ASN A 239 51.65 1.61 1.80
CA ASN A 239 50.31 1.11 2.15
C ASN A 239 49.17 2.08 1.84
N ILE A 240 49.48 3.23 1.25
CA ILE A 240 48.42 4.13 0.79
C ILE A 240 48.05 3.75 -0.63
N LEU A 241 46.76 3.69 -0.94
CA LEU A 241 46.30 3.34 -2.29
C LEU A 241 46.67 4.52 -3.20
N PRO A 242 47.40 4.26 -4.30
CA PRO A 242 47.93 5.40 -5.05
C PRO A 242 47.11 5.85 -6.25
N HIS A 243 46.06 5.13 -6.63
CA HIS A 243 45.35 5.45 -7.86
C HIS A 243 43.88 5.87 -7.69
N VAL A 244 43.55 6.50 -6.55
CA VAL A 244 42.22 7.11 -6.38
C VAL A 244 42.19 8.19 -5.32
N LYS A 245 41.39 9.22 -5.58
CA LYS A 245 41.16 10.31 -4.63
C LYS A 245 39.66 10.64 -4.60
N GLY A 246 39.19 11.12 -3.45
CA GLY A 246 37.82 11.58 -3.34
C GLY A 246 36.75 10.49 -3.28
N LEU A 247 35.53 10.85 -3.65
CA LEU A 247 34.34 10.02 -3.45
C LEU A 247 34.33 8.75 -4.30
N ARG A 248 34.98 8.80 -5.46
CA ARG A 248 35.03 7.66 -6.35
C ARG A 248 35.68 6.42 -5.71
N GLY A 249 36.56 6.63 -4.73
CA GLY A 249 37.16 5.53 -4.00
C GLY A 249 36.10 4.64 -3.33
N PRO A 250 35.53 5.13 -2.21
CA PRO A 250 34.48 4.41 -1.49
C PRO A 250 33.31 4.05 -2.37
N PHE A 251 32.89 4.97 -3.23
CA PHE A 251 31.73 4.75 -4.08
C PHE A 251 31.91 3.53 -4.96
N THR A 252 33.12 3.33 -5.48
CA THR A 252 33.38 2.20 -6.37
C THR A 252 33.11 0.89 -5.61
N CYS A 253 33.50 0.86 -4.33
CA CYS A 253 33.28 -0.32 -3.50
C CYS A 253 31.79 -0.54 -3.18
N LEU A 254 31.11 0.54 -2.79
CA LEU A 254 29.71 0.52 -2.41
C LEU A 254 28.82 0.06 -3.55
N ASN A 255 29.12 0.54 -4.75
CA ASN A 255 28.43 0.14 -5.95
C ASN A 255 28.59 -1.36 -6.25
N SER A 256 29.82 -1.85 -6.12
CA SER A 256 30.08 -3.27 -6.33
C SER A 256 29.29 -4.09 -5.29
N ALA A 257 29.37 -3.68 -4.04
CA ALA A 257 28.63 -4.32 -2.95
C ALA A 257 27.12 -4.39 -3.23
N ARG A 258 26.56 -3.28 -3.74
CA ARG A 258 25.12 -3.18 -4.04
C ARG A 258 24.69 -4.14 -5.11
N TYR A 259 25.51 -4.31 -6.13
CA TYR A 259 25.19 -5.25 -7.20
C TYR A 259 24.94 -6.70 -6.64
N GLY A 260 25.77 -7.12 -5.70
CA GLY A 260 25.70 -8.47 -5.14
C GLY A 260 24.52 -8.60 -4.19
N ILE A 261 24.29 -7.57 -3.38
CA ILE A 261 23.13 -7.46 -2.48
C ILE A 261 21.83 -7.52 -3.28
N ALA A 262 21.86 -6.97 -4.48
CA ALA A 262 20.72 -7.04 -5.39
C ALA A 262 20.34 -8.48 -5.74
N TRP A 263 21.34 -9.36 -5.87
CA TRP A 263 21.08 -10.80 -6.05
C TRP A 263 20.78 -11.49 -4.72
N GLY A 264 21.59 -11.19 -3.70
CA GLY A 264 21.45 -11.82 -2.39
C GLY A 264 20.06 -11.68 -1.80
N ALA A 265 19.54 -10.45 -1.76
CA ALA A 265 18.22 -10.22 -1.17
C ALA A 265 17.14 -11.11 -1.80
N LEU A 266 17.26 -11.37 -3.09
CA LEU A 266 16.32 -12.21 -3.81
C LEU A 266 16.40 -13.69 -3.40
N GLY A 267 17.58 -14.12 -2.97
CA GLY A 267 17.75 -15.45 -2.34
C GLY A 267 16.97 -15.54 -1.04
N ALA A 268 17.08 -14.51 -0.22
CA ALA A 268 16.32 -14.39 1.02
C ALA A 268 14.81 -14.42 0.76
N ALA A 269 14.35 -13.67 -0.25
CA ALA A 269 12.95 -13.68 -0.67
C ALA A 269 12.51 -15.09 -1.10
N GLU A 270 13.34 -15.77 -1.88
CA GLU A 270 13.03 -17.12 -2.35
C GLU A 270 12.82 -18.10 -1.17
N SER A 271 13.69 -18.04 -0.17
CA SER A 271 13.55 -18.88 1.04
C SER A 271 12.24 -18.60 1.78
N CYS A 272 11.95 -17.31 1.98
CA CYS A 272 10.71 -16.90 2.64
C CYS A 272 9.51 -17.39 1.85
N TRP A 273 9.55 -17.23 0.53
CA TRP A 273 8.52 -17.76 -0.36
C TRP A 273 8.39 -19.29 -0.26
N HIS A 274 9.52 -19.98 -0.30
CA HIS A 274 9.49 -21.45 -0.30
C HIS A 274 8.95 -22.00 1.03
N ILE A 275 9.30 -21.32 2.12
CA ILE A 275 8.81 -21.69 3.44
C ILE A 275 7.31 -21.43 3.57
N ALA A 276 6.82 -20.27 3.11
CA ALA A 276 5.39 -19.97 3.17
C ALA A 276 4.56 -20.98 2.33
N ARG A 277 5.06 -21.29 1.14
CA ARG A 277 4.40 -22.27 0.29
C ARG A 277 4.29 -23.65 0.97
N GLN A 278 5.43 -24.15 1.45
CA GLN A 278 5.48 -25.47 2.09
C GLN A 278 4.59 -25.47 3.32
N TYR A 279 4.61 -24.35 4.05
CA TYR A 279 3.77 -24.18 5.22
C TYR A 279 2.30 -24.38 4.92
N VAL A 280 1.80 -23.66 3.91
CA VAL A 280 0.38 -23.74 3.53
C VAL A 280 -0.02 -25.08 2.89
N LEU A 281 0.91 -25.77 2.26
CA LEU A 281 0.69 -27.14 1.78
C LEU A 281 0.62 -28.15 2.95
N ASP A 282 1.55 -28.01 3.89
CA ASP A 282 1.61 -28.85 5.09
C ASP A 282 0.44 -28.67 6.05
N ARG A 283 0.08 -27.42 6.31
CA ARG A 283 -1.03 -27.10 7.20
C ARG A 283 -2.38 -27.39 6.57
N LYS A 284 -3.33 -27.78 7.43
CA LYS A 284 -4.72 -27.98 7.06
C LYS A 284 -5.56 -27.13 8.01
N GLN A 285 -6.64 -26.56 7.50
CA GLN A 285 -7.59 -25.85 8.35
C GLN A 285 -8.96 -25.84 7.72
N PHE A 286 -9.95 -26.23 8.54
CA PHE A 286 -11.35 -26.41 8.13
C PHE A 286 -11.53 -27.61 7.23
N GLY A 287 -10.73 -28.66 7.48
CA GLY A 287 -10.74 -29.85 6.63
C GLY A 287 -10.44 -29.44 5.21
N ARG A 288 -9.23 -28.92 5.00
CA ARG A 288 -8.86 -28.26 3.75
C ARG A 288 -7.41 -27.80 3.91
N PRO A 289 -6.54 -28.07 2.91
CA PRO A 289 -5.22 -27.47 3.06
C PRO A 289 -5.32 -25.93 3.08
N LEU A 290 -4.42 -25.30 3.81
CA LEU A 290 -4.40 -23.84 3.87
C LEU A 290 -4.30 -23.26 2.45
N ALA A 291 -3.53 -23.94 1.60
CA ALA A 291 -3.31 -23.55 0.20
C ALA A 291 -4.60 -23.45 -0.63
N ALA A 292 -5.70 -24.03 -0.16
CA ALA A 292 -6.99 -23.91 -0.83
C ALA A 292 -7.65 -22.50 -0.69
N ASN A 293 -7.08 -21.61 0.11
CA ASN A 293 -7.65 -20.28 0.31
C ASN A 293 -7.22 -19.26 -0.78
N GLN A 294 -8.16 -18.43 -1.19
CA GLN A 294 -7.96 -17.49 -2.29
C GLN A 294 -6.86 -16.48 -2.00
N LEU A 295 -6.89 -15.95 -0.78
CA LEU A 295 -5.93 -14.94 -0.35
C LEU A 295 -4.53 -15.51 -0.31
N ILE A 296 -4.40 -16.73 0.20
CA ILE A 296 -3.09 -17.36 0.26
C ILE A 296 -2.52 -17.51 -1.16
N GLN A 297 -3.37 -17.86 -2.12
CA GLN A 297 -2.95 -18.05 -3.50
C GLN A 297 -2.51 -16.75 -4.17
N LYS A 298 -3.19 -15.65 -3.86
CA LYS A 298 -2.78 -14.34 -4.33
C LYS A 298 -1.40 -13.96 -3.79
N LYS A 299 -1.20 -14.23 -2.49
CA LYS A 299 0.06 -13.91 -1.84
C LYS A 299 1.19 -14.72 -2.46
N LEU A 300 0.96 -16.01 -2.67
CA LEU A 300 1.96 -16.84 -3.34
C LEU A 300 2.21 -16.36 -4.79
N ALA A 301 1.17 -15.88 -5.48
CA ALA A 301 1.34 -15.36 -6.86
C ALA A 301 2.17 -14.07 -6.90
N ASP A 302 1.92 -13.16 -5.96
CA ASP A 302 2.72 -11.93 -5.83
C ASP A 302 4.20 -12.22 -5.53
N MET A 303 4.45 -13.16 -4.60
CA MET A 303 5.80 -13.55 -4.22
C MET A 303 6.55 -14.08 -5.44
N GLN A 304 5.93 -15.03 -6.13
CA GLN A 304 6.48 -15.60 -7.35
C GLN A 304 6.74 -14.56 -8.46
N THR A 305 5.77 -13.68 -8.69
CA THR A 305 5.87 -12.67 -9.74
C THR A 305 7.04 -11.75 -9.46
N GLU A 306 7.08 -11.17 -8.27
CA GLU A 306 8.13 -10.22 -7.95
C GLU A 306 9.54 -10.82 -7.90
N ILE A 307 9.65 -12.07 -7.46
CA ILE A 307 10.94 -12.76 -7.46
C ILE A 307 11.41 -13.05 -8.89
N THR A 308 10.53 -13.64 -9.70
CA THR A 308 10.84 -13.94 -11.09
C THR A 308 11.32 -12.67 -11.84
N LEU A 309 10.55 -11.58 -11.74
CA LEU A 309 10.89 -10.33 -12.42
C LEU A 309 12.17 -9.72 -11.92
N GLY A 310 12.37 -9.71 -10.61
CA GLY A 310 13.63 -9.25 -10.02
C GLY A 310 14.85 -9.98 -10.57
N LEU A 311 14.71 -11.28 -10.77
CA LEU A 311 15.84 -12.13 -11.21
C LEU A 311 16.23 -11.78 -12.64
N GLN A 312 15.22 -11.54 -13.49
CA GLN A 312 15.48 -11.04 -14.84
C GLN A 312 16.25 -9.73 -14.82
N GLY A 313 15.87 -8.83 -13.91
CA GLY A 313 16.56 -7.57 -13.78
C GLY A 313 18.03 -7.71 -13.40
N VAL A 314 18.33 -8.49 -12.36
CA VAL A 314 19.71 -8.60 -11.92
C VAL A 314 20.53 -9.46 -12.89
N LEU A 315 19.88 -10.41 -13.57
CA LEU A 315 20.55 -11.15 -14.64
C LEU A 315 20.99 -10.16 -15.71
N ARG A 316 20.04 -9.35 -16.19
CA ARG A 316 20.31 -8.40 -17.25
C ARG A 316 21.36 -7.41 -16.78
N LEU A 317 21.23 -6.87 -15.56
CA LEU A 317 22.25 -5.98 -15.04
C LEU A 317 23.68 -6.58 -15.01
N GLY A 318 23.77 -7.86 -14.65
CA GLY A 318 25.07 -8.54 -14.61
C GLY A 318 25.66 -8.68 -15.99
N ARG A 319 24.84 -9.08 -16.95
CA ARG A 319 25.25 -9.18 -18.36
C ARG A 319 25.82 -7.88 -18.90
N MET A 320 25.10 -6.78 -18.64
CA MET A 320 25.52 -5.44 -19.03
C MET A 320 26.85 -5.08 -18.36
N LYS A 321 26.98 -5.40 -17.07
CA LYS A 321 28.23 -5.17 -16.36
C LYS A 321 29.39 -5.98 -16.96
N ASP A 322 29.14 -7.25 -17.32
CA ASP A 322 30.17 -8.07 -18.00
C ASP A 322 30.60 -7.47 -19.34
N GLU A 323 29.72 -6.78 -20.05
CA GLU A 323 30.12 -6.18 -21.33
C GLU A 323 30.41 -4.68 -21.22
N GLY A 324 30.30 -4.14 -20.01
CA GLY A 324 30.62 -2.74 -19.74
C GLY A 324 29.59 -1.69 -20.15
N THR A 325 28.36 -2.11 -20.48
CA THR A 325 27.32 -1.17 -20.89
C THR A 325 26.45 -0.63 -19.73
N ALA A 326 26.80 -0.96 -18.49
CA ALA A 326 25.95 -0.66 -17.34
C ALA A 326 26.37 0.60 -16.55
N ALA A 327 25.54 1.63 -16.56
CA ALA A 327 25.75 2.81 -15.72
C ALA A 327 25.40 2.50 -14.28
N VAL A 328 26.03 3.19 -13.35
CA VAL A 328 25.82 2.97 -11.92
C VAL A 328 24.33 3.03 -11.50
N GLU A 329 23.60 4.01 -12.04
CA GLU A 329 22.18 4.20 -11.70
C GLU A 329 21.32 2.91 -11.83
N ILE A 330 21.66 2.02 -12.76
CA ILE A 330 20.93 0.76 -12.90
C ILE A 330 21.08 -0.12 -11.65
N THR A 331 22.22 0.00 -10.97
CA THR A 331 22.44 -0.72 -9.72
C THR A 331 21.56 -0.15 -8.61
N SER A 332 21.32 1.18 -8.65
CA SER A 332 20.35 1.79 -7.73
C SER A 332 18.97 1.16 -7.89
N ILE A 333 18.52 1.02 -9.13
CA ILE A 333 17.21 0.43 -9.42
C ILE A 333 17.09 -1.00 -8.85
N MET A 334 18.05 -1.86 -9.17
CA MET A 334 17.96 -3.28 -8.81
C MET A 334 18.16 -3.51 -7.33
N LYS A 335 19.10 -2.79 -6.72
CA LYS A 335 19.37 -2.98 -5.29
C LYS A 335 18.12 -2.61 -4.50
N ARG A 336 17.57 -1.43 -4.82
CA ARG A 336 16.40 -0.90 -4.16
C ARG A 336 15.23 -1.85 -4.36
N ASN A 337 15.00 -2.30 -5.59
CA ASN A 337 13.94 -3.25 -5.86
C ASN A 337 14.10 -4.56 -5.07
N SER A 338 15.22 -5.25 -5.30
CA SER A 338 15.48 -6.52 -4.61
C SER A 338 15.26 -6.42 -3.11
N CYS A 339 15.90 -5.45 -2.47
CA CYS A 339 15.82 -5.31 -1.00
C CYS A 339 14.41 -4.96 -0.55
N GLY A 340 13.75 -4.07 -1.29
CA GLY A 340 12.40 -3.59 -0.98
C GLY A 340 11.39 -4.69 -1.14
N LYS A 341 11.45 -5.40 -2.26
CA LYS A 341 10.55 -6.50 -2.50
C LYS A 341 10.84 -7.68 -1.55
N ALA A 342 12.12 -7.91 -1.22
CA ALA A 342 12.46 -8.98 -0.27
C ALA A 342 11.80 -8.72 1.06
N LEU A 343 11.90 -7.49 1.56
CA LEU A 343 11.28 -7.13 2.84
C LEU A 343 9.77 -7.35 2.82
N ASP A 344 9.12 -6.86 1.77
CA ASP A 344 7.68 -7.07 1.58
C ASP A 344 7.33 -8.56 1.59
N ILE A 345 8.09 -9.36 0.86
CA ILE A 345 7.83 -10.80 0.78
C ILE A 345 8.04 -11.46 2.15
N ALA A 346 9.08 -11.00 2.85
CA ALA A 346 9.39 -11.52 4.18
C ALA A 346 8.26 -11.20 5.14
N ARG A 347 7.79 -9.96 5.10
CA ARG A 347 6.66 -9.52 5.91
C ARG A 347 5.34 -10.23 5.58
N LEU A 348 5.11 -10.47 4.30
CA LEU A 348 3.95 -11.20 3.82
C LEU A 348 3.94 -12.66 4.34
N ALA A 349 5.09 -13.33 4.22
CA ALA A 349 5.25 -14.69 4.73
C ALA A 349 5.10 -14.71 6.26
N ARG A 350 5.72 -13.77 6.94
CA ARG A 350 5.63 -13.70 8.41
C ARG A 350 4.18 -13.61 8.85
N ASP A 351 3.42 -12.74 8.18
CA ASP A 351 2.03 -12.54 8.51
C ASP A 351 1.15 -13.75 8.13
N MET A 352 1.58 -14.57 7.17
CA MET A 352 0.90 -15.84 6.87
C MET A 352 1.09 -16.92 7.95
N LEU A 353 2.22 -16.90 8.65
CA LEU A 353 2.48 -17.89 9.70
C LEU A 353 1.70 -17.55 10.96
N GLY A 354 0.85 -18.50 11.36
CA GLY A 354 0.05 -18.37 12.58
C GLY A 354 0.72 -19.20 13.66
N GLY A 355 1.11 -18.54 14.75
CA GLY A 355 1.92 -19.18 15.78
C GLY A 355 2.87 -18.16 16.40
N ASN A 356 3.49 -18.54 17.51
CA ASN A 356 4.42 -17.66 18.21
C ASN A 356 5.54 -18.52 18.80
N GLY A 357 6.48 -18.93 17.95
CA GLY A 357 7.59 -19.80 18.35
C GLY A 357 7.67 -21.06 17.50
N ASP A 360 10.34 -23.07 12.89
CA ASP A 360 11.34 -23.48 11.91
C ASP A 360 10.98 -22.86 10.58
N GLU A 361 9.70 -22.94 10.26
CA GLU A 361 9.09 -22.06 9.29
C GLU A 361 9.21 -20.59 9.77
N PHE A 362 9.39 -20.38 11.08
CA PHE A 362 9.86 -19.08 11.62
C PHE A 362 11.33 -18.79 11.30
N GLY A 363 11.98 -19.64 10.50
CA GLY A 363 13.14 -19.22 9.72
C GLY A 363 12.85 -17.87 9.06
N VAL A 364 11.60 -17.66 8.68
CA VAL A 364 11.11 -16.39 8.19
C VAL A 364 11.37 -15.22 9.15
N ALA A 365 11.20 -15.43 10.44
CA ALA A 365 11.50 -14.36 11.43
C ALA A 365 12.96 -13.87 11.36
N ARG A 366 13.88 -14.80 11.16
CA ARG A 366 15.29 -14.47 10.99
C ARG A 366 15.54 -13.65 9.70
N HIS A 367 15.07 -14.16 8.58
CA HIS A 367 15.22 -13.47 7.30
C HIS A 367 14.64 -12.07 7.42
N LEU A 368 13.48 -11.96 8.08
CA LEU A 368 12.80 -10.68 8.29
C LEU A 368 13.60 -9.65 9.07
N VAL A 369 14.09 -10.00 10.26
CA VAL A 369 14.91 -9.06 10.99
C VAL A 369 16.22 -8.68 10.25
N ASN A 370 16.79 -9.61 9.49
CA ASN A 370 17.98 -9.35 8.72
C ASN A 370 17.65 -8.30 7.67
N LEU A 371 16.58 -8.57 6.95
CA LEU A 371 16.20 -7.72 5.82
C LEU A 371 15.83 -6.31 6.27
N GLU A 372 15.29 -6.18 7.48
CA GLU A 372 14.97 -4.87 8.05
C GLU A 372 16.23 -4.06 8.34
N VAL A 373 17.31 -4.74 8.74
CA VAL A 373 18.62 -4.08 8.82
C VAL A 373 19.14 -3.79 7.40
N VAL A 374 19.03 -4.76 6.47
CA VAL A 374 19.56 -4.57 5.10
C VAL A 374 18.91 -3.33 4.43
N ASN A 375 17.59 -3.20 4.60
CA ASN A 375 16.87 -2.09 4.00
C ASN A 375 17.12 -0.71 4.63
N THR A 376 17.69 -0.66 5.84
CA THR A 376 18.05 0.62 6.44
C THR A 376 19.56 0.89 6.47
N TYR A 377 20.39 -0.03 6.01
CA TYR A 377 21.84 0.15 6.13
C TYR A 377 22.30 1.40 5.38
N GLU A 378 21.67 1.65 4.24
CA GLU A 378 22.01 2.77 3.38
C GLU A 378 21.22 4.07 3.67
N GLY A 379 20.65 4.19 4.88
CA GLY A 379 20.01 5.44 5.32
C GLY A 379 18.54 5.33 5.72
N THR A 380 18.14 6.15 6.69
CA THR A 380 16.74 6.26 7.14
C THR A 380 15.78 6.70 6.03
N HIS A 381 16.31 7.03 4.86
CA HIS A 381 15.47 7.44 3.77
C HIS A 381 16.00 6.96 2.41
N ASP A 382 15.14 7.13 1.41
CA ASP A 382 15.23 6.45 0.13
C ASP A 382 16.31 7.05 -0.79
N ILE A 383 17.58 6.92 -0.38
CA ILE A 383 18.73 7.45 -1.14
C ILE A 383 18.74 7.09 -2.63
N HIS A 384 18.34 5.86 -2.97
CA HIS A 384 18.36 5.41 -4.36
C HIS A 384 17.20 5.96 -5.20
N ALA A 385 16.05 6.15 -4.57
CA ALA A 385 14.91 6.76 -5.24
C ALA A 385 15.32 8.16 -5.71
N LEU A 386 16.05 8.88 -4.87
CA LEU A 386 16.51 10.23 -5.18
C LEU A 386 17.61 10.23 -6.25
N ILE A 387 18.49 9.23 -6.25
CA ILE A 387 19.42 9.05 -7.37
C ILE A 387 18.65 8.90 -8.68
N LEU A 388 17.66 8.02 -8.71
CA LEU A 388 16.87 7.80 -9.95
C LEU A 388 16.03 9.04 -10.31
N GLY A 389 15.57 9.78 -9.29
CA GLY A 389 14.81 10.99 -9.53
C GLY A 389 15.66 12.02 -10.25
N ARG A 390 16.82 12.29 -9.67
CA ARG A 390 17.81 13.21 -10.25
C ARG A 390 18.16 12.78 -11.67
N ALA A 391 18.39 11.49 -11.84
CA ALA A 391 18.75 10.92 -13.12
C ALA A 391 17.67 11.11 -14.17
N GLN A 392 16.40 11.06 -13.77
CA GLN A 392 15.28 11.23 -14.71
C GLN A 392 15.04 12.69 -15.06
N THR A 393 15.30 13.57 -14.09
CA THR A 393 14.87 14.97 -14.18
C THR A 393 16.03 15.97 -14.34
N GLY A 394 17.23 15.59 -13.89
CA GLY A 394 18.35 16.50 -13.82
C GLY A 394 18.23 17.50 -12.68
N ILE A 395 17.43 17.18 -11.67
CA ILE A 395 17.23 18.07 -10.51
C ILE A 395 17.46 17.34 -9.18
N GLN A 396 18.24 17.98 -8.33
CA GLN A 396 18.77 17.38 -7.09
C GLN A 396 17.84 17.52 -5.88
N ALA A 397 17.76 16.47 -5.06
CA ALA A 397 17.14 16.56 -3.71
C ALA A 397 17.86 15.67 -2.70
N ALA B 8 28.66 2.65 -19.31
CA ALA B 8 29.08 4.07 -19.19
C ALA B 8 27.86 5.00 -19.10
N THR B 9 27.08 5.11 -20.18
CA THR B 9 25.93 6.05 -20.23
C THR B 9 24.54 5.49 -19.81
N PHE B 10 23.88 6.19 -18.90
CA PHE B 10 22.56 5.80 -18.38
C PHE B 10 21.41 6.31 -19.27
N HIS B 11 20.53 5.41 -19.66
CA HIS B 11 19.31 5.75 -20.40
C HIS B 11 18.07 5.67 -19.48
N TRP B 12 17.66 6.80 -18.92
CA TRP B 12 16.52 6.82 -17.96
C TRP B 12 15.26 6.21 -18.54
N ASP B 13 15.07 6.39 -19.84
CA ASP B 13 13.89 5.87 -20.53
C ASP B 13 14.00 4.40 -20.95
N ASP B 14 15.17 3.80 -20.78
CA ASP B 14 15.41 2.40 -21.15
C ASP B 14 16.61 1.88 -20.36
N PRO B 15 16.49 1.83 -19.02
CA PRO B 15 17.64 1.59 -18.14
C PRO B 15 18.46 0.34 -18.47
N LEU B 16 17.78 -0.72 -18.90
CA LEU B 16 18.41 -2.00 -19.22
C LEU B 16 18.65 -2.19 -20.73
N LEU B 17 18.46 -1.12 -21.51
CA LEU B 17 18.67 -1.14 -22.96
C LEU B 17 18.00 -2.30 -23.64
N LEU B 18 16.68 -2.38 -23.49
CA LEU B 18 15.85 -3.33 -24.24
C LEU B 18 16.18 -3.24 -25.73
N ASP B 19 16.51 -2.04 -26.18
CA ASP B 19 16.88 -1.81 -27.57
C ASP B 19 17.98 -2.78 -28.01
N GLN B 20 19.00 -2.93 -27.19
CA GLN B 20 20.15 -3.82 -27.45
C GLN B 20 19.90 -5.32 -27.20
N GLN B 21 18.70 -5.68 -26.69
CA GLN B 21 18.32 -7.07 -26.52
C GLN B 21 17.37 -7.55 -27.61
N LEU B 22 17.08 -6.69 -28.58
CA LEU B 22 16.14 -7.00 -29.65
C LEU B 22 16.91 -7.18 -30.98
N ALA B 23 16.43 -8.08 -31.83
CA ALA B 23 16.97 -8.24 -33.19
C ALA B 23 16.55 -7.06 -34.07
N ASP B 24 17.26 -6.89 -35.20
CA ASP B 24 17.00 -5.79 -36.12
C ASP B 24 15.60 -5.91 -36.72
N ASP B 25 15.29 -7.10 -37.22
CA ASP B 25 13.94 -7.59 -37.48
C ASP B 25 12.92 -6.87 -36.54
N GLU B 26 13.09 -7.11 -35.25
CA GLU B 26 12.09 -6.74 -34.24
C GLU B 26 12.05 -5.24 -34.01
N ARG B 27 13.22 -4.59 -33.99
CA ARG B 27 13.28 -3.15 -33.78
C ARG B 27 12.64 -2.36 -34.92
N MET B 28 12.76 -2.90 -36.14
CA MET B 28 12.06 -2.33 -37.30
C MET B 28 10.56 -2.39 -37.11
N VAL B 29 10.04 -3.56 -36.75
CA VAL B 29 8.61 -3.75 -36.55
C VAL B 29 8.06 -2.81 -35.48
N ARG B 30 8.79 -2.69 -34.36
CA ARG B 30 8.41 -1.78 -33.28
C ARG B 30 8.27 -0.36 -33.80
N ASP B 31 9.32 0.13 -34.44
CA ASP B 31 9.37 1.49 -34.93
C ASP B 31 8.35 1.73 -36.04
N ALA B 32 7.99 0.67 -36.77
CA ALA B 32 6.92 0.74 -37.75
C ALA B 32 5.53 0.92 -37.10
N ALA B 33 5.28 0.19 -36.01
CA ALA B 33 3.99 0.28 -35.31
C ALA B 33 3.89 1.62 -34.57
N HIS B 34 5.02 2.07 -34.03
CA HIS B 34 5.15 3.40 -33.45
C HIS B 34 4.78 4.51 -34.43
N ALA B 35 5.28 4.42 -35.66
CA ALA B 35 5.09 5.48 -36.66
C ALA B 35 3.64 5.49 -37.11
N TYR B 36 3.06 4.30 -37.27
CA TYR B 36 1.63 4.21 -37.58
C TYR B 36 0.79 4.80 -36.45
N ALA B 37 1.06 4.35 -35.22
CA ALA B 37 0.24 4.74 -34.06
C ALA B 37 0.31 6.23 -33.79
N GLN B 38 1.52 6.76 -33.79
CA GLN B 38 1.71 8.18 -33.48
C GLN B 38 1.20 9.11 -34.60
N GLY B 39 1.29 8.65 -35.85
CA GLY B 39 0.90 9.45 -37.02
C GLY B 39 -0.57 9.35 -37.32
N LYS B 40 -1.13 8.14 -37.27
CA LYS B 40 -2.53 7.92 -37.64
C LYS B 40 -3.52 7.71 -36.48
N LEU B 41 -3.08 7.18 -35.33
CA LEU B 41 -4.02 6.94 -34.21
C LEU B 41 -4.05 8.07 -33.18
N ALA B 42 -2.90 8.60 -32.81
CA ALA B 42 -2.84 9.69 -31.83
C ALA B 42 -3.70 10.91 -32.21
N PRO B 43 -3.69 11.33 -33.49
CA PRO B 43 -4.51 12.49 -33.87
C PRO B 43 -6.01 12.24 -33.83
N ARG B 44 -6.43 10.97 -33.89
CA ARG B 44 -7.85 10.63 -33.82
C ARG B 44 -8.38 10.37 -32.40
N VAL B 45 -7.52 9.91 -31.49
CA VAL B 45 -8.01 9.25 -30.26
C VAL B 45 -8.86 10.15 -29.39
N THR B 46 -8.48 11.42 -29.25
CA THR B 46 -9.17 12.31 -28.33
C THR B 46 -10.65 12.47 -28.67
N GLU B 47 -10.94 12.74 -29.94
CA GLU B 47 -12.33 12.88 -30.41
C GLU B 47 -13.07 11.55 -30.44
N ALA B 48 -12.37 10.52 -30.91
CA ALA B 48 -12.97 9.18 -30.96
C ALA B 48 -13.38 8.74 -29.57
N PHE B 49 -12.55 9.01 -28.58
CA PHE B 49 -12.86 8.61 -27.21
C PHE B 49 -14.06 9.40 -26.73
N ARG B 50 -13.94 10.72 -26.83
CA ARG B 50 -15.00 11.65 -26.44
C ARG B 50 -16.37 11.23 -26.97
N HIS B 51 -16.47 10.99 -28.26
CA HIS B 51 -17.76 10.74 -28.88
C HIS B 51 -18.00 9.26 -29.14
N GLU B 52 -17.08 8.39 -28.71
CA GLU B 52 -17.26 6.96 -28.86
C GLU B 52 -17.57 6.66 -30.33
N THR B 53 -16.78 7.26 -31.22
CA THR B 53 -17.01 7.18 -32.66
C THR B 53 -16.30 5.98 -33.25
N THR B 54 -16.98 5.33 -34.18
CA THR B 54 -16.44 4.16 -34.87
C THR B 54 -15.63 4.60 -36.09
N ASP B 55 -14.55 3.88 -36.40
CA ASP B 55 -13.77 4.16 -37.60
C ASP B 55 -13.03 2.91 -38.09
N ALA B 56 -13.71 2.13 -38.91
CA ALA B 56 -13.19 0.86 -39.38
C ALA B 56 -11.99 1.01 -40.33
N ALA B 57 -11.74 2.22 -40.82
CA ALA B 57 -10.59 2.47 -41.68
C ALA B 57 -9.31 2.00 -41.00
N ILE B 58 -9.29 2.04 -39.67
CA ILE B 58 -8.13 1.61 -38.89
C ILE B 58 -7.72 0.16 -39.22
N PHE B 59 -8.70 -0.71 -39.46
CA PHE B 59 -8.41 -2.09 -39.86
C PHE B 59 -7.65 -2.19 -41.20
N ARG B 60 -7.99 -1.35 -42.19
CA ARG B 60 -7.27 -1.35 -43.46
C ARG B 60 -5.88 -0.72 -43.33
N GLU B 61 -5.75 0.29 -42.48
CA GLU B 61 -4.46 0.95 -42.33
C GLU B 61 -3.43 0.07 -41.63
N MET B 62 -3.88 -0.72 -40.66
CA MET B 62 -2.99 -1.66 -39.97
C MET B 62 -2.68 -2.87 -40.85
N GLY B 63 -3.69 -3.34 -41.57
CA GLY B 63 -3.51 -4.41 -42.54
C GLY B 63 -2.43 -4.06 -43.54
N GLU B 64 -2.55 -2.87 -44.11
CA GLU B 64 -1.58 -2.36 -45.09
C GLU B 64 -0.14 -2.53 -44.60
N ILE B 65 0.16 -1.97 -43.43
CA ILE B 65 1.51 -2.12 -42.83
C ILE B 65 1.73 -3.45 -42.11
N GLY B 66 0.76 -4.37 -42.23
CA GLY B 66 0.94 -5.77 -41.83
C GLY B 66 0.92 -6.02 -40.34
N LEU B 67 0.17 -5.23 -39.59
CA LEU B 67 0.13 -5.34 -38.13
C LEU B 67 -0.96 -6.29 -37.64
N LEU B 68 -1.79 -6.79 -38.56
CA LEU B 68 -2.87 -7.70 -38.21
C LEU B 68 -2.36 -9.12 -38.36
N GLY B 69 -2.64 -9.96 -37.36
CA GLY B 69 -2.14 -11.34 -37.30
C GLY B 69 -0.66 -11.45 -37.56
N PRO B 70 0.16 -10.77 -36.74
CA PRO B 70 1.57 -10.66 -37.05
C PRO B 70 2.33 -11.98 -37.05
N THR B 71 1.82 -12.98 -36.32
CA THR B 71 2.44 -14.31 -36.30
C THR B 71 1.88 -15.26 -37.37
N ILE B 72 0.89 -14.82 -38.15
CA ILE B 72 0.31 -15.66 -39.20
C ILE B 72 1.27 -15.74 -40.41
N PRO B 73 1.55 -16.96 -40.91
CA PRO B 73 2.45 -17.22 -42.03
C PRO B 73 2.15 -16.40 -43.29
N GLU B 74 3.18 -16.09 -44.06
CA GLU B 74 3.04 -15.35 -45.33
C GLU B 74 2.08 -16.05 -46.30
N GLN B 75 2.14 -17.38 -46.31
CA GLN B 75 1.22 -18.24 -47.04
C GLN B 75 -0.25 -17.80 -47.01
N TYR B 76 -0.70 -17.24 -45.89
CA TYR B 76 -2.10 -16.80 -45.74
C TYR B 76 -2.28 -15.29 -45.65
N GLY B 77 -1.21 -14.53 -45.88
CA GLY B 77 -1.29 -13.08 -45.94
C GLY B 77 -0.70 -12.36 -44.76
N GLY B 78 -0.35 -13.09 -43.70
CA GLY B 78 0.30 -12.47 -42.53
C GLY B 78 1.75 -12.18 -42.79
N PRO B 79 2.39 -11.33 -41.96
CA PRO B 79 3.80 -10.98 -42.13
C PRO B 79 4.81 -11.99 -41.58
N GLY B 80 4.34 -13.12 -41.04
CA GLY B 80 5.24 -14.17 -40.57
C GLY B 80 6.25 -13.70 -39.54
N LEU B 81 5.81 -12.85 -38.63
CA LEU B 81 6.72 -12.35 -37.60
C LEU B 81 6.70 -13.29 -36.39
N ASP B 82 7.56 -13.00 -35.44
CA ASP B 82 7.68 -13.82 -34.23
C ASP B 82 6.93 -13.20 -33.06
N TYR B 83 6.85 -13.93 -31.97
CA TYR B 83 6.02 -13.53 -30.82
C TYR B 83 6.49 -12.22 -30.20
N VAL B 84 7.80 -12.03 -30.16
CA VAL B 84 8.36 -10.81 -29.63
C VAL B 84 7.89 -9.60 -30.45
N SER B 85 7.74 -9.81 -31.77
CA SER B 85 7.26 -8.74 -32.66
C SER B 85 5.79 -8.39 -32.43
N TYR B 86 4.95 -9.41 -32.25
CA TYR B 86 3.55 -9.22 -31.89
C TYR B 86 3.44 -8.34 -30.63
N GLY B 87 4.26 -8.64 -29.63
CA GLY B 87 4.28 -7.87 -28.40
C GLY B 87 4.66 -6.41 -28.62
N LEU B 88 5.78 -6.17 -29.31
CA LEU B 88 6.26 -4.82 -29.58
C LEU B 88 5.17 -3.98 -30.29
N ILE B 89 4.40 -4.63 -31.15
CA ILE B 89 3.29 -3.97 -31.84
C ILE B 89 2.18 -3.57 -30.85
N ALA B 90 1.69 -4.54 -30.06
CA ALA B 90 0.67 -4.28 -29.06
C ALA B 90 1.06 -3.09 -28.19
N ARG B 91 2.30 -3.12 -27.72
CA ARG B 91 2.81 -2.04 -26.88
C ARG B 91 2.79 -0.66 -27.55
N GLU B 92 3.13 -0.62 -28.84
CA GLU B 92 3.09 0.65 -29.56
C GLU B 92 1.67 1.14 -29.81
N VAL B 93 0.75 0.24 -30.15
CA VAL B 93 -0.66 0.65 -30.35
C VAL B 93 -1.30 1.11 -29.03
N GLU B 94 -1.12 0.35 -27.95
CA GLU B 94 -1.71 0.71 -26.64
C GLU B 94 -1.04 1.96 -26.05
N ARG B 95 0.21 2.25 -26.45
CA ARG B 95 0.86 3.50 -26.05
C ARG B 95 -0.01 4.72 -26.37
N VAL B 96 -0.81 4.61 -27.43
CA VAL B 96 -1.78 5.64 -27.77
C VAL B 96 -3.10 5.42 -27.03
N ASP B 97 -3.70 4.25 -27.22
CA ASP B 97 -4.98 3.96 -26.58
C ASP B 97 -5.22 2.45 -26.53
N SER B 98 -5.67 1.96 -25.37
CA SER B 98 -5.99 0.53 -25.17
C SER B 98 -7.14 0.07 -26.11
N GLY B 99 -8.09 0.96 -26.38
CA GLY B 99 -9.21 0.66 -27.30
C GLY B 99 -8.76 0.19 -28.68
N TYR B 100 -7.77 0.88 -29.21
CA TYR B 100 -7.22 0.52 -30.51
C TYR B 100 -6.49 -0.79 -30.41
N ARG B 101 -5.72 -0.97 -29.32
CA ARG B 101 -5.04 -2.25 -29.10
C ARG B 101 -6.06 -3.39 -29.04
N SER B 102 -7.19 -3.17 -28.36
CA SER B 102 -8.21 -4.22 -28.23
C SER B 102 -8.79 -4.66 -29.59
N MET B 103 -9.10 -3.71 -30.46
CA MET B 103 -9.55 -4.00 -31.85
C MET B 103 -8.55 -4.92 -32.56
N MET B 104 -7.29 -4.56 -32.42
CA MET B 104 -6.18 -5.34 -32.93
C MET B 104 -6.02 -6.72 -32.25
N SER B 105 -6.27 -6.79 -30.94
CA SER B 105 -6.14 -8.06 -30.22
C SER B 105 -7.15 -9.05 -30.79
N VAL B 106 -8.32 -8.54 -31.11
CA VAL B 106 -9.42 -9.36 -31.61
C VAL B 106 -9.07 -9.94 -33.00
N GLN B 107 -8.72 -9.06 -33.94
CA GLN B 107 -8.31 -9.49 -35.27
C GLN B 107 -7.24 -10.52 -35.21
N SER B 108 -6.18 -10.22 -34.49
CA SER B 108 -5.04 -11.11 -34.51
C SER B 108 -5.30 -12.40 -33.71
N SER B 109 -5.60 -12.30 -32.42
CA SER B 109 -5.60 -13.46 -31.51
C SER B 109 -6.93 -14.17 -31.38
N LEU B 110 -8.03 -13.46 -31.53
CA LEU B 110 -9.34 -14.05 -31.34
C LEU B 110 -10.01 -14.46 -32.64
N VAL B 111 -9.47 -14.00 -33.78
CA VAL B 111 -10.07 -14.35 -35.06
C VAL B 111 -9.06 -15.11 -35.94
N MET B 112 -7.94 -14.48 -36.26
CA MET B 112 -6.96 -15.06 -37.17
C MET B 112 -6.27 -16.31 -36.61
N VAL B 113 -5.89 -16.25 -35.34
CA VAL B 113 -5.25 -17.41 -34.69
C VAL B 113 -6.11 -18.68 -34.73
N PRO B 114 -7.40 -18.59 -34.36
CA PRO B 114 -8.22 -19.81 -34.35
C PRO B 114 -8.57 -20.40 -35.72
N ILE B 115 -8.81 -19.55 -36.72
CA ILE B 115 -9.07 -20.06 -38.06
C ILE B 115 -7.82 -20.77 -38.56
N PHE B 116 -6.66 -20.13 -38.35
CA PHE B 116 -5.39 -20.71 -38.74
C PHE B 116 -5.06 -22.00 -38.00
N GLU B 117 -5.38 -22.04 -36.71
CA GLU B 117 -4.93 -23.12 -35.84
C GLU B 117 -5.85 -24.32 -35.93
N PHE B 118 -7.15 -24.07 -36.06
CA PHE B 118 -8.15 -25.12 -35.98
C PHE B 118 -9.02 -25.24 -37.23
N GLY B 119 -8.84 -24.35 -38.20
CA GLY B 119 -9.68 -24.34 -39.39
C GLY B 119 -9.24 -25.29 -40.48
N SER B 120 -10.14 -25.56 -41.42
CA SER B 120 -9.85 -26.36 -42.61
C SER B 120 -9.07 -25.52 -43.62
N ASP B 121 -8.41 -26.20 -44.56
CA ASP B 121 -7.60 -25.54 -45.58
C ASP B 121 -8.48 -24.56 -46.38
N ALA B 122 -9.71 -24.98 -46.65
CA ALA B 122 -10.68 -24.12 -47.32
C ALA B 122 -10.91 -22.85 -46.49
N GLN B 123 -11.27 -23.02 -45.23
CA GLN B 123 -11.48 -21.88 -44.30
C GLN B 123 -10.27 -20.97 -44.20
N LYS B 124 -9.09 -21.55 -44.09
CA LYS B 124 -7.86 -20.77 -43.90
C LYS B 124 -7.54 -19.89 -45.10
N GLU B 125 -7.90 -20.37 -46.30
CA GLU B 125 -7.60 -19.62 -47.53
C GLU B 125 -8.65 -18.57 -47.84
N LYS B 126 -9.91 -18.88 -47.56
CA LYS B 126 -10.99 -17.92 -47.78
C LYS B 126 -10.89 -16.69 -46.84
N TYR B 127 -10.55 -16.91 -45.57
CA TYR B 127 -10.69 -15.86 -44.55
C TYR B 127 -9.40 -15.13 -44.18
N LEU B 128 -8.30 -15.85 -44.01
CA LEU B 128 -7.08 -15.25 -43.47
C LEU B 128 -6.55 -14.10 -44.30
N PRO B 129 -6.48 -14.28 -45.64
CA PRO B 129 -5.95 -13.23 -46.49
C PRO B 129 -6.65 -11.89 -46.31
N LYS B 130 -7.98 -11.92 -46.27
CA LYS B 130 -8.76 -10.70 -46.17
C LYS B 130 -8.77 -10.11 -44.76
N LEU B 131 -8.62 -10.97 -43.74
CA LEU B 131 -8.40 -10.52 -42.36
C LEU B 131 -7.04 -9.83 -42.21
N ALA B 132 -5.99 -10.43 -42.80
CA ALA B 132 -4.64 -9.84 -42.76
C ALA B 132 -4.58 -8.41 -43.31
N THR B 133 -5.34 -8.16 -44.36
CA THR B 133 -5.35 -6.87 -45.04
C THR B 133 -6.31 -5.89 -44.37
N GLY B 134 -7.13 -6.37 -43.44
CA GLY B 134 -8.15 -5.56 -42.80
C GLY B 134 -9.35 -5.28 -43.68
N GLU B 135 -9.41 -5.94 -44.83
CA GLU B 135 -10.54 -5.81 -45.73
C GLU B 135 -11.74 -6.45 -45.10
N TRP B 136 -11.54 -7.62 -44.50
CA TRP B 136 -12.54 -8.21 -43.63
C TRP B 136 -12.18 -7.97 -42.16
N ILE B 137 -13.19 -7.60 -41.38
CA ILE B 137 -13.07 -7.35 -39.96
C ILE B 137 -13.70 -8.51 -39.18
N GLY B 138 -12.99 -8.99 -38.17
CA GLY B 138 -13.42 -10.17 -37.42
C GLY B 138 -13.79 -9.86 -35.98
N CYS B 139 -14.73 -10.63 -35.43
CA CYS B 139 -15.05 -10.58 -34.00
C CYS B 139 -15.27 -11.96 -33.39
N PHE B 140 -15.26 -12.03 -32.05
CA PHE B 140 -15.10 -13.28 -31.32
C PHE B 140 -16.21 -13.38 -30.26
N GLY B 141 -17.12 -14.32 -30.48
CA GLY B 141 -18.31 -14.48 -29.65
C GLY B 141 -18.17 -15.65 -28.70
N LEU B 142 -17.74 -15.35 -27.47
CA LEU B 142 -17.60 -16.35 -26.41
C LEU B 142 -18.45 -15.97 -25.20
N THR B 143 -18.29 -14.72 -24.74
CA THR B 143 -18.91 -14.25 -23.50
C THR B 143 -20.42 -14.02 -23.62
N GLU B 144 -21.15 -14.59 -22.66
CA GLU B 144 -22.62 -14.55 -22.66
C GLU B 144 -23.17 -13.65 -21.55
N PRO B 145 -24.42 -13.17 -21.71
CA PRO B 145 -25.02 -12.33 -20.67
C PRO B 145 -25.52 -13.17 -19.53
N MET B 154 -22.16 -22.73 -21.01
CA MET B 154 -22.64 -21.65 -21.87
C MET B 154 -23.88 -22.10 -22.67
N VAL B 155 -24.81 -21.17 -22.85
CA VAL B 155 -26.17 -21.49 -23.31
C VAL B 155 -26.37 -21.37 -24.83
N THR B 156 -25.45 -20.70 -25.52
CA THR B 156 -25.52 -20.59 -26.97
C THR B 156 -25.23 -21.94 -27.58
N ARG B 157 -26.11 -22.41 -28.47
CA ARG B 157 -25.90 -23.74 -29.03
C ARG B 157 -26.33 -23.97 -30.47
N ALA B 158 -25.71 -24.99 -31.05
CA ALA B 158 -25.88 -25.34 -32.45
C ALA B 158 -26.71 -26.61 -32.57
N ARG B 159 -27.92 -26.47 -33.13
CA ARG B 159 -28.75 -27.61 -33.48
C ARG B 159 -28.31 -28.14 -34.86
N LYS B 160 -28.01 -29.43 -34.92
CA LYS B 160 -27.66 -30.06 -36.21
C LYS B 160 -28.90 -30.03 -37.08
N VAL B 161 -28.77 -29.42 -38.25
CA VAL B 161 -29.89 -29.22 -39.18
C VAL B 161 -29.43 -29.56 -40.62
N PRO B 162 -30.38 -29.61 -41.58
CA PRO B 162 -29.99 -30.06 -42.93
C PRO B 162 -29.05 -29.10 -43.65
N GLY B 163 -27.86 -29.58 -43.99
CA GLY B 163 -26.85 -28.76 -44.65
C GLY B 163 -25.81 -28.21 -43.69
N GLY B 164 -26.17 -28.09 -42.41
CA GLY B 164 -25.23 -27.59 -41.41
C GLY B 164 -25.77 -27.55 -39.98
N TYR B 165 -25.87 -26.34 -39.42
CA TYR B 165 -26.23 -26.13 -38.03
C TYR B 165 -27.03 -24.84 -37.85
N SER B 166 -27.95 -24.86 -36.89
CA SER B 166 -28.77 -23.69 -36.56
C SER B 166 -28.43 -23.21 -35.14
N LEU B 167 -27.90 -21.98 -35.04
CA LEU B 167 -27.41 -21.44 -33.76
C LEU B 167 -28.40 -20.47 -33.14
N SER B 168 -28.87 -20.79 -31.95
CA SER B 168 -29.61 -19.85 -31.13
C SER B 168 -28.77 -19.47 -29.91
N GLY B 169 -28.87 -18.21 -29.50
CA GLY B 169 -28.16 -17.73 -28.33
C GLY B 169 -27.67 -16.30 -28.48
N SER B 170 -26.95 -15.85 -27.47
CA SER B 170 -26.57 -14.45 -27.37
C SER B 170 -25.19 -14.28 -26.76
N LYS B 171 -24.38 -13.40 -27.36
CA LYS B 171 -23.06 -13.06 -26.85
C LYS B 171 -23.03 -11.56 -26.54
N MET B 172 -22.24 -11.19 -25.54
CA MET B 172 -22.27 -9.84 -25.02
C MET B 172 -20.86 -9.30 -24.82
N TRP B 173 -20.73 -7.98 -24.94
CA TRP B 173 -19.45 -7.29 -24.81
C TRP B 173 -18.44 -7.83 -25.81
N ILE B 174 -18.82 -7.76 -27.08
CA ILE B 174 -18.05 -8.30 -28.19
C ILE B 174 -17.43 -7.14 -28.98
N THR B 175 -16.13 -6.96 -28.82
CA THR B 175 -15.38 -5.91 -29.52
C THR B 175 -15.37 -6.20 -31.04
N ASN B 176 -15.65 -5.16 -31.83
CA ASN B 176 -15.78 -5.21 -33.32
C ASN B 176 -17.14 -5.67 -33.89
N SER B 177 -18.00 -6.26 -33.07
CA SER B 177 -19.17 -6.97 -33.62
C SER B 177 -20.10 -6.14 -34.53
N PRO B 178 -20.32 -4.84 -34.22
CA PRO B 178 -21.17 -4.06 -35.12
C PRO B 178 -20.51 -3.61 -36.44
N ILE B 179 -19.21 -3.88 -36.62
CA ILE B 179 -18.57 -3.64 -37.93
C ILE B 179 -17.88 -4.90 -38.49
N ALA B 180 -18.11 -6.06 -37.90
CA ALA B 180 -17.44 -7.28 -38.32
C ALA B 180 -18.09 -7.91 -39.57
N ASP B 181 -17.25 -8.54 -40.39
CA ASP B 181 -17.68 -9.37 -41.53
C ASP B 181 -17.63 -10.86 -41.18
N VAL B 182 -16.67 -11.22 -40.32
CA VAL B 182 -16.45 -12.60 -39.91
C VAL B 182 -16.61 -12.77 -38.39
N PHE B 183 -17.45 -13.72 -38.00
CA PHE B 183 -17.75 -14.00 -36.59
C PHE B 183 -17.26 -15.40 -36.24
N VAL B 184 -16.31 -15.50 -35.31
CA VAL B 184 -15.86 -16.80 -34.76
C VAL B 184 -16.64 -17.04 -33.47
N VAL B 185 -17.73 -17.80 -33.58
CA VAL B 185 -18.70 -17.93 -32.51
C VAL B 185 -18.59 -19.32 -31.89
N TRP B 186 -18.66 -19.37 -30.56
CA TRP B 186 -18.49 -20.62 -29.83
C TRP B 186 -19.80 -21.03 -29.21
N ALA B 187 -20.25 -22.23 -29.56
CA ALA B 187 -21.51 -22.79 -29.09
C ALA B 187 -21.30 -24.24 -28.71
N LYS B 188 -22.29 -24.84 -28.06
CA LYS B 188 -22.25 -26.26 -27.73
C LYS B 188 -23.06 -27.11 -28.73
N LEU B 189 -22.52 -28.28 -29.07
CA LEU B 189 -23.13 -29.21 -30.01
C LEU B 189 -22.97 -30.66 -29.52
N ASP B 190 -24.00 -31.49 -29.69
CA ASP B 190 -23.90 -32.93 -29.30
C ASP B 190 -23.56 -33.88 -30.45
N GLU B 191 -22.94 -35.00 -30.08
CA GLU B 191 -22.20 -35.89 -30.98
C GLU B 191 -22.79 -37.30 -31.01
N ASP B 195 -22.13 -33.87 -26.11
CA ASP B 195 -22.19 -32.41 -26.02
C ASP B 195 -20.81 -31.80 -25.76
N GLU B 196 -20.34 -30.95 -26.67
CA GLU B 196 -19.05 -30.28 -26.50
C GLU B 196 -19.02 -28.90 -27.15
N ILE B 197 -18.00 -28.13 -26.79
CA ILE B 197 -17.79 -26.77 -27.28
C ILE B 197 -17.10 -26.82 -28.64
N ARG B 198 -17.73 -26.23 -29.65
CA ARG B 198 -17.18 -26.16 -31.00
C ARG B 198 -17.07 -24.69 -31.46
N GLY B 199 -16.14 -24.42 -32.37
CA GLY B 199 -16.03 -23.13 -33.05
C GLY B 199 -16.81 -23.08 -34.35
N PHE B 200 -17.52 -21.97 -34.56
CA PHE B 200 -18.28 -21.73 -35.78
C PHE B 200 -17.86 -20.42 -36.46
N ILE B 201 -17.91 -20.39 -37.78
CA ILE B 201 -17.65 -19.17 -38.54
C ILE B 201 -18.93 -18.70 -39.21
N LEU B 202 -19.34 -17.47 -38.90
CA LEU B 202 -20.50 -16.87 -39.53
C LEU B 202 -20.07 -15.62 -40.28
N GLU B 203 -20.88 -15.22 -41.25
CA GLU B 203 -20.58 -14.07 -42.09
C GLU B 203 -21.68 -13.04 -41.93
N LYS B 204 -21.32 -11.76 -41.98
CA LYS B 204 -22.31 -10.68 -41.93
C LYS B 204 -23.32 -10.86 -43.06
N GLY B 205 -24.60 -10.66 -42.75
CA GLY B 205 -25.69 -10.85 -43.72
C GLY B 205 -26.54 -12.09 -43.46
N CYS B 206 -25.92 -13.14 -42.93
CA CYS B 206 -26.63 -14.37 -42.58
C CYS B 206 -27.88 -14.04 -41.77
N LYS B 207 -29.00 -14.66 -42.15
CA LYS B 207 -30.30 -14.36 -41.56
C LYS B 207 -30.33 -14.93 -40.14
N GLY B 208 -30.92 -14.17 -39.22
CA GLY B 208 -30.96 -14.54 -37.80
C GLY B 208 -29.74 -14.08 -37.03
N LEU B 209 -28.93 -13.21 -37.64
CA LEU B 209 -27.68 -12.72 -37.04
C LEU B 209 -27.66 -11.20 -37.03
N SER B 210 -27.73 -10.62 -35.84
CA SER B 210 -27.55 -9.18 -35.68
C SER B 210 -26.43 -8.91 -34.71
N ALA B 211 -25.91 -7.69 -34.78
CA ALA B 211 -24.82 -7.25 -33.91
C ALA B 211 -25.06 -5.80 -33.49
N PRO B 212 -26.07 -5.58 -32.63
CA PRO B 212 -26.34 -4.20 -32.21
C PRO B 212 -25.21 -3.64 -31.36
N ALA B 213 -24.97 -2.34 -31.54
CA ALA B 213 -23.92 -1.63 -30.81
C ALA B 213 -24.26 -1.44 -29.33
N ILE B 214 -23.23 -1.53 -28.49
CA ILE B 214 -23.32 -1.13 -27.10
C ILE B 214 -22.71 0.24 -26.98
N HIS B 215 -23.45 1.20 -26.45
CA HIS B 215 -22.96 2.58 -26.27
C HIS B 215 -23.05 3.02 -24.80
N GLY B 216 -22.38 4.12 -24.48
CA GLY B 216 -22.27 4.61 -23.11
C GLY B 216 -21.12 4.04 -22.27
N LYS B 217 -20.10 3.46 -22.89
CA LYS B 217 -18.99 2.86 -22.14
C LYS B 217 -18.26 3.93 -21.32
N VAL B 218 -17.68 3.53 -20.20
CA VAL B 218 -16.89 4.45 -19.39
C VAL B 218 -15.44 4.42 -19.86
N GLY B 219 -14.88 3.23 -20.05
CA GLY B 219 -13.55 3.07 -20.69
C GLY B 219 -13.58 2.32 -22.02
N LEU B 220 -12.44 2.28 -22.73
CA LEU B 220 -12.34 1.65 -24.06
C LEU B 220 -13.35 2.23 -25.05
N ARG B 221 -13.66 3.51 -24.86
CA ARG B 221 -14.66 4.19 -25.66
C ARG B 221 -14.22 4.35 -27.12
N ALA B 222 -12.92 4.37 -27.37
CA ALA B 222 -12.42 4.44 -28.74
C ALA B 222 -12.62 3.14 -29.55
N SER B 223 -12.88 2.01 -28.88
CA SER B 223 -13.24 0.78 -29.59
C SER B 223 -14.76 0.62 -29.64
N ILE B 224 -15.26 0.00 -30.71
CA ILE B 224 -16.69 -0.27 -30.82
C ILE B 224 -16.97 -1.69 -30.34
N THR B 225 -17.97 -1.79 -29.47
CA THR B 225 -18.39 -3.04 -28.88
C THR B 225 -19.87 -3.22 -29.18
N GLY B 226 -20.28 -4.49 -29.23
CA GLY B 226 -21.67 -4.79 -29.43
C GLY B 226 -22.00 -6.18 -28.97
N GLU B 227 -23.16 -6.66 -29.43
CA GLU B 227 -23.61 -8.00 -29.12
C GLU B 227 -23.50 -8.84 -30.37
N ILE B 228 -23.80 -10.13 -30.21
CA ILE B 228 -24.09 -11.02 -31.32
C ILE B 228 -25.37 -11.77 -30.95
N VAL B 229 -26.46 -11.48 -31.66
CA VAL B 229 -27.76 -12.11 -31.39
C VAL B 229 -28.04 -13.17 -32.47
N LEU B 230 -28.11 -14.42 -32.05
CA LEU B 230 -28.37 -15.53 -32.94
C LEU B 230 -29.79 -16.09 -32.74
N ASP B 231 -30.61 -15.99 -33.79
CA ASP B 231 -32.00 -16.43 -33.80
C ASP B 231 -32.15 -17.46 -34.92
N GLU B 232 -31.88 -18.73 -34.61
CA GLU B 232 -31.83 -19.78 -35.63
C GLU B 232 -30.97 -19.33 -36.82
N ALA B 233 -29.77 -18.87 -36.54
CA ALA B 233 -28.82 -18.50 -37.60
C ALA B 233 -28.19 -19.75 -38.21
N PHE B 234 -28.17 -19.82 -39.55
CA PHE B 234 -27.63 -20.99 -40.27
C PHE B 234 -26.12 -20.92 -40.46
N VAL B 235 -25.44 -22.00 -40.08
CA VAL B 235 -24.03 -22.20 -40.41
C VAL B 235 -23.93 -23.48 -41.24
N PRO B 236 -23.37 -23.40 -42.46
CA PRO B 236 -23.16 -24.62 -43.26
C PRO B 236 -22.09 -25.52 -42.66
N GLU B 237 -22.16 -26.83 -42.97
CA GLU B 237 -21.22 -27.84 -42.45
C GLU B 237 -19.76 -27.47 -42.63
N GLU B 238 -19.44 -26.81 -43.74
CA GLU B 238 -18.06 -26.40 -44.00
C GLU B 238 -17.58 -25.25 -43.09
N ASN B 239 -18.49 -24.63 -42.34
CA ASN B 239 -18.09 -23.51 -41.47
C ASN B 239 -18.01 -23.84 -39.95
N ILE B 240 -17.97 -25.12 -39.60
CA ILE B 240 -17.55 -25.53 -38.26
C ILE B 240 -16.04 -25.68 -38.31
N LEU B 241 -15.37 -25.34 -37.21
CA LEU B 241 -13.95 -25.62 -37.08
C LEU B 241 -13.83 -27.12 -36.81
N PRO B 242 -13.13 -27.86 -37.70
CA PRO B 242 -13.02 -29.31 -37.50
C PRO B 242 -12.01 -29.71 -36.44
N HIS B 243 -10.87 -28.99 -36.37
CA HIS B 243 -9.69 -29.49 -35.66
C HIS B 243 -9.57 -29.07 -34.17
N VAL B 244 -10.69 -28.74 -33.53
CA VAL B 244 -10.71 -28.51 -32.07
C VAL B 244 -12.10 -28.70 -31.47
N LYS B 245 -12.11 -29.24 -30.25
CA LYS B 245 -13.33 -29.27 -29.43
C LYS B 245 -13.02 -29.01 -27.95
N GLY B 246 -14.03 -28.57 -27.23
CA GLY B 246 -13.91 -28.32 -25.80
C GLY B 246 -13.22 -27.01 -25.48
N LEU B 247 -12.61 -26.96 -24.30
CA LEU B 247 -12.04 -25.73 -23.75
C LEU B 247 -10.81 -25.22 -24.51
N ARG B 248 -9.98 -26.13 -25.01
CA ARG B 248 -8.76 -25.77 -25.72
C ARG B 248 -8.98 -24.76 -26.88
N GLY B 249 -10.19 -24.72 -27.45
CA GLY B 249 -10.50 -23.79 -28.53
C GLY B 249 -10.44 -22.33 -28.13
N PRO B 250 -11.45 -21.86 -27.36
CA PRO B 250 -11.47 -20.51 -26.81
C PRO B 250 -10.19 -20.16 -26.04
N PHE B 251 -9.67 -21.14 -25.29
CA PHE B 251 -8.51 -20.90 -24.42
C PHE B 251 -7.23 -20.62 -25.19
N THR B 252 -7.02 -21.31 -26.31
CA THR B 252 -5.88 -21.01 -27.17
C THR B 252 -5.95 -19.54 -27.57
N CYS B 253 -7.14 -19.05 -27.89
CA CYS B 253 -7.32 -17.67 -28.30
C CYS B 253 -7.03 -16.70 -27.17
N LEU B 254 -7.66 -16.93 -26.01
CA LEU B 254 -7.47 -16.07 -24.84
C LEU B 254 -6.00 -15.94 -24.50
N ASN B 255 -5.29 -17.06 -24.52
CA ASN B 255 -3.89 -17.06 -24.12
C ASN B 255 -3.02 -16.18 -25.00
N SER B 256 -3.28 -16.24 -26.31
CA SER B 256 -2.57 -15.38 -27.25
C SER B 256 -2.96 -13.92 -27.04
N ALA B 257 -4.25 -13.65 -26.84
CA ALA B 257 -4.68 -12.26 -26.62
C ALA B 257 -4.03 -11.70 -25.35
N ARG B 258 -4.01 -12.51 -24.28
CA ARG B 258 -3.42 -12.10 -23.01
C ARG B 258 -1.94 -11.80 -23.12
N TYR B 259 -1.21 -12.60 -23.91
CA TYR B 259 0.20 -12.33 -24.18
C TYR B 259 0.42 -10.92 -24.79
N GLY B 260 -0.37 -10.58 -25.81
CA GLY B 260 -0.32 -9.26 -26.44
C GLY B 260 -0.62 -8.15 -25.46
N ILE B 261 -1.65 -8.35 -24.64
CA ILE B 261 -2.04 -7.38 -23.58
C ILE B 261 -0.94 -7.18 -22.52
N ALA B 262 -0.22 -8.25 -22.18
CA ALA B 262 0.91 -8.11 -21.24
C ALA B 262 1.92 -7.08 -21.75
N TRP B 263 2.11 -7.01 -23.07
CA TRP B 263 2.95 -5.96 -23.68
C TRP B 263 2.24 -4.65 -23.75
N GLY B 264 1.01 -4.72 -24.23
CA GLY B 264 0.22 -3.53 -24.48
C GLY B 264 0.09 -2.69 -23.24
N ALA B 265 -0.25 -3.32 -22.12
CA ALA B 265 -0.50 -2.55 -20.90
C ALA B 265 0.73 -1.73 -20.51
N LEU B 266 1.91 -2.23 -20.83
CA LEU B 266 3.14 -1.52 -20.49
C LEU B 266 3.37 -0.28 -21.38
N GLY B 267 2.81 -0.28 -22.59
CA GLY B 267 2.86 0.89 -23.46
C GLY B 267 2.06 2.05 -22.86
N ALA B 268 0.87 1.74 -22.36
CA ALA B 268 0.03 2.73 -21.68
C ALA B 268 0.71 3.25 -20.44
N ALA B 269 1.32 2.34 -19.68
CA ALA B 269 2.06 2.73 -18.49
C ALA B 269 3.19 3.68 -18.86
N GLU B 270 3.91 3.35 -19.92
CA GLU B 270 5.03 4.19 -20.34
C GLU B 270 4.54 5.60 -20.70
N SER B 271 3.46 5.71 -21.46
CA SER B 271 2.87 7.02 -21.78
C SER B 271 2.55 7.82 -20.54
N CYS B 272 1.89 7.16 -19.59
CA CYS B 272 1.53 7.79 -18.32
C CYS B 272 2.77 8.31 -17.59
N TRP B 273 3.80 7.45 -17.51
CA TRP B 273 5.07 7.84 -16.88
C TRP B 273 5.75 9.03 -17.58
N HIS B 274 5.80 9.01 -18.90
CA HIS B 274 6.46 10.08 -19.67
C HIS B 274 5.71 11.41 -19.52
N ILE B 275 4.38 11.34 -19.55
CA ILE B 275 3.54 12.52 -19.35
C ILE B 275 3.74 13.04 -17.93
N ALA B 276 3.68 12.16 -16.93
CA ALA B 276 3.90 12.62 -15.56
C ALA B 276 5.29 13.23 -15.35
N ARG B 277 6.31 12.63 -15.95
CA ARG B 277 7.66 13.14 -15.81
C ARG B 277 7.83 14.53 -16.42
N GLN B 278 7.37 14.69 -17.66
CA GLN B 278 7.43 15.96 -18.36
C GLN B 278 6.62 17.03 -17.61
N TYR B 279 5.43 16.65 -17.16
CA TYR B 279 4.63 17.57 -16.36
C TYR B 279 5.42 18.12 -15.16
N VAL B 280 6.14 17.28 -14.43
CA VAL B 280 6.81 17.79 -13.22
C VAL B 280 8.13 18.54 -13.53
N LEU B 281 8.71 18.31 -14.70
CA LEU B 281 9.83 19.10 -15.18
C LEU B 281 9.36 20.52 -15.47
N ASP B 282 8.18 20.64 -16.07
CA ASP B 282 7.64 21.92 -16.52
C ASP B 282 6.98 22.74 -15.42
N ARG B 283 6.68 22.14 -14.26
CA ARG B 283 5.95 22.81 -13.19
C ARG B 283 6.85 23.42 -12.14
N LYS B 284 6.53 24.67 -11.79
CA LYS B 284 7.09 25.34 -10.63
C LYS B 284 6.02 25.37 -9.53
N GLN B 285 6.41 25.02 -8.30
CA GLN B 285 5.54 25.18 -7.12
C GLN B 285 6.41 25.71 -5.99
N PHE B 286 5.79 26.36 -5.01
CA PHE B 286 6.54 27.17 -4.05
C PHE B 286 7.65 27.91 -4.83
N GLY B 287 8.91 27.57 -4.63
CA GLY B 287 10.03 28.22 -5.32
C GLY B 287 10.63 27.48 -6.50
N ARG B 288 10.55 26.14 -6.47
CA ARG B 288 11.31 25.26 -7.37
C ARG B 288 10.42 24.53 -8.39
N PRO B 289 11.06 23.70 -9.26
CA PRO B 289 10.28 22.73 -10.01
C PRO B 289 9.71 21.61 -9.12
N LEU B 290 8.64 20.98 -9.58
CA LEU B 290 8.09 19.80 -8.90
C LEU B 290 9.09 18.67 -8.78
N ALA B 291 9.99 18.55 -9.77
CA ALA B 291 11.05 17.52 -9.78
C ALA B 291 11.99 17.59 -8.56
N ALA B 292 12.02 18.75 -7.91
CA ALA B 292 12.76 18.92 -6.65
C ALA B 292 12.17 18.11 -5.49
N ASN B 293 10.88 17.80 -5.56
CA ASN B 293 10.16 17.09 -4.48
C ASN B 293 10.52 15.60 -4.41
N GLN B 294 10.95 15.14 -3.24
CA GLN B 294 11.32 13.74 -3.06
C GLN B 294 10.18 12.74 -3.18
N LEU B 295 8.97 13.16 -2.81
CA LEU B 295 7.78 12.32 -2.98
C LEU B 295 7.59 12.07 -4.47
N ILE B 296 7.69 13.14 -5.26
CA ILE B 296 7.54 13.05 -6.71
C ILE B 296 8.62 12.15 -7.29
N GLN B 297 9.86 12.35 -6.84
CA GLN B 297 10.99 11.56 -7.35
C GLN B 297 10.88 10.07 -7.01
N LYS B 298 10.33 9.76 -5.84
CA LYS B 298 10.11 8.38 -5.43
C LYS B 298 9.04 7.72 -6.30
N LYS B 299 7.96 8.43 -6.59
CA LYS B 299 6.95 7.92 -7.49
C LYS B 299 7.52 7.66 -8.88
N LEU B 300 8.34 8.59 -9.38
CA LEU B 300 8.98 8.42 -10.69
C LEU B 300 9.95 7.24 -10.68
N ALA B 301 10.71 7.07 -9.60
CA ALA B 301 11.60 5.92 -9.49
C ALA B 301 10.80 4.61 -9.52
N ASP B 302 9.64 4.59 -8.84
CA ASP B 302 8.76 3.41 -8.83
C ASP B 302 8.15 3.05 -10.18
N MET B 303 7.76 4.04 -10.98
CA MET B 303 7.23 3.77 -12.34
C MET B 303 8.32 3.15 -13.24
N GLN B 304 9.50 3.77 -13.21
CA GLN B 304 10.65 3.34 -14.02
C GLN B 304 11.00 1.90 -13.67
N THR B 305 11.02 1.59 -12.38
CA THR B 305 11.41 0.25 -11.94
C THR B 305 10.44 -0.77 -12.46
N GLU B 306 9.16 -0.57 -12.15
CA GLU B 306 8.14 -1.54 -12.48
C GLU B 306 8.03 -1.73 -13.98
N ILE B 307 8.15 -0.63 -14.73
CA ILE B 307 8.09 -0.68 -16.19
C ILE B 307 9.27 -1.47 -16.79
N THR B 308 10.47 -1.18 -16.31
CA THR B 308 11.70 -1.84 -16.79
C THR B 308 11.70 -3.34 -16.51
N LEU B 309 11.35 -3.70 -15.27
CA LEU B 309 11.18 -5.10 -14.91
C LEU B 309 10.09 -5.81 -15.69
N GLY B 310 8.95 -5.15 -15.90
CA GLY B 310 7.87 -5.77 -16.65
C GLY B 310 8.25 -6.14 -18.07
N LEU B 311 9.02 -5.26 -18.70
CA LEU B 311 9.49 -5.47 -20.06
C LEU B 311 10.44 -6.68 -20.18
N GLN B 312 11.39 -6.80 -19.26
CA GLN B 312 12.24 -8.00 -19.21
C GLN B 312 11.40 -9.28 -19.09
N GLY B 313 10.29 -9.19 -18.39
CA GLY B 313 9.39 -10.32 -18.25
C GLY B 313 8.69 -10.67 -19.54
N VAL B 314 8.06 -9.69 -20.18
CA VAL B 314 7.34 -9.97 -21.43
C VAL B 314 8.30 -10.36 -22.55
N LEU B 315 9.49 -9.77 -22.58
CA LEU B 315 10.51 -10.13 -23.60
C LEU B 315 10.92 -11.60 -23.46
N ARG B 316 11.31 -11.97 -22.25
CA ARG B 316 11.65 -13.37 -21.95
C ARG B 316 10.50 -14.30 -22.29
N LEU B 317 9.29 -13.97 -21.87
CA LEU B 317 8.16 -14.81 -22.24
C LEU B 317 8.07 -14.99 -23.75
N GLY B 318 8.24 -13.90 -24.50
CA GLY B 318 8.20 -13.95 -25.96
C GLY B 318 9.27 -14.86 -26.56
N ARG B 319 10.51 -14.67 -26.11
CA ARG B 319 11.61 -15.55 -26.50
C ARG B 319 11.31 -17.03 -26.22
N MET B 320 10.71 -17.31 -25.06
CA MET B 320 10.34 -18.68 -24.69
C MET B 320 9.25 -19.22 -25.61
N LYS B 321 8.27 -18.38 -25.96
CA LYS B 321 7.19 -18.86 -26.83
C LYS B 321 7.74 -19.18 -28.23
N ASP B 322 8.67 -18.35 -28.70
CA ASP B 322 9.31 -18.58 -30.01
C ASP B 322 10.11 -19.88 -30.01
N GLU B 323 10.72 -20.24 -28.89
CA GLU B 323 11.43 -21.53 -28.75
C GLU B 323 10.50 -22.72 -28.51
N GLY B 324 9.28 -22.48 -28.07
CA GLY B 324 8.39 -23.55 -27.65
C GLY B 324 8.72 -24.09 -26.25
N THR B 325 9.40 -23.30 -25.44
CA THR B 325 9.67 -23.63 -24.05
C THR B 325 8.68 -23.02 -23.04
N ALA B 326 7.69 -22.26 -23.54
CA ALA B 326 6.77 -21.46 -22.68
C ALA B 326 5.48 -22.19 -22.28
N ALA B 327 5.35 -22.53 -21.00
CA ALA B 327 4.09 -23.10 -20.49
C ALA B 327 3.06 -21.98 -20.37
N VAL B 328 1.79 -22.33 -20.50
CA VAL B 328 0.73 -21.31 -20.51
C VAL B 328 0.62 -20.52 -19.20
N GLU B 329 1.03 -21.14 -18.09
CA GLU B 329 0.97 -20.46 -16.79
C GLU B 329 1.79 -19.17 -16.76
N ILE B 330 2.80 -19.05 -17.62
CA ILE B 330 3.69 -17.89 -17.60
C ILE B 330 2.98 -16.64 -18.14
N THR B 331 1.99 -16.85 -19.00
CA THR B 331 1.18 -15.76 -19.53
C THR B 331 0.35 -15.12 -18.40
N SER B 332 -0.19 -15.97 -17.54
CA SER B 332 -0.88 -15.48 -16.34
C SER B 332 0.04 -14.57 -15.54
N ILE B 333 1.27 -15.01 -15.28
CA ILE B 333 2.20 -14.14 -14.55
C ILE B 333 2.34 -12.76 -15.22
N MET B 334 2.55 -12.73 -16.53
CA MET B 334 2.89 -11.46 -17.17
C MET B 334 1.67 -10.59 -17.43
N LYS B 335 0.55 -11.18 -17.84
CA LYS B 335 -0.64 -10.37 -18.09
C LYS B 335 -1.14 -9.72 -16.79
N ARG B 336 -1.08 -10.46 -15.69
CA ARG B 336 -1.49 -9.99 -14.37
C ARG B 336 -0.63 -8.82 -13.92
N ASN B 337 0.67 -9.02 -14.03
CA ASN B 337 1.61 -8.02 -13.61
C ASN B 337 1.55 -6.76 -14.46
N SER B 338 1.56 -6.89 -15.78
CA SER B 338 1.55 -5.70 -16.66
C SER B 338 0.29 -4.85 -16.46
N CYS B 339 -0.87 -5.49 -16.46
CA CYS B 339 -2.13 -4.81 -16.23
C CYS B 339 -2.27 -4.22 -14.85
N GLY B 340 -1.85 -4.97 -13.83
CA GLY B 340 -1.92 -4.50 -12.43
C GLY B 340 -1.00 -3.31 -12.23
N LYS B 341 0.24 -3.43 -12.71
CA LYS B 341 1.23 -2.38 -12.51
C LYS B 341 0.88 -1.13 -13.30
N ALA B 342 0.37 -1.33 -14.52
CA ALA B 342 -0.03 -0.24 -15.41
C ALA B 342 -1.17 0.55 -14.79
N LEU B 343 -2.13 -0.14 -14.17
CA LEU B 343 -3.21 0.55 -13.50
C LEU B 343 -2.65 1.42 -12.36
N ASP B 344 -1.74 0.83 -11.58
CA ASP B 344 -1.09 1.51 -10.47
C ASP B 344 -0.33 2.74 -10.92
N ILE B 345 0.39 2.61 -12.01
CA ILE B 345 1.18 3.72 -12.58
C ILE B 345 0.29 4.80 -13.17
N ALA B 346 -0.79 4.42 -13.81
CA ALA B 346 -1.73 5.41 -14.33
C ALA B 346 -2.34 6.24 -13.18
N ARG B 347 -2.60 5.58 -12.06
CA ARG B 347 -3.12 6.26 -10.88
C ARG B 347 -2.09 7.18 -10.21
N LEU B 348 -0.86 6.72 -10.14
CA LEU B 348 0.21 7.49 -9.53
C LEU B 348 0.45 8.73 -10.40
N ALA B 349 0.49 8.52 -11.71
CA ALA B 349 0.63 9.62 -12.69
C ALA B 349 -0.52 10.63 -12.52
N ARG B 350 -1.76 10.13 -12.59
CA ARG B 350 -2.94 10.97 -12.37
C ARG B 350 -2.82 11.82 -11.09
N ASP B 351 -2.36 11.22 -10.01
CA ASP B 351 -2.30 11.93 -8.74
C ASP B 351 -1.15 12.94 -8.66
N MET B 352 -0.26 12.93 -9.65
CA MET B 352 0.76 13.96 -9.85
C MET B 352 0.33 15.15 -10.75
N LEU B 353 -0.78 15.03 -11.48
CA LEU B 353 -1.16 16.08 -12.41
C LEU B 353 -2.17 17.00 -11.75
N GLY B 354 -1.84 18.28 -11.66
CA GLY B 354 -2.77 19.27 -11.15
C GLY B 354 -3.63 19.83 -12.26
N PHE B 362 -3.51 15.27 -19.70
CA PHE B 362 -4.80 14.66 -19.36
C PHE B 362 -5.21 13.54 -20.33
N GLY B 363 -4.30 13.14 -21.23
CA GLY B 363 -4.40 11.84 -21.89
C GLY B 363 -4.21 10.73 -20.86
N VAL B 364 -3.63 11.09 -19.71
CA VAL B 364 -3.49 10.19 -18.58
C VAL B 364 -4.86 9.74 -18.08
N ALA B 365 -5.80 10.68 -17.96
CA ALA B 365 -7.14 10.34 -17.47
C ALA B 365 -7.81 9.33 -18.38
N ARG B 366 -7.49 9.36 -19.68
CA ARG B 366 -8.04 8.44 -20.64
C ARG B 366 -7.43 7.05 -20.46
N HIS B 367 -6.11 6.99 -20.44
CA HIS B 367 -5.38 5.75 -20.19
C HIS B 367 -5.87 5.11 -18.88
N LEU B 368 -6.08 5.92 -17.85
CA LEU B 368 -6.59 5.45 -16.55
C LEU B 368 -7.96 4.77 -16.66
N VAL B 369 -8.95 5.40 -17.28
CA VAL B 369 -10.27 4.72 -17.41
C VAL B 369 -10.19 3.49 -18.30
N ASN B 370 -9.34 3.52 -19.33
CA ASN B 370 -9.16 2.33 -20.16
C ASN B 370 -8.63 1.16 -19.32
N LEU B 371 -7.58 1.43 -18.56
CA LEU B 371 -6.91 0.40 -17.75
C LEU B 371 -7.76 -0.12 -16.58
N GLU B 372 -8.67 0.71 -16.09
CA GLU B 372 -9.64 0.29 -15.08
C GLU B 372 -10.60 -0.73 -15.64
N VAL B 373 -10.90 -0.64 -16.94
CA VAL B 373 -11.70 -1.66 -17.62
C VAL B 373 -10.86 -2.86 -17.96
N VAL B 374 -9.70 -2.61 -18.55
CA VAL B 374 -8.77 -3.66 -18.89
C VAL B 374 -8.53 -4.60 -17.70
N ASN B 375 -8.33 -4.00 -16.53
CA ASN B 375 -8.01 -4.76 -15.34
C ASN B 375 -9.14 -5.62 -14.75
N THR B 376 -10.38 -5.32 -15.08
CA THR B 376 -11.52 -6.12 -14.63
C THR B 376 -12.23 -6.83 -15.79
N TYR B 377 -11.64 -6.82 -16.99
CA TYR B 377 -12.28 -7.49 -18.14
C TYR B 377 -12.43 -8.99 -17.92
N GLU B 378 -11.40 -9.62 -17.36
CA GLU B 378 -11.47 -11.04 -17.03
C GLU B 378 -12.07 -11.36 -15.64
N GLY B 379 -12.80 -10.41 -15.06
CA GLY B 379 -13.50 -10.63 -13.81
C GLY B 379 -12.81 -9.89 -12.67
N THR B 380 -13.38 -9.99 -11.48
CA THR B 380 -12.87 -9.28 -10.31
C THR B 380 -12.39 -10.26 -9.26
N HIS B 381 -12.05 -11.49 -9.67
CA HIS B 381 -11.65 -12.54 -8.74
C HIS B 381 -10.23 -13.06 -9.01
N ASP B 382 -9.42 -12.22 -9.66
CA ASP B 382 -7.98 -12.47 -9.81
C ASP B 382 -7.70 -13.89 -10.33
N ILE B 383 -8.38 -14.24 -11.41
CA ILE B 383 -8.28 -15.55 -12.05
C ILE B 383 -6.83 -15.99 -12.28
N HIS B 384 -5.95 -15.07 -12.64
CA HIS B 384 -4.55 -15.42 -12.92
C HIS B 384 -3.76 -15.74 -11.66
N ALA B 385 -4.05 -15.02 -10.57
CA ALA B 385 -3.55 -15.39 -9.25
C ALA B 385 -3.95 -16.83 -8.89
N LEU B 386 -5.21 -17.18 -9.12
CA LEU B 386 -5.72 -18.53 -8.82
C LEU B 386 -5.09 -19.62 -9.71
N ILE B 387 -4.94 -19.34 -11.00
CA ILE B 387 -4.16 -20.21 -11.90
C ILE B 387 -2.73 -20.46 -11.36
N LEU B 388 -2.07 -19.40 -10.91
CA LEU B 388 -0.70 -19.54 -10.43
C LEU B 388 -0.65 -20.23 -9.04
N GLY B 389 -1.63 -19.93 -8.20
CA GLY B 389 -1.74 -20.58 -6.90
C GLY B 389 -1.89 -22.09 -7.02
N ARG B 390 -2.80 -22.51 -7.90
CA ARG B 390 -2.99 -23.91 -8.27
C ARG B 390 -1.70 -24.54 -8.78
N ALA B 391 -1.02 -23.85 -9.71
CA ALA B 391 0.19 -24.38 -10.36
C ALA B 391 1.33 -24.58 -9.38
N GLN B 392 1.36 -23.75 -8.35
CA GLN B 392 2.35 -23.86 -7.30
C GLN B 392 2.06 -25.00 -6.31
N THR B 393 0.77 -25.25 -6.08
CA THR B 393 0.33 -26.09 -4.97
C THR B 393 -0.41 -27.40 -5.35
N GLY B 394 -0.86 -27.51 -6.59
CA GLY B 394 -1.67 -28.64 -7.00
C GLY B 394 -3.04 -28.65 -6.33
N ILE B 395 -3.38 -27.53 -5.69
CA ILE B 395 -4.59 -27.41 -4.91
C ILE B 395 -5.42 -26.26 -5.50
N GLN B 396 -6.66 -26.57 -5.84
CA GLN B 396 -7.55 -25.58 -6.42
C GLN B 396 -8.11 -24.72 -5.31
N ALA B 397 -8.36 -23.45 -5.61
CA ALA B 397 -9.01 -22.57 -4.66
C ALA B 397 -10.51 -22.68 -4.85
N ALA C 8 -5.76 29.62 19.02
CA ALA C 8 -5.55 28.31 19.68
C ALA C 8 -4.19 27.77 19.30
N THR C 9 -3.49 27.16 20.25
CA THR C 9 -2.20 26.52 19.95
C THR C 9 -2.45 25.07 19.50
N PHE C 10 -1.58 24.58 18.63
CA PHE C 10 -1.60 23.22 18.14
C PHE C 10 -0.77 22.33 19.05
N HIS C 11 -1.33 21.19 19.44
CA HIS C 11 -0.62 20.17 20.20
C HIS C 11 -0.32 18.97 19.27
N TRP C 12 0.85 18.95 18.65
CA TRP C 12 1.21 17.88 17.71
C TRP C 12 1.05 16.48 18.30
N ASP C 13 1.31 16.34 19.60
CA ASP C 13 1.24 15.04 20.26
C ASP C 13 -0.19 14.73 20.67
N ASP C 14 -1.09 15.70 20.59
CA ASP C 14 -2.49 15.45 20.92
C ASP C 14 -3.40 16.43 20.17
N PRO C 15 -3.45 16.30 18.82
CA PRO C 15 -4.10 17.29 17.98
C PRO C 15 -5.53 17.59 18.33
N LEU C 16 -6.29 16.57 18.71
CA LEU C 16 -7.71 16.74 19.01
C LEU C 16 -7.97 16.98 20.49
N LEU C 17 -6.90 17.11 21.27
CA LEU C 17 -6.98 17.37 22.70
C LEU C 17 -7.79 16.31 23.44
N LEU C 18 -7.49 15.04 23.18
CA LEU C 18 -8.07 13.94 23.95
C LEU C 18 -8.04 14.27 25.44
N ASP C 19 -6.91 14.79 25.90
CA ASP C 19 -6.73 15.14 27.31
C ASP C 19 -7.91 15.95 27.81
N GLN C 20 -8.39 16.85 26.98
CA GLN C 20 -9.53 17.68 27.37
C GLN C 20 -10.88 16.97 27.24
N GLN C 21 -10.96 15.93 26.43
CA GLN C 21 -12.20 15.14 26.35
C GLN C 21 -12.37 14.14 27.51
N LEU C 22 -11.36 14.01 28.35
CA LEU C 22 -11.44 13.10 29.51
C LEU C 22 -11.99 13.84 30.74
N ALA C 23 -12.78 13.13 31.54
CA ALA C 23 -13.04 13.55 32.93
C ALA C 23 -11.70 13.54 33.69
N ASP C 24 -11.55 14.43 34.66
CA ASP C 24 -10.29 14.50 35.44
C ASP C 24 -10.13 13.21 36.25
N ASP C 25 -11.27 12.71 36.72
CA ASP C 25 -11.45 11.33 37.18
C ASP C 25 -10.67 10.33 36.29
N GLU C 26 -11.04 10.28 35.01
CA GLU C 26 -10.36 9.44 34.03
C GLU C 26 -8.90 9.86 33.85
N ARG C 27 -8.64 11.17 33.92
CA ARG C 27 -7.31 11.69 33.67
C ARG C 27 -6.33 11.29 34.79
N MET C 28 -6.80 11.24 36.02
CA MET C 28 -5.98 10.82 37.16
C MET C 28 -5.62 9.34 37.05
N VAL C 29 -6.57 8.52 36.59
CA VAL C 29 -6.28 7.11 36.32
C VAL C 29 -5.15 6.97 35.29
N ARG C 30 -5.24 7.71 34.20
CA ARG C 30 -4.19 7.68 33.17
C ARG C 30 -2.84 8.05 33.75
N ASP C 31 -2.82 9.14 34.50
CA ASP C 31 -1.56 9.64 35.08
C ASP C 31 -0.95 8.61 36.01
N ALA C 32 -1.78 7.97 36.81
CA ALA C 32 -1.33 6.91 37.74
C ALA C 32 -0.76 5.71 36.97
N ALA C 33 -1.51 5.26 35.97
CA ALA C 33 -1.09 4.19 35.08
C ALA C 33 0.22 4.53 34.38
N HIS C 34 0.32 5.75 33.88
CA HIS C 34 1.55 6.22 33.23
C HIS C 34 2.74 6.25 34.19
N ALA C 35 2.56 6.90 35.34
CA ALA C 35 3.59 6.94 36.40
C ALA C 35 4.05 5.52 36.73
N TYR C 36 3.10 4.62 37.00
CA TYR C 36 3.42 3.23 37.31
C TYR C 36 4.23 2.54 36.22
N ALA C 37 3.70 2.50 35.00
CA ALA C 37 4.33 1.78 33.88
C ALA C 37 5.70 2.35 33.56
N GLN C 38 5.78 3.68 33.51
CA GLN C 38 7.07 4.34 33.26
C GLN C 38 8.04 4.12 34.43
N GLY C 39 7.56 4.32 35.66
CA GLY C 39 8.38 4.09 36.85
C GLY C 39 8.87 2.65 37.02
N LYS C 40 7.96 1.69 36.91
CA LYS C 40 8.26 0.31 37.29
C LYS C 40 8.52 -0.65 36.12
N LEU C 41 7.72 -0.56 35.05
CA LEU C 41 7.83 -1.51 33.94
C LEU C 41 8.88 -1.18 32.91
N ALA C 42 9.02 0.10 32.58
CA ALA C 42 9.98 0.53 31.56
C ALA C 42 11.44 0.12 31.78
N PRO C 43 11.93 0.17 33.04
CA PRO C 43 13.33 -0.26 33.27
C PRO C 43 13.57 -1.79 33.26
N ARG C 44 12.54 -2.59 33.55
CA ARG C 44 12.59 -4.05 33.35
C ARG C 44 12.47 -4.50 31.90
N VAL C 45 11.77 -3.74 31.07
CA VAL C 45 11.24 -4.28 29.80
C VAL C 45 12.28 -4.89 28.88
N THR C 46 13.41 -4.20 28.71
CA THR C 46 14.35 -4.56 27.65
C THR C 46 14.95 -5.94 27.81
N GLU C 47 15.26 -6.32 29.05
CA GLU C 47 15.88 -7.61 29.28
C GLU C 47 14.80 -8.63 29.64
N ALA C 48 13.67 -8.17 30.19
CA ALA C 48 12.51 -9.04 30.40
C ALA C 48 12.03 -9.60 29.06
N PHE C 49 12.07 -8.76 28.02
CA PHE C 49 11.74 -9.20 26.68
C PHE C 49 12.82 -10.09 26.08
N ARG C 50 14.05 -9.63 26.12
CA ARG C 50 15.15 -10.31 25.44
C ARG C 50 15.39 -11.74 25.92
N HIS C 51 15.13 -12.01 27.19
CA HIS C 51 15.40 -13.32 27.77
C HIS C 51 14.14 -14.07 28.20
N GLU C 52 12.98 -13.52 27.85
CA GLU C 52 11.73 -14.18 28.13
C GLU C 52 11.69 -14.51 29.62
N THR C 53 12.03 -13.52 30.45
CA THR C 53 12.17 -13.76 31.88
C THR C 53 10.81 -13.71 32.57
N THR C 54 10.42 -14.83 33.16
CA THR C 54 9.20 -14.89 33.96
C THR C 54 9.23 -13.79 35.02
N ASP C 55 8.10 -13.12 35.22
CA ASP C 55 8.02 -12.03 36.18
C ASP C 55 6.56 -11.82 36.59
N ALA C 56 6.28 -12.04 37.87
CA ALA C 56 4.91 -11.98 38.39
C ALA C 56 4.68 -10.71 39.22
N ALA C 57 5.67 -9.81 39.21
CA ALA C 57 5.60 -8.57 39.98
C ALA C 57 4.39 -7.73 39.59
N ILE C 58 4.17 -7.55 38.29
CA ILE C 58 3.13 -6.67 37.76
C ILE C 58 1.85 -6.71 38.59
N PHE C 59 1.43 -7.91 38.99
CA PHE C 59 0.08 -8.12 39.52
C PHE C 59 -0.17 -7.41 40.85
N ARG C 60 0.70 -7.64 41.83
CA ARG C 60 0.55 -6.94 43.11
C ARG C 60 0.82 -5.45 42.95
N GLU C 61 1.84 -5.10 42.17
CA GLU C 61 2.13 -3.71 41.87
C GLU C 61 0.92 -2.98 41.29
N MET C 62 0.31 -3.54 40.25
CA MET C 62 -0.87 -2.94 39.64
C MET C 62 -2.08 -3.05 40.56
N GLY C 63 -2.17 -4.17 41.27
CA GLY C 63 -3.25 -4.39 42.23
C GLY C 63 -3.27 -3.34 43.34
N GLU C 64 -2.10 -3.01 43.86
CA GLU C 64 -1.97 -2.00 44.93
C GLU C 64 -2.61 -0.68 44.55
N ILE C 65 -2.34 -0.23 43.33
CA ILE C 65 -2.76 1.09 42.89
C ILE C 65 -4.10 1.05 42.16
N GLY C 66 -4.76 -0.10 42.20
CA GLY C 66 -6.12 -0.24 41.71
C GLY C 66 -6.30 -0.33 40.20
N LEU C 67 -5.30 -0.86 39.49
CA LEU C 67 -5.36 -0.99 38.02
C LEU C 67 -5.87 -2.33 37.47
N LEU C 68 -6.20 -3.28 38.36
CA LEU C 68 -6.72 -4.60 37.94
C LEU C 68 -8.24 -4.67 38.02
N GLY C 69 -8.86 -5.23 36.99
CA GLY C 69 -10.32 -5.32 36.90
C GLY C 69 -11.01 -3.99 37.12
N PRO C 70 -10.55 -2.94 36.41
CA PRO C 70 -10.93 -1.57 36.73
C PRO C 70 -12.42 -1.28 36.68
N THR C 71 -13.18 -2.06 35.92
CA THR C 71 -14.63 -1.84 35.87
C THR C 71 -15.42 -2.67 36.90
N ILE C 72 -14.71 -3.47 37.69
CA ILE C 72 -15.33 -4.26 38.77
C ILE C 72 -15.69 -3.31 39.93
N PRO C 73 -16.94 -3.35 40.42
CA PRO C 73 -17.34 -2.39 41.46
C PRO C 73 -16.49 -2.45 42.74
N GLU C 74 -16.58 -1.39 43.54
CA GLU C 74 -15.95 -1.37 44.86
C GLU C 74 -16.47 -2.47 45.80
N GLN C 75 -17.76 -2.78 45.69
CA GLN C 75 -18.40 -3.86 46.42
C GLN C 75 -17.57 -5.12 46.49
N TYR C 76 -16.96 -5.51 45.37
CA TYR C 76 -16.18 -6.74 45.28
C TYR C 76 -14.67 -6.50 45.24
N GLY C 77 -14.25 -5.29 45.59
CA GLY C 77 -12.82 -4.98 45.72
C GLY C 77 -12.22 -4.31 44.49
N GLY C 78 -13.02 -4.12 43.45
CA GLY C 78 -12.55 -3.42 42.26
C GLY C 78 -12.56 -1.94 42.50
N PRO C 79 -11.89 -1.16 41.62
CA PRO C 79 -11.81 0.29 41.84
C PRO C 79 -13.01 1.07 41.34
N GLY C 80 -13.95 0.40 40.69
CA GLY C 80 -15.18 1.04 40.24
C GLY C 80 -14.99 2.06 39.12
N LEU C 81 -13.94 1.91 38.32
CA LEU C 81 -13.68 2.87 37.24
C LEU C 81 -14.59 2.54 36.04
N ASP C 82 -14.55 3.37 35.00
CA ASP C 82 -15.39 3.14 33.82
C ASP C 82 -14.61 2.57 32.62
N TYR C 83 -15.30 2.29 31.52
CA TYR C 83 -14.66 1.65 30.35
C TYR C 83 -13.54 2.49 29.76
N VAL C 84 -13.76 3.80 29.73
CA VAL C 84 -12.75 4.72 29.23
C VAL C 84 -11.48 4.60 30.04
N SER C 85 -11.59 4.59 31.36
CA SER C 85 -10.44 4.44 32.25
C SER C 85 -9.71 3.11 32.07
N TYR C 86 -10.44 2.03 31.82
CA TYR C 86 -9.83 0.74 31.50
C TYR C 86 -8.98 0.89 30.23
N GLY C 87 -9.59 1.51 29.22
CA GLY C 87 -8.90 1.89 28.00
C GLY C 87 -7.61 2.63 28.25
N LEU C 88 -7.68 3.70 29.03
CA LEU C 88 -6.52 4.54 29.37
C LEU C 88 -5.41 3.72 30.03
N ILE C 89 -5.77 2.84 30.95
CA ILE C 89 -4.77 2.01 31.63
C ILE C 89 -4.05 1.10 30.65
N ALA C 90 -4.83 0.42 29.80
CA ALA C 90 -4.22 -0.52 28.83
C ALA C 90 -3.22 0.19 27.92
N ARG C 91 -3.60 1.40 27.51
CA ARG C 91 -2.79 2.23 26.64
C ARG C 91 -1.45 2.56 27.28
N GLU C 92 -1.43 2.86 28.58
CA GLU C 92 -0.17 3.19 29.24
C GLU C 92 0.74 1.97 29.44
N VAL C 93 0.15 0.81 29.72
CA VAL C 93 0.96 -0.40 29.88
C VAL C 93 1.59 -0.84 28.56
N GLU C 94 0.81 -0.81 27.50
CA GLU C 94 1.31 -1.29 26.19
C GLU C 94 2.23 -0.23 25.57
N ARG C 95 2.09 1.02 25.98
CA ARG C 95 3.06 2.06 25.58
C ARG C 95 4.47 1.57 25.92
N VAL C 96 4.60 0.85 27.04
CA VAL C 96 5.86 0.19 27.39
C VAL C 96 6.02 -1.16 26.68
N ASP C 97 5.10 -2.09 26.88
CA ASP C 97 5.18 -3.39 26.18
C ASP C 97 3.81 -4.09 26.15
N SER C 98 3.48 -4.70 25.00
CA SER C 98 2.25 -5.51 24.82
C SER C 98 2.18 -6.77 25.71
N GLY C 99 3.32 -7.38 25.96
CA GLY C 99 3.41 -8.53 26.88
C GLY C 99 2.87 -8.20 28.26
N TYR C 100 3.25 -7.05 28.79
CA TYR C 100 2.70 -6.61 30.06
C TYR C 100 1.20 -6.33 29.97
N ARG C 101 0.79 -5.74 28.85
CA ARG C 101 -0.61 -5.42 28.68
C ARG C 101 -1.41 -6.72 28.66
N SER C 102 -0.88 -7.72 27.96
CA SER C 102 -1.52 -9.04 27.84
C SER C 102 -1.79 -9.71 29.19
N MET C 103 -0.76 -9.77 30.03
CA MET C 103 -0.90 -10.32 31.39
C MET C 103 -2.03 -9.60 32.09
N MET C 104 -2.06 -8.28 31.88
CA MET C 104 -3.07 -7.41 32.46
C MET C 104 -4.47 -7.69 31.87
N SER C 105 -4.56 -7.92 30.57
CA SER C 105 -5.84 -8.20 29.90
C SER C 105 -6.49 -9.47 30.47
N VAL C 106 -5.66 -10.49 30.67
CA VAL C 106 -6.10 -11.78 31.23
C VAL C 106 -6.77 -11.57 32.58
N GLN C 107 -6.05 -10.96 33.50
CA GLN C 107 -6.55 -10.73 34.86
C GLN C 107 -7.88 -9.99 34.84
N SER C 108 -7.91 -8.84 34.16
CA SER C 108 -9.08 -7.98 34.23
C SER C 108 -10.24 -8.50 33.39
N SER C 109 -9.99 -8.82 32.12
CA SER C 109 -11.08 -9.12 31.19
C SER C 109 -11.43 -10.59 31.06
N LEU C 110 -10.46 -11.46 31.31
CA LEU C 110 -10.64 -12.89 31.10
C LEU C 110 -10.86 -13.67 32.40
N VAL C 111 -10.66 -13.04 33.57
CA VAL C 111 -10.89 -13.71 34.86
C VAL C 111 -11.88 -13.00 35.76
N MET C 112 -11.62 -11.72 36.02
CA MET C 112 -12.46 -10.96 36.92
C MET C 112 -13.81 -10.69 36.31
N VAL C 113 -13.84 -10.46 35.00
CA VAL C 113 -15.10 -10.18 34.30
C VAL C 113 -16.05 -11.38 34.30
N PRO C 114 -15.59 -12.58 33.90
CA PRO C 114 -16.52 -13.73 33.94
C PRO C 114 -17.03 -14.07 35.36
N ILE C 115 -16.15 -13.96 36.35
CA ILE C 115 -16.51 -14.25 37.72
C ILE C 115 -17.54 -13.24 38.18
N PHE C 116 -17.24 -11.96 37.98
CA PHE C 116 -18.23 -10.92 38.28
C PHE C 116 -19.55 -11.11 37.52
N GLU C 117 -19.46 -11.47 36.24
CA GLU C 117 -20.66 -11.46 35.38
C GLU C 117 -21.51 -12.70 35.57
N PHE C 118 -20.87 -13.84 35.79
CA PHE C 118 -21.57 -15.12 35.78
C PHE C 118 -21.41 -15.91 37.09
N GLY C 119 -20.64 -15.38 38.03
CA GLY C 119 -20.40 -16.07 39.28
C GLY C 119 -21.57 -16.03 40.24
N SER C 120 -21.53 -16.89 41.25
CA SER C 120 -22.40 -16.79 42.41
C SER C 120 -21.88 -15.69 43.30
N ASP C 121 -22.71 -15.22 44.24
CA ASP C 121 -22.28 -14.21 45.22
C ASP C 121 -21.11 -14.69 46.06
N ALA C 122 -21.06 -15.99 46.33
CA ALA C 122 -19.99 -16.57 47.11
C ALA C 122 -18.71 -16.62 46.29
N GLN C 123 -18.84 -16.94 45.01
CA GLN C 123 -17.69 -16.95 44.12
C GLN C 123 -17.17 -15.53 43.99
N LYS C 124 -18.10 -14.60 43.75
CA LYS C 124 -17.73 -13.20 43.57
C LYS C 124 -17.01 -12.67 44.82
N GLU C 125 -17.59 -12.87 46.01
CA GLU C 125 -16.99 -12.32 47.23
C GLU C 125 -15.69 -13.01 47.62
N LYS C 126 -15.50 -14.25 47.17
CA LYS C 126 -14.30 -15.01 47.47
C LYS C 126 -13.12 -14.65 46.58
N TYR C 127 -13.34 -14.61 45.27
CA TYR C 127 -12.22 -14.52 44.31
C TYR C 127 -11.82 -13.09 43.93
N LEU C 128 -12.81 -12.25 43.69
CA LEU C 128 -12.55 -10.92 43.16
C LEU C 128 -11.55 -10.08 43.97
N PRO C 129 -11.75 -9.97 45.31
CA PRO C 129 -10.82 -9.19 46.13
C PRO C 129 -9.35 -9.58 45.99
N LYS C 130 -9.06 -10.87 45.84
CA LYS C 130 -7.67 -11.33 45.78
C LYS C 130 -7.09 -11.15 44.38
N LEU C 131 -7.95 -11.21 43.38
CA LEU C 131 -7.57 -10.90 41.99
C LEU C 131 -7.32 -9.39 41.82
N ALA C 132 -8.21 -8.58 42.40
CA ALA C 132 -8.13 -7.12 42.32
C ALA C 132 -6.85 -6.57 42.91
N THR C 133 -6.35 -7.20 43.96
CA THR C 133 -5.13 -6.72 44.61
C THR C 133 -3.91 -7.39 44.02
N GLY C 134 -4.15 -8.41 43.20
CA GLY C 134 -3.07 -9.15 42.55
C GLY C 134 -2.47 -10.23 43.42
N GLU C 135 -3.13 -10.56 44.53
CA GLU C 135 -2.64 -11.62 45.41
C GLU C 135 -2.73 -12.96 44.70
N TRP C 136 -3.90 -13.24 44.15
CA TRP C 136 -4.04 -14.36 43.24
C TRP C 136 -3.96 -13.88 41.80
N ILE C 137 -3.12 -14.57 41.02
CA ILE C 137 -2.99 -14.34 39.58
C ILE C 137 -3.90 -15.33 38.82
N GLY C 138 -4.64 -14.82 37.83
CA GLY C 138 -5.58 -15.63 37.08
C GLY C 138 -5.04 -16.11 35.73
N CYS C 139 -5.71 -17.09 35.14
CA CYS C 139 -5.55 -17.40 33.71
C CYS C 139 -6.88 -17.87 33.13
N PHE C 140 -6.93 -18.03 31.80
CA PHE C 140 -8.20 -18.24 31.07
C PHE C 140 -8.07 -19.42 30.11
N GLY C 141 -8.91 -20.43 30.31
CA GLY C 141 -8.78 -21.71 29.59
C GLY C 141 -9.88 -21.95 28.57
N LEU C 142 -9.59 -21.61 27.32
CA LEU C 142 -10.54 -21.78 26.21
C LEU C 142 -9.89 -22.51 25.05
N THR C 143 -8.81 -21.92 24.53
CA THR C 143 -8.11 -22.42 23.37
C THR C 143 -7.47 -23.80 23.61
N GLU C 144 -7.66 -24.70 22.65
CA GLU C 144 -7.11 -26.06 22.67
C GLU C 144 -6.27 -26.27 21.42
N PRO C 145 -5.38 -27.29 21.40
CA PRO C 145 -4.52 -27.53 20.23
C PRO C 145 -5.21 -27.95 18.90
N ASN C 146 -6.51 -28.23 18.89
CA ASN C 146 -7.24 -28.54 17.65
C ASN C 146 -6.71 -29.74 16.88
N GLY C 152 -19.57 -24.22 20.15
CA GLY C 152 -18.16 -24.51 19.82
C GLY C 152 -17.87 -26.00 19.78
N SER C 153 -16.73 -26.35 19.17
CA SER C 153 -16.29 -27.74 18.99
C SER C 153 -15.06 -28.09 19.86
N MET C 154 -15.16 -27.82 21.16
CA MET C 154 -14.04 -28.04 22.08
C MET C 154 -14.04 -29.46 22.67
N VAL C 155 -12.85 -29.91 23.08
CA VAL C 155 -12.64 -31.28 23.54
C VAL C 155 -12.71 -31.40 25.06
N THR C 156 -12.20 -30.41 25.79
CA THR C 156 -12.16 -30.50 27.25
C THR C 156 -13.57 -30.69 27.79
N ARG C 157 -13.70 -31.64 28.70
CA ARG C 157 -15.01 -32.10 29.13
C ARG C 157 -15.07 -32.23 30.64
N ALA C 158 -16.28 -32.02 31.18
CA ALA C 158 -16.54 -32.16 32.60
C ALA C 158 -17.63 -33.23 32.79
N ARG C 159 -17.25 -34.36 33.39
CA ARG C 159 -18.19 -35.42 33.74
C ARG C 159 -18.71 -35.21 35.16
N LYS C 160 -20.03 -35.30 35.35
CA LYS C 160 -20.64 -35.08 36.66
C LYS C 160 -20.32 -36.23 37.61
N VAL C 161 -19.96 -35.91 38.85
CA VAL C 161 -19.54 -36.91 39.83
C VAL C 161 -20.05 -36.56 41.23
N PRO C 162 -19.98 -37.51 42.18
CA PRO C 162 -20.35 -37.23 43.56
C PRO C 162 -19.72 -35.94 44.10
N GLY C 163 -20.58 -34.96 44.41
CA GLY C 163 -20.13 -33.62 44.78
C GLY C 163 -20.39 -32.67 43.62
N GLY C 164 -19.37 -32.49 42.77
CA GLY C 164 -19.46 -31.57 41.63
C GLY C 164 -19.21 -32.19 40.27
N TYR C 165 -17.99 -31.99 39.76
CA TYR C 165 -17.63 -32.35 38.38
C TYR C 165 -16.18 -32.82 38.29
N SER C 166 -15.89 -33.51 37.19
CA SER C 166 -14.55 -34.03 36.94
C SER C 166 -14.13 -33.58 35.54
N LEU C 167 -13.10 -32.74 35.48
CA LEU C 167 -12.66 -32.13 34.23
C LEU C 167 -11.43 -32.85 33.68
N SER C 168 -11.44 -33.12 32.37
CA SER C 168 -10.27 -33.68 31.71
C SER C 168 -10.05 -33.04 30.35
N GLY C 169 -8.80 -32.71 30.06
CA GLY C 169 -8.43 -32.07 28.80
C GLY C 169 -7.14 -31.29 28.86
N SER C 170 -6.88 -30.54 27.79
CA SER C 170 -5.75 -29.62 27.74
C SER C 170 -6.17 -28.28 27.12
N LYS C 171 -5.56 -27.21 27.58
CA LYS C 171 -5.67 -25.91 26.92
C LYS C 171 -4.25 -25.45 26.65
N MET C 172 -4.10 -24.67 25.59
CA MET C 172 -2.79 -24.35 25.03
C MET C 172 -2.66 -22.84 24.76
N TRP C 173 -1.42 -22.33 24.82
CA TRP C 173 -1.14 -20.90 24.65
C TRP C 173 -1.93 -20.05 25.63
N ILE C 174 -1.90 -20.44 26.91
CA ILE C 174 -2.68 -19.75 27.94
C ILE C 174 -1.78 -18.81 28.71
N THR C 175 -1.94 -17.51 28.49
CA THR C 175 -1.10 -16.52 29.19
C THR C 175 -1.35 -16.61 30.69
N ASN C 176 -0.27 -16.53 31.48
CA ASN C 176 -0.30 -16.54 32.95
C ASN C 176 -0.37 -17.93 33.63
N SER C 177 -0.63 -19.01 32.87
CA SER C 177 -0.91 -20.31 33.51
C SER C 177 0.25 -20.88 34.34
N PRO C 178 1.51 -20.64 33.95
CA PRO C 178 2.60 -21.16 34.81
C PRO C 178 2.83 -20.40 36.12
N ILE C 179 2.01 -19.38 36.39
CA ILE C 179 2.08 -18.65 37.65
C ILE C 179 0.69 -18.37 38.21
N ALA C 180 -0.33 -19.03 37.67
CA ALA C 180 -1.70 -18.73 38.07
C ALA C 180 -2.12 -19.45 39.36
N ASP C 181 -3.03 -18.82 40.10
CA ASP C 181 -3.67 -19.40 41.29
C ASP C 181 -5.14 -19.73 41.03
N VAL C 182 -5.77 -18.97 40.15
CA VAL C 182 -7.17 -19.18 39.78
C VAL C 182 -7.23 -19.43 38.27
N PHE C 183 -7.86 -20.53 37.89
CA PHE C 183 -7.98 -20.96 36.50
C PHE C 183 -9.44 -20.90 36.16
N VAL C 184 -9.81 -20.14 35.13
CA VAL C 184 -11.17 -20.11 34.66
C VAL C 184 -11.22 -20.94 33.38
N VAL C 185 -11.52 -22.23 33.54
CA VAL C 185 -11.55 -23.17 32.43
C VAL C 185 -12.94 -23.28 31.83
N TRP C 186 -12.98 -23.32 30.50
CA TRP C 186 -14.21 -23.53 29.76
C TRP C 186 -14.22 -24.96 29.21
N ALA C 187 -15.29 -25.70 29.49
CA ALA C 187 -15.40 -27.10 29.08
C ALA C 187 -16.85 -27.48 28.86
N LYS C 188 -17.08 -28.60 28.18
CA LYS C 188 -18.44 -29.00 27.80
C LYS C 188 -19.10 -29.85 28.88
N LEU C 189 -20.37 -29.56 29.15
CA LEU C 189 -21.17 -30.32 30.12
C LEU C 189 -22.43 -30.89 29.44
N ASP C 190 -22.64 -32.20 29.59
CA ASP C 190 -23.79 -32.88 29.00
C ASP C 190 -24.93 -32.88 30.02
N GLU C 191 -25.84 -31.92 29.88
CA GLU C 191 -26.79 -31.59 30.96
C GLU C 191 -28.01 -32.51 30.99
N ASP C 192 -28.68 -32.62 29.84
CA ASP C 192 -29.89 -33.44 29.73
C ASP C 192 -30.26 -33.66 28.28
N GLY C 193 -30.56 -32.56 27.58
CA GLY C 193 -31.01 -32.61 26.19
C GLY C 193 -29.90 -32.35 25.17
N ARG C 194 -29.01 -31.40 25.49
CA ARG C 194 -27.81 -31.18 24.68
C ARG C 194 -26.58 -30.84 25.53
N ASP C 195 -25.42 -30.86 24.86
CA ASP C 195 -24.13 -30.58 25.45
C ASP C 195 -23.81 -29.10 25.27
N GLU C 196 -23.59 -28.37 26.37
CA GLU C 196 -23.31 -26.94 26.33
C GLU C 196 -21.98 -26.58 26.99
N ILE C 197 -21.39 -25.46 26.57
CA ILE C 197 -20.14 -24.94 27.14
C ILE C 197 -20.42 -24.28 28.49
N ARG C 198 -19.64 -24.67 29.51
CA ARG C 198 -19.78 -24.11 30.84
C ARG C 198 -18.42 -23.69 31.36
N GLY C 199 -18.41 -22.83 32.38
CA GLY C 199 -17.17 -22.31 32.96
C GLY C 199 -16.88 -22.83 34.36
N PHE C 200 -15.60 -23.07 34.64
CA PHE C 200 -15.16 -23.65 35.92
C PHE C 200 -14.00 -22.88 36.55
N ILE C 201 -14.15 -22.56 37.83
CA ILE C 201 -13.05 -22.02 38.64
C ILE C 201 -12.28 -23.17 39.29
N LEU C 202 -11.02 -23.32 38.91
CA LEU C 202 -10.13 -24.27 39.57
C LEU C 202 -9.07 -23.46 40.28
N GLU C 203 -8.59 -23.98 41.41
CA GLU C 203 -7.53 -23.34 42.18
C GLU C 203 -6.23 -24.12 41.99
N LYS C 204 -5.09 -23.45 42.10
CA LYS C 204 -3.79 -24.08 41.94
C LYS C 204 -3.57 -25.09 43.07
N GLY C 205 -2.82 -26.16 42.77
CA GLY C 205 -2.60 -27.24 43.74
C GLY C 205 -3.61 -28.38 43.65
N CYS C 206 -4.78 -28.11 43.04
CA CYS C 206 -5.75 -29.13 42.69
C CYS C 206 -5.08 -30.29 41.94
N LYS C 207 -5.38 -31.53 42.34
CA LYS C 207 -4.73 -32.70 41.72
C LYS C 207 -5.28 -32.93 40.31
N GLY C 208 -4.36 -33.27 39.40
CA GLY C 208 -4.69 -33.41 37.99
C GLY C 208 -4.41 -32.15 37.17
N LEU C 209 -4.12 -31.04 37.87
CA LEU C 209 -3.90 -29.74 37.23
C LEU C 209 -2.41 -29.45 37.11
N SER C 210 -1.89 -29.52 35.87
CA SER C 210 -0.55 -29.05 35.56
C SER C 210 -0.67 -27.79 34.72
N ALA C 211 0.39 -26.99 34.72
CA ALA C 211 0.47 -25.81 33.87
C ALA C 211 1.92 -25.51 33.53
N PRO C 212 2.56 -26.39 32.74
CA PRO C 212 3.94 -26.16 32.33
C PRO C 212 4.04 -25.03 31.31
N ALA C 213 5.21 -24.42 31.23
CA ALA C 213 5.43 -23.24 30.41
C ALA C 213 5.56 -23.54 28.93
N ILE C 214 5.44 -22.50 28.11
CA ILE C 214 5.82 -22.54 26.71
C ILE C 214 7.04 -21.62 26.60
N HIS C 215 8.12 -22.12 26.01
CA HIS C 215 9.36 -21.37 25.86
C HIS C 215 9.71 -21.19 24.39
N GLY C 216 10.47 -20.13 24.10
CA GLY C 216 10.91 -19.84 22.73
C GLY C 216 9.93 -19.06 21.86
N LYS C 217 9.13 -18.19 22.47
CA LYS C 217 8.16 -17.37 21.72
C LYS C 217 8.91 -16.30 20.92
N VAL C 218 8.46 -16.05 19.69
CA VAL C 218 9.09 -15.04 18.84
C VAL C 218 8.71 -13.63 19.30
N GLY C 219 7.52 -13.48 19.84
CA GLY C 219 7.01 -12.19 20.30
C GLY C 219 6.20 -12.34 21.55
N LEU C 220 5.88 -11.20 22.19
CA LEU C 220 5.25 -11.18 23.53
C LEU C 220 6.06 -11.97 24.56
N ARG C 221 7.38 -11.88 24.45
CA ARG C 221 8.31 -12.60 25.31
C ARG C 221 8.26 -12.16 26.77
N ALA C 222 7.91 -10.90 27.02
CA ALA C 222 7.82 -10.38 28.38
C ALA C 222 6.68 -11.00 29.16
N SER C 223 5.77 -11.70 28.48
CA SER C 223 4.65 -12.36 29.16
C SER C 223 4.92 -13.86 29.21
N ILE C 224 4.45 -14.48 30.28
CA ILE C 224 4.64 -15.91 30.46
C ILE C 224 3.36 -16.62 30.05
N THR C 225 3.54 -17.64 29.21
CA THR C 225 2.44 -18.41 28.62
C THR C 225 2.66 -19.88 28.92
N GLY C 226 1.58 -20.64 29.01
CA GLY C 226 1.69 -22.08 29.20
C GLY C 226 0.47 -22.88 28.78
N GLU C 227 0.49 -24.16 29.16
CA GLU C 227 -0.63 -25.07 28.95
C GLU C 227 -1.48 -25.09 30.22
N ILE C 228 -2.72 -25.53 30.10
CA ILE C 228 -3.46 -26.01 31.25
C ILE C 228 -3.74 -27.47 30.95
N VAL C 229 -3.24 -28.35 31.81
CA VAL C 229 -3.38 -29.80 31.63
C VAL C 229 -4.32 -30.35 32.69
N LEU C 230 -5.43 -30.95 32.27
CA LEU C 230 -6.43 -31.45 33.20
C LEU C 230 -6.66 -32.95 32.99
N ASP C 231 -6.29 -33.74 34.00
CA ASP C 231 -6.43 -35.18 34.00
C ASP C 231 -7.27 -35.58 35.20
N GLU C 232 -8.58 -35.72 34.99
CA GLU C 232 -9.52 -36.03 36.05
C GLU C 232 -9.30 -35.08 37.23
N ALA C 233 -9.57 -33.80 37.00
CA ALA C 233 -9.41 -32.79 38.05
C ALA C 233 -10.78 -32.53 38.65
N PHE C 234 -10.90 -32.61 39.98
CA PHE C 234 -12.20 -32.46 40.62
C PHE C 234 -12.54 -31.01 40.91
N VAL C 235 -13.75 -30.60 40.54
CA VAL C 235 -14.25 -29.27 40.87
C VAL C 235 -15.58 -29.40 41.59
N PRO C 236 -15.66 -28.92 42.85
CA PRO C 236 -16.91 -29.07 43.61
C PRO C 236 -18.03 -28.21 43.02
N GLU C 237 -19.29 -28.56 43.28
CA GLU C 237 -20.43 -27.82 42.72
C GLU C 237 -20.33 -26.31 42.91
N GLU C 238 -19.78 -25.89 44.05
CA GLU C 238 -19.63 -24.46 44.36
C GLU C 238 -18.66 -23.71 43.41
N ASN C 239 -17.91 -24.43 42.57
CA ASN C 239 -16.95 -23.82 41.65
C ASN C 239 -17.27 -23.98 40.15
N ILE C 240 -18.54 -24.16 39.83
CA ILE C 240 -19.03 -23.96 38.45
C ILE C 240 -19.75 -22.60 38.41
N LEU C 241 -19.70 -21.93 37.26
CA LEU C 241 -20.37 -20.64 37.08
C LEU C 241 -21.84 -20.88 36.82
N PRO C 242 -22.70 -20.42 37.74
CA PRO C 242 -24.12 -20.77 37.57
C PRO C 242 -24.87 -19.94 36.54
N HIS C 243 -24.40 -18.72 36.25
CA HIS C 243 -25.23 -17.78 35.51
C HIS C 243 -24.87 -17.60 34.04
N VAL C 244 -24.35 -18.65 33.39
CA VAL C 244 -24.11 -18.61 31.95
C VAL C 244 -23.95 -20.00 31.34
N LYS C 245 -24.48 -20.16 30.13
CA LYS C 245 -24.20 -21.36 29.31
C LYS C 245 -23.90 -20.99 27.87
N GLY C 246 -22.98 -21.73 27.24
CA GLY C 246 -22.66 -21.55 25.82
C GLY C 246 -21.67 -20.43 25.52
N LEU C 247 -21.67 -19.98 24.26
CA LEU C 247 -20.70 -19.02 23.70
C LEU C 247 -20.61 -17.70 24.49
N ARG C 248 -21.76 -17.20 24.92
CA ARG C 248 -21.88 -15.96 25.72
C ARG C 248 -20.85 -15.83 26.85
N GLY C 249 -20.49 -16.94 27.46
CA GLY C 249 -19.51 -16.98 28.52
C GLY C 249 -18.12 -16.58 28.04
N PRO C 250 -17.48 -17.44 27.24
CA PRO C 250 -16.17 -17.07 26.72
C PRO C 250 -16.16 -15.78 25.89
N PHE C 251 -17.21 -15.55 25.11
CA PHE C 251 -17.25 -14.41 24.21
C PHE C 251 -17.34 -13.06 24.93
N THR C 252 -18.05 -13.03 26.06
CA THR C 252 -18.11 -11.80 26.85
C THR C 252 -16.70 -11.40 27.25
N CYS C 253 -15.91 -12.38 27.66
CA CYS C 253 -14.54 -12.17 28.08
C CYS C 253 -13.62 -11.64 26.97
N LEU C 254 -13.74 -12.23 25.78
CA LEU C 254 -12.93 -11.86 24.61
C LEU C 254 -13.32 -10.46 24.10
N ASN C 255 -14.60 -10.13 24.17
CA ASN C 255 -15.10 -8.83 23.76
C ASN C 255 -14.50 -7.74 24.64
N SER C 256 -14.51 -7.96 25.96
CA SER C 256 -13.92 -7.02 26.91
C SER C 256 -12.41 -6.91 26.72
N ALA C 257 -11.75 -8.04 26.54
CA ALA C 257 -10.30 -8.04 26.34
C ALA C 257 -9.93 -7.28 25.05
N ARG C 258 -10.71 -7.48 24.00
CA ARG C 258 -10.44 -6.82 22.71
C ARG C 258 -10.61 -5.32 22.81
N TYR C 259 -11.62 -4.87 23.56
CA TYR C 259 -11.79 -3.46 23.82
C TYR C 259 -10.51 -2.83 24.43
N GLY C 260 -9.92 -3.51 25.41
CA GLY C 260 -8.70 -3.03 26.05
C GLY C 260 -7.51 -3.06 25.10
N ILE C 261 -7.46 -4.10 24.27
CA ILE C 261 -6.39 -4.22 23.27
C ILE C 261 -6.53 -3.09 22.22
N ALA C 262 -7.77 -2.74 21.88
CA ALA C 262 -8.04 -1.63 20.95
C ALA C 262 -7.42 -0.32 21.45
N TRP C 263 -7.53 -0.06 22.75
CA TRP C 263 -6.77 1.08 23.36
C TRP C 263 -5.29 0.82 23.45
N GLY C 264 -4.92 -0.37 23.91
CA GLY C 264 -3.53 -0.69 24.16
C GLY C 264 -2.62 -0.64 22.92
N ALA C 265 -3.13 -1.12 21.77
CA ALA C 265 -2.32 -1.12 20.54
C ALA C 265 -1.93 0.31 20.14
N LEU C 266 -2.81 1.28 20.39
CA LEU C 266 -2.49 2.69 20.10
C LEU C 266 -1.38 3.26 21.00
N GLY C 267 -1.25 2.72 22.21
CA GLY C 267 -0.13 3.07 23.09
C GLY C 267 1.21 2.70 22.48
N ALA C 268 1.31 1.46 21.99
CA ALA C 268 2.54 1.00 21.33
C ALA C 268 2.82 1.76 20.01
N ALA C 269 1.77 2.11 19.26
CA ALA C 269 1.92 2.91 18.06
C ALA C 269 2.50 4.27 18.40
N GLU C 270 2.00 4.89 19.48
CA GLU C 270 2.48 6.18 19.92
C GLU C 270 3.96 6.10 20.28
N SER C 271 4.34 5.07 21.03
CA SER C 271 5.75 4.88 21.37
C SER C 271 6.62 4.81 20.14
N CYS C 272 6.20 4.03 19.15
CA CYS C 272 6.95 3.94 17.89
C CYS C 272 7.03 5.29 17.17
N TRP C 273 5.90 5.99 17.13
CA TRP C 273 5.85 7.31 16.53
C TRP C 273 6.83 8.28 17.21
N HIS C 274 6.76 8.38 18.53
CA HIS C 274 7.58 9.34 19.26
C HIS C 274 9.07 9.07 19.08
N ILE C 275 9.43 7.80 19.04
CA ILE C 275 10.80 7.39 18.80
C ILE C 275 11.25 7.76 17.39
N ALA C 276 10.43 7.46 16.39
CA ALA C 276 10.76 7.79 15.01
C ALA C 276 10.94 9.29 14.84
N ARG C 277 10.06 10.06 15.48
CA ARG C 277 10.12 11.52 15.45
C ARG C 277 11.41 12.05 16.10
N GLN C 278 11.68 11.63 17.34
CA GLN C 278 12.86 12.08 18.06
C GLN C 278 14.12 11.68 17.29
N TYR C 279 14.12 10.48 16.72
CA TYR C 279 15.27 10.01 15.95
C TYR C 279 15.61 10.91 14.77
N VAL C 280 14.60 11.28 13.99
CA VAL C 280 14.89 12.04 12.78
C VAL C 280 15.19 13.51 13.10
N LEU C 281 14.75 13.97 14.28
CA LEU C 281 15.18 15.27 14.82
C LEU C 281 16.65 15.28 15.23
N ASP C 282 17.09 14.21 15.90
CA ASP C 282 18.47 14.07 16.43
C ASP C 282 19.52 13.77 15.35
N ARG C 283 19.16 13.01 14.33
CA ARG C 283 20.13 12.64 13.29
C ARG C 283 20.27 13.70 12.21
N LYS C 284 21.43 13.68 11.57
CA LYS C 284 21.80 14.57 10.47
C LYS C 284 22.14 13.72 9.26
N GLN C 285 21.97 14.28 8.07
CA GLN C 285 22.36 13.60 6.82
C GLN C 285 22.55 14.61 5.72
N PHE C 286 23.47 14.31 4.79
CA PHE C 286 23.76 15.15 3.61
C PHE C 286 23.46 16.64 3.78
N GLY C 287 23.81 17.20 4.93
CA GLY C 287 23.49 18.59 5.27
C GLY C 287 22.57 18.70 6.47
N ARG C 288 21.27 18.54 6.22
CA ARG C 288 20.22 18.86 7.21
C ARG C 288 19.93 17.72 8.20
N PRO C 289 19.07 18.00 9.20
CA PRO C 289 18.48 16.90 9.96
C PRO C 289 17.54 16.05 9.08
N LEU C 290 17.33 14.80 9.46
CA LEU C 290 16.50 13.88 8.69
C LEU C 290 15.06 14.37 8.62
N ALA C 291 14.61 15.04 9.68
CA ALA C 291 13.25 15.60 9.77
C ALA C 291 12.94 16.59 8.65
N ALA C 292 13.99 17.05 7.95
CA ALA C 292 13.85 18.01 6.86
C ALA C 292 13.40 17.36 5.54
N ASN C 293 13.55 16.03 5.42
CA ASN C 293 13.13 15.29 4.21
C ASN C 293 11.62 15.14 4.15
N GLN C 294 11.08 15.38 2.97
CA GLN C 294 9.66 15.32 2.71
C GLN C 294 9.12 13.91 2.90
N LEU C 295 9.88 12.88 2.47
CA LEU C 295 9.46 11.48 2.64
C LEU C 295 9.28 11.13 4.11
N ILE C 296 10.20 11.61 4.94
CA ILE C 296 10.12 11.44 6.38
C ILE C 296 8.90 12.15 6.93
N GLN C 297 8.69 13.38 6.49
CA GLN C 297 7.54 14.17 6.92
C GLN C 297 6.21 13.49 6.63
N LYS C 298 6.05 12.94 5.42
CA LYS C 298 4.82 12.23 5.09
C LYS C 298 4.59 11.09 6.06
N LYS C 299 5.63 10.29 6.29
CA LYS C 299 5.51 9.17 7.20
C LYS C 299 5.06 9.62 8.58
N LEU C 300 5.61 10.74 9.06
CA LEU C 300 5.29 11.23 10.39
C LEU C 300 3.85 11.77 10.45
N ALA C 301 3.39 12.36 9.36
CA ALA C 301 2.00 12.85 9.21
C ALA C 301 1.00 11.69 9.16
N ASP C 302 1.36 10.61 8.47
CA ASP C 302 0.50 9.41 8.43
C ASP C 302 0.35 8.77 9.82
N MET C 303 1.46 8.62 10.56
CA MET C 303 1.44 8.15 11.95
C MET C 303 0.53 8.97 12.85
N GLN C 304 0.76 10.28 12.83
CA GLN C 304 -0.06 11.20 13.63
C GLN C 304 -1.55 11.09 13.33
N THR C 305 -1.88 11.02 12.05
CA THR C 305 -3.27 10.94 11.59
C THR C 305 -3.95 9.68 12.08
N GLU C 306 -3.33 8.53 11.85
CA GLU C 306 -3.96 7.25 12.18
C GLU C 306 -4.08 7.09 13.71
N ILE C 307 -3.08 7.53 14.45
CA ILE C 307 -3.17 7.47 15.90
C ILE C 307 -4.28 8.40 16.44
N THR C 308 -4.34 9.61 15.91
CA THR C 308 -5.30 10.62 16.36
C THR C 308 -6.75 10.16 16.10
N LEU C 309 -6.97 9.62 14.91
CA LEU C 309 -8.27 9.11 14.54
C LEU C 309 -8.64 7.84 15.28
N GLY C 310 -7.65 6.96 15.49
CA GLY C 310 -7.85 5.72 16.19
C GLY C 310 -8.32 5.98 17.60
N LEU C 311 -7.70 6.97 18.24
CA LEU C 311 -8.02 7.37 19.60
C LEU C 311 -9.43 7.92 19.75
N GLN C 312 -9.89 8.74 18.80
CA GLN C 312 -11.28 9.22 18.81
C GLN C 312 -12.22 8.02 18.71
N GLY C 313 -11.83 7.03 17.92
CA GLY C 313 -12.65 5.82 17.75
C GLY C 313 -12.84 5.07 19.05
N VAL C 314 -11.74 4.78 19.74
CA VAL C 314 -11.80 4.04 21.00
C VAL C 314 -12.42 4.88 22.12
N LEU C 315 -12.15 6.18 22.16
CA LEU C 315 -12.80 7.04 23.14
C LEU C 315 -14.30 6.94 22.99
N ARG C 316 -14.78 7.15 21.76
CA ARG C 316 -16.21 7.06 21.48
C ARG C 316 -16.79 5.68 21.81
N LEU C 317 -16.10 4.61 21.46
CA LEU C 317 -16.55 3.24 21.84
C LEU C 317 -16.74 3.10 23.36
N GLY C 318 -15.76 3.55 24.14
CA GLY C 318 -15.84 3.52 25.61
C GLY C 318 -16.99 4.35 26.17
N ARG C 319 -17.22 5.52 25.61
CA ARG C 319 -18.36 6.34 26.00
C ARG C 319 -19.66 5.60 25.76
N MET C 320 -19.75 4.92 24.62
CA MET C 320 -20.95 4.20 24.25
C MET C 320 -21.20 2.99 25.18
N LYS C 321 -20.11 2.35 25.61
CA LYS C 321 -20.21 1.18 26.48
C LYS C 321 -20.67 1.59 27.89
N ASP C 322 -20.14 2.70 28.41
CA ASP C 322 -20.62 3.27 29.67
C ASP C 322 -22.10 3.64 29.58
N GLU C 323 -22.55 4.15 28.44
CA GLU C 323 -23.98 4.41 28.25
C GLU C 323 -24.81 3.13 28.02
N GLY C 324 -24.15 2.00 27.76
CA GLY C 324 -24.86 0.79 27.35
C GLY C 324 -25.39 0.78 25.91
N THR C 325 -24.84 1.64 25.04
CA THR C 325 -25.35 1.80 23.67
C THR C 325 -24.47 1.16 22.58
N ALA C 326 -23.43 0.44 22.99
CA ALA C 326 -22.45 -0.11 22.06
C ALA C 326 -22.71 -1.58 21.78
N ALA C 327 -23.07 -1.91 20.54
CA ALA C 327 -23.15 -3.31 20.13
C ALA C 327 -21.74 -3.88 20.03
N VAL C 328 -21.68 -5.20 20.13
CA VAL C 328 -20.41 -5.94 20.13
C VAL C 328 -19.56 -5.73 18.86
N GLU C 329 -20.21 -5.54 17.71
CA GLU C 329 -19.53 -5.41 16.42
C GLU C 329 -18.62 -4.17 16.33
N ILE C 330 -18.92 -3.16 17.13
CA ILE C 330 -18.11 -1.95 17.14
C ILE C 330 -16.71 -2.27 17.67
N THR C 331 -16.63 -3.23 18.60
CA THR C 331 -15.34 -3.66 19.13
C THR C 331 -14.46 -4.24 18.02
N SER C 332 -15.05 -5.01 17.12
CA SER C 332 -14.32 -5.52 15.95
C SER C 332 -13.66 -4.41 15.12
N ILE C 333 -14.41 -3.30 14.92
CA ILE C 333 -13.89 -2.16 14.15
C ILE C 333 -12.62 -1.63 14.80
N MET C 334 -12.71 -1.32 16.09
CA MET C 334 -11.60 -0.64 16.79
C MET C 334 -10.41 -1.55 17.09
N LYS C 335 -10.69 -2.79 17.47
CA LYS C 335 -9.63 -3.77 17.70
C LYS C 335 -8.83 -3.99 16.43
N ARG C 336 -9.55 -4.26 15.34
CA ARG C 336 -8.89 -4.52 14.07
C ARG C 336 -8.08 -3.31 13.60
N ASN C 337 -8.70 -2.13 13.67
CA ASN C 337 -8.05 -0.89 13.25
C ASN C 337 -6.80 -0.59 14.09
N SER C 338 -6.98 -0.55 15.41
CA SER C 338 -5.88 -0.24 16.30
C SER C 338 -4.71 -1.18 16.08
N CYS C 339 -4.98 -2.49 16.00
CA CYS C 339 -3.89 -3.44 15.81
C CYS C 339 -3.20 -3.34 14.45
N GLY C 340 -3.99 -3.20 13.38
CA GLY C 340 -3.45 -3.17 12.03
C GLY C 340 -2.69 -1.88 11.77
N LYS C 341 -3.25 -0.76 12.22
CA LYS C 341 -2.59 0.54 12.12
C LYS C 341 -1.31 0.59 12.99
N ALA C 342 -1.37 0.04 14.19
CA ALA C 342 -0.18 0.00 15.05
C ALA C 342 0.94 -0.82 14.39
N LEU C 343 0.60 -1.95 13.80
CA LEU C 343 1.56 -2.75 13.04
C LEU C 343 2.16 -1.99 11.86
N ASP C 344 1.31 -1.32 11.06
CA ASP C 344 1.83 -0.51 9.96
C ASP C 344 2.77 0.59 10.45
N ILE C 345 2.38 1.26 11.53
CA ILE C 345 3.19 2.31 12.11
C ILE C 345 4.50 1.79 12.70
N ALA C 346 4.43 0.64 13.36
CA ALA C 346 5.64 0.00 13.90
C ALA C 346 6.62 -0.37 12.79
N ARG C 347 6.11 -0.79 11.64
CA ARG C 347 6.96 -1.06 10.48
C ARG C 347 7.49 0.23 9.85
N LEU C 348 6.61 1.21 9.67
CA LEU C 348 7.02 2.49 9.09
C LEU C 348 8.17 3.06 9.92
N ALA C 349 8.02 3.00 11.24
CA ALA C 349 9.02 3.55 12.15
C ALA C 349 10.30 2.71 12.14
N ARG C 350 10.14 1.39 12.05
CA ARG C 350 11.31 0.50 11.93
C ARG C 350 12.13 0.88 10.71
N ASP C 351 11.45 1.10 9.59
CA ASP C 351 12.13 1.38 8.33
C ASP C 351 12.73 2.81 8.28
N MET C 352 12.45 3.64 9.27
CA MET C 352 13.10 4.95 9.41
C MET C 352 14.36 4.90 10.27
N LEU C 353 14.63 3.78 10.93
CA LEU C 353 15.72 3.72 11.91
C LEU C 353 16.99 3.04 11.39
N GLY C 354 18.13 3.69 11.63
CA GLY C 354 19.45 3.11 11.36
C GLY C 354 20.08 2.57 12.63
N GLY C 355 21.14 1.77 12.45
CA GLY C 355 22.05 1.39 13.54
C GLY C 355 21.67 0.25 14.47
N ASN C 356 21.25 -0.88 13.91
CA ASN C 356 21.06 -2.12 14.70
C ASN C 356 20.88 -1.95 16.22
N ASP C 360 18.94 1.92 21.78
CA ASP C 360 17.94 2.48 22.68
C ASP C 360 16.66 2.77 21.89
N GLU C 361 16.84 3.34 20.70
CA GLU C 361 15.78 3.43 19.69
C GLU C 361 15.13 2.08 19.40
N PHE C 362 15.84 0.97 19.61
CA PHE C 362 15.35 -0.34 19.16
C PHE C 362 14.32 -0.98 20.11
N GLY C 363 13.72 -0.16 20.96
CA GLY C 363 12.40 -0.43 21.49
C GLY C 363 11.36 -0.63 20.38
N VAL C 364 11.61 -0.03 19.22
CA VAL C 364 10.75 -0.19 18.04
C VAL C 364 10.75 -1.63 17.53
N ALA C 365 11.93 -2.25 17.42
CA ALA C 365 12.02 -3.65 16.98
C ALA C 365 11.24 -4.59 17.90
N ARG C 366 11.22 -4.26 19.20
CA ARG C 366 10.50 -5.02 20.20
C ARG C 366 8.98 -4.87 20.06
N HIS C 367 8.51 -3.61 20.07
CA HIS C 367 7.14 -3.28 19.72
C HIS C 367 6.69 -3.96 18.44
N LEU C 368 7.54 -3.93 17.42
CA LEU C 368 7.23 -4.51 16.13
C LEU C 368 6.95 -6.02 16.21
N VAL C 369 7.85 -6.78 16.84
CA VAL C 369 7.62 -8.22 16.97
C VAL C 369 6.44 -8.54 17.89
N ASN C 370 6.24 -7.76 18.96
CA ASN C 370 5.04 -7.88 19.74
C ASN C 370 3.79 -7.74 18.86
N LEU C 371 3.77 -6.68 18.06
CA LEU C 371 2.58 -6.37 17.27
C LEU C 371 2.35 -7.36 16.15
N GLU C 372 3.41 -7.96 15.63
CA GLU C 372 3.27 -9.02 14.64
C GLU C 372 2.48 -10.18 15.23
N VAL C 373 2.69 -10.46 16.53
CA VAL C 373 2.00 -11.55 17.19
C VAL C 373 0.59 -11.13 17.57
N VAL C 374 0.45 -9.91 18.06
CA VAL C 374 -0.85 -9.44 18.46
C VAL C 374 -1.81 -9.50 17.28
N ASN C 375 -1.31 -9.10 16.12
CA ASN C 375 -2.12 -9.07 14.89
C ASN C 375 -2.53 -10.41 14.32
N THR C 376 -1.87 -11.48 14.76
CA THR C 376 -2.19 -12.82 14.32
C THR C 376 -2.68 -13.72 15.47
N TYR C 377 -2.81 -13.17 16.68
CA TYR C 377 -3.22 -13.98 17.82
C TYR C 377 -4.61 -14.59 17.60
N GLU C 378 -5.53 -13.83 17.03
CA GLU C 378 -6.84 -14.36 16.68
C GLU C 378 -6.91 -14.99 15.26
N GLY C 379 -5.77 -15.37 14.71
CA GLY C 379 -5.72 -16.09 13.42
C GLY C 379 -5.21 -15.20 12.30
N THR C 380 -5.11 -15.77 11.11
CA THR C 380 -4.55 -15.08 9.96
C THR C 380 -5.63 -14.87 8.91
N HIS C 381 -6.89 -15.06 9.28
CA HIS C 381 -8.02 -14.96 8.35
C HIS C 381 -8.87 -13.70 8.57
N ASP C 382 -8.32 -12.71 9.26
CA ASP C 382 -8.98 -11.42 9.46
C ASP C 382 -10.43 -11.57 10.00
N ILE C 383 -10.55 -12.27 11.13
CA ILE C 383 -11.87 -12.60 11.67
C ILE C 383 -12.77 -11.37 11.92
N HIS C 384 -12.18 -10.24 12.28
CA HIS C 384 -12.95 -9.01 12.49
C HIS C 384 -13.51 -8.39 11.20
N ALA C 385 -12.71 -8.45 10.12
CA ALA C 385 -13.23 -8.17 8.78
C ALA C 385 -14.50 -8.97 8.46
N LEU C 386 -14.47 -10.26 8.81
CA LEU C 386 -15.56 -11.18 8.51
C LEU C 386 -16.78 -10.89 9.39
N ILE C 387 -16.55 -10.59 10.66
CA ILE C 387 -17.64 -10.15 11.55
C ILE C 387 -18.30 -8.90 10.97
N LEU C 388 -17.48 -7.97 10.46
CA LEU C 388 -18.00 -6.72 9.93
C LEU C 388 -18.68 -6.91 8.56
N GLY C 389 -18.10 -7.74 7.71
CA GLY C 389 -18.74 -8.05 6.43
C GLY C 389 -20.10 -8.70 6.61
N ARG C 390 -20.19 -9.70 7.49
CA ARG C 390 -21.49 -10.31 7.78
C ARG C 390 -22.47 -9.34 8.39
N ALA C 391 -22.01 -8.44 9.25
CA ALA C 391 -22.89 -7.42 9.83
C ALA C 391 -23.40 -6.38 8.80
N GLN C 392 -22.65 -6.19 7.71
CA GLN C 392 -23.09 -5.30 6.62
C GLN C 392 -24.04 -5.98 5.63
N THR C 393 -23.85 -7.28 5.42
CA THR C 393 -24.53 -8.01 4.35
C THR C 393 -25.47 -9.12 4.82
N GLY C 394 -25.29 -9.59 6.06
CA GLY C 394 -26.01 -10.74 6.59
C GLY C 394 -25.42 -12.08 6.18
N ILE C 395 -24.37 -12.08 5.34
CA ILE C 395 -23.80 -13.30 4.79
C ILE C 395 -22.45 -13.61 5.44
N GLN C 396 -22.32 -14.82 5.99
CA GLN C 396 -21.02 -15.29 6.45
C GLN C 396 -20.19 -15.65 5.22
N ALA C 397 -18.90 -15.34 5.26
CA ALA C 397 -17.95 -15.74 4.21
C ALA C 397 -17.45 -17.15 4.50
N PHE C 398 -17.30 -17.96 3.44
CA PHE C 398 -16.98 -19.39 3.60
C PHE C 398 -15.84 -19.82 2.67
N ALA D 7 -28.11 -7.23 23.39
CA ALA D 7 -27.31 -6.02 23.73
C ALA D 7 -27.92 -4.76 23.09
N ALA D 8 -27.08 -3.75 22.82
CA ALA D 8 -27.51 -2.58 22.07
C ALA D 8 -27.50 -2.99 20.60
N THR D 9 -28.25 -2.28 19.76
CA THR D 9 -28.35 -2.66 18.35
C THR D 9 -27.20 -2.09 17.51
N PHE D 10 -26.66 -2.92 16.60
CA PHE D 10 -25.58 -2.48 15.70
C PHE D 10 -26.12 -1.78 14.45
N HIS D 11 -25.62 -0.58 14.18
CA HIS D 11 -25.98 0.16 12.98
C HIS D 11 -24.80 0.15 12.01
N TRP D 12 -24.80 -0.77 11.05
CA TRP D 12 -23.67 -0.87 10.13
C TRP D 12 -23.42 0.47 9.42
N ASP D 13 -24.49 1.20 9.13
CA ASP D 13 -24.37 2.46 8.39
C ASP D 13 -23.97 3.64 9.30
N ASP D 14 -24.04 3.47 10.61
CA ASP D 14 -23.59 4.53 11.52
C ASP D 14 -23.16 3.91 12.84
N PRO D 15 -22.04 3.15 12.81
CA PRO D 15 -21.62 2.29 13.92
C PRO D 15 -21.42 3.00 15.22
N LEU D 16 -20.89 4.23 15.15
CA LEU D 16 -20.62 5.02 16.35
C LEU D 16 -21.75 5.98 16.69
N LEU D 17 -22.86 5.86 15.96
CA LEU D 17 -24.06 6.67 16.16
C LEU D 17 -23.80 8.18 16.13
N LEU D 18 -23.03 8.62 15.14
CA LEU D 18 -22.88 10.04 14.83
C LEU D 18 -24.21 10.81 14.95
N ASP D 19 -25.27 10.21 14.42
CA ASP D 19 -26.62 10.79 14.50
C ASP D 19 -27.01 11.23 15.91
N GLN D 20 -26.52 10.51 16.92
CA GLN D 20 -26.77 10.79 18.33
C GLN D 20 -25.73 11.60 19.07
N GLN D 21 -24.69 12.03 18.39
CA GLN D 21 -23.75 12.98 18.95
C GLN D 21 -24.06 14.38 18.41
N LEU D 22 -25.12 14.49 17.62
CA LEU D 22 -25.58 15.75 17.08
C LEU D 22 -26.66 16.39 17.96
N ALA D 23 -26.66 17.71 18.01
CA ALA D 23 -27.79 18.47 18.57
C ALA D 23 -28.95 18.39 17.59
N ASP D 24 -30.17 18.67 18.07
CA ASP D 24 -31.32 18.53 17.16
C ASP D 24 -31.36 19.57 16.04
N ASP D 25 -30.85 20.78 16.30
CA ASP D 25 -30.74 21.76 15.22
C ASP D 25 -29.75 21.31 14.11
N GLU D 26 -28.66 20.67 14.51
CA GLU D 26 -27.68 20.13 13.58
C GLU D 26 -28.28 19.02 12.75
N ARG D 27 -28.99 18.10 13.41
CA ARG D 27 -29.73 17.03 12.72
C ARG D 27 -30.80 17.56 11.74
N MET D 28 -31.50 18.61 12.15
CA MET D 28 -32.47 19.28 11.27
C MET D 28 -31.81 19.87 10.03
N VAL D 29 -30.69 20.58 10.22
CA VAL D 29 -29.94 21.11 9.08
C VAL D 29 -29.51 19.98 8.13
N ARG D 30 -28.95 18.90 8.68
CA ARG D 30 -28.55 17.73 7.88
C ARG D 30 -29.69 17.20 7.03
N ASP D 31 -30.83 17.01 7.69
CA ASP D 31 -32.05 16.47 7.05
C ASP D 31 -32.55 17.37 5.95
N ALA D 32 -32.55 18.67 6.19
CA ALA D 32 -32.94 19.60 5.15
C ALA D 32 -31.93 19.58 4.01
N ALA D 33 -30.63 19.52 4.33
CA ALA D 33 -29.61 19.46 3.27
C ALA D 33 -29.75 18.16 2.45
N HIS D 34 -30.10 17.08 3.13
CA HIS D 34 -30.33 15.80 2.46
C HIS D 34 -31.57 15.85 1.55
N ALA D 35 -32.67 16.38 2.07
CA ALA D 35 -33.90 16.50 1.26
C ALA D 35 -33.63 17.35 0.04
N TYR D 36 -32.93 18.48 0.21
CA TYR D 36 -32.61 19.31 -0.95
C TYR D 36 -31.73 18.61 -1.99
N ALA D 37 -30.57 18.10 -1.58
CA ALA D 37 -29.62 17.44 -2.50
C ALA D 37 -30.29 16.32 -3.30
N GLN D 38 -30.95 15.42 -2.58
CA GLN D 38 -31.53 14.23 -3.18
C GLN D 38 -32.71 14.63 -4.06
N GLY D 39 -33.49 15.61 -3.61
CA GLY D 39 -34.64 16.07 -4.37
C GLY D 39 -34.31 16.83 -5.63
N LYS D 40 -33.30 17.70 -5.56
CA LYS D 40 -33.05 18.69 -6.60
C LYS D 40 -31.70 18.52 -7.34
N LEU D 41 -30.68 18.00 -6.67
CA LEU D 41 -29.36 17.84 -7.32
C LEU D 41 -29.19 16.45 -7.95
N ALA D 42 -29.69 15.41 -7.27
CA ALA D 42 -29.56 14.04 -7.78
C ALA D 42 -30.18 13.87 -9.16
N PRO D 43 -31.35 14.51 -9.40
CA PRO D 43 -31.96 14.36 -10.74
C PRO D 43 -31.23 15.09 -11.83
N ARG D 44 -30.52 16.17 -11.47
CA ARG D 44 -29.74 16.93 -12.44
C ARG D 44 -28.34 16.36 -12.75
N VAL D 45 -27.78 15.58 -11.83
CA VAL D 45 -26.32 15.40 -11.82
C VAL D 45 -25.79 14.66 -13.03
N THR D 46 -26.46 13.58 -13.46
CA THR D 46 -25.97 12.79 -14.59
C THR D 46 -25.84 13.60 -15.88
N GLU D 47 -26.85 14.40 -16.22
CA GLU D 47 -26.75 15.24 -17.43
C GLU D 47 -25.84 16.46 -17.22
N ALA D 48 -25.89 17.06 -16.04
CA ALA D 48 -25.06 18.21 -15.71
C ALA D 48 -23.60 17.85 -15.94
N PHE D 49 -23.20 16.72 -15.37
CA PHE D 49 -21.83 16.24 -15.48
C PHE D 49 -21.43 15.91 -16.91
N ARG D 50 -22.21 15.05 -17.56
CA ARG D 50 -21.98 14.63 -18.94
C ARG D 50 -21.74 15.78 -19.90
N HIS D 51 -22.61 16.78 -19.84
CA HIS D 51 -22.51 17.94 -20.74
C HIS D 51 -21.81 19.14 -20.12
N GLU D 52 -21.35 19.01 -18.88
CA GLU D 52 -20.64 20.09 -18.18
C GLU D 52 -21.52 21.33 -18.12
N THR D 53 -22.72 21.15 -17.57
CA THR D 53 -23.68 22.23 -17.34
C THR D 53 -23.85 22.47 -15.85
N THR D 54 -23.95 23.74 -15.48
CA THR D 54 -24.34 24.10 -14.13
C THR D 54 -25.54 25.04 -14.19
N ASP D 55 -26.57 24.69 -13.44
CA ASP D 55 -27.78 25.50 -13.32
C ASP D 55 -27.59 26.45 -12.15
N ALA D 56 -27.21 27.69 -12.44
CA ALA D 56 -27.01 28.69 -11.39
C ALA D 56 -28.20 28.85 -10.43
N ALA D 57 -29.37 28.28 -10.77
CA ALA D 57 -30.53 28.33 -9.85
C ALA D 57 -30.25 27.59 -8.54
N ILE D 58 -29.26 26.70 -8.55
CA ILE D 58 -28.83 26.00 -7.33
C ILE D 58 -28.50 26.98 -6.20
N PHE D 59 -27.86 28.09 -6.52
CA PHE D 59 -27.52 29.09 -5.50
C PHE D 59 -28.76 29.62 -4.81
N ARG D 60 -29.67 30.15 -5.60
CA ARG D 60 -30.95 30.63 -5.10
C ARG D 60 -31.71 29.52 -4.33
N GLU D 61 -31.68 28.28 -4.83
CA GLU D 61 -32.33 27.14 -4.16
C GLU D 61 -31.73 26.79 -2.80
N MET D 62 -30.41 26.68 -2.74
CA MET D 62 -29.70 26.41 -1.48
C MET D 62 -29.89 27.57 -0.51
N GLY D 63 -29.82 28.77 -1.07
CA GLY D 63 -30.01 29.99 -0.31
C GLY D 63 -31.39 30.14 0.29
N GLU D 64 -32.43 29.76 -0.47
CA GLU D 64 -33.81 29.67 0.06
C GLU D 64 -33.86 28.89 1.38
N ILE D 65 -33.14 27.77 1.42
CA ILE D 65 -33.23 26.82 2.52
C ILE D 65 -32.29 27.22 3.65
N GLY D 66 -31.39 28.16 3.38
CA GLY D 66 -30.43 28.63 4.38
C GLY D 66 -29.17 27.77 4.47
N LEU D 67 -28.73 27.26 3.34
CA LEU D 67 -27.56 26.39 3.25
C LEU D 67 -26.29 27.12 2.79
N LEU D 68 -26.40 28.41 2.51
CA LEU D 68 -25.23 29.22 2.10
C LEU D 68 -24.72 30.10 3.24
N GLY D 69 -23.40 30.07 3.45
CA GLY D 69 -22.78 30.79 4.57
C GLY D 69 -23.34 30.39 5.91
N PRO D 70 -23.45 29.09 6.16
CA PRO D 70 -24.18 28.62 7.34
C PRO D 70 -23.70 29.21 8.69
N THR D 71 -22.42 29.59 8.81
CA THR D 71 -21.91 30.17 10.06
C THR D 71 -22.05 31.71 10.17
N ILE D 72 -22.55 32.36 9.13
CA ILE D 72 -22.76 33.80 9.16
C ILE D 72 -23.95 34.14 10.07
N PRO D 73 -23.77 35.05 11.04
CA PRO D 73 -24.88 35.28 11.99
C PRO D 73 -26.15 35.86 11.34
N GLU D 74 -27.29 35.65 11.97
CA GLU D 74 -28.57 36.13 11.45
C GLU D 74 -28.60 37.65 11.27
N GLN D 75 -27.83 38.34 12.09
CA GLN D 75 -27.70 39.79 11.98
C GLN D 75 -27.43 40.25 10.55
N TYR D 76 -26.55 39.54 9.85
CA TYR D 76 -26.23 39.86 8.45
C TYR D 76 -26.94 38.96 7.46
N GLY D 77 -28.04 38.36 7.89
CA GLY D 77 -28.89 37.59 6.99
C GLY D 77 -28.51 36.13 6.77
N GLY D 78 -27.61 35.59 7.59
CA GLY D 78 -27.20 34.19 7.49
C GLY D 78 -28.09 33.37 8.40
N PRO D 79 -27.91 32.03 8.39
CA PRO D 79 -28.75 31.17 9.24
C PRO D 79 -28.27 31.04 10.67
N GLY D 80 -27.07 31.54 10.96
CA GLY D 80 -26.56 31.56 12.33
C GLY D 80 -26.30 30.19 12.91
N LEU D 81 -25.81 29.27 12.08
CA LEU D 81 -25.54 27.90 12.49
C LEU D 81 -24.08 27.73 12.95
N ASP D 82 -23.78 26.58 13.51
CA ASP D 82 -22.42 26.29 13.96
C ASP D 82 -21.59 25.52 12.91
N TYR D 83 -20.31 25.29 13.20
CA TYR D 83 -19.42 24.66 12.22
C TYR D 83 -19.80 23.20 11.92
N VAL D 84 -20.33 22.47 12.89
CA VAL D 84 -20.78 21.10 12.65
C VAL D 84 -21.87 21.09 11.56
N SER D 85 -22.80 22.04 11.64
CA SER D 85 -23.84 22.14 10.62
C SER D 85 -23.32 22.46 9.23
N TYR D 86 -22.36 23.39 9.14
CA TYR D 86 -21.66 23.63 7.89
C TYR D 86 -21.12 22.30 7.35
N GLY D 87 -20.42 21.55 8.20
CA GLY D 87 -19.89 20.24 7.81
C GLY D 87 -20.97 19.30 7.31
N LEU D 88 -22.05 19.17 8.08
CA LEU D 88 -23.16 18.29 7.71
C LEU D 88 -23.76 18.65 6.35
N ILE D 89 -23.82 19.93 6.04
CA ILE D 89 -24.37 20.37 4.78
C ILE D 89 -23.46 19.95 3.61
N ALA D 90 -22.15 20.18 3.74
CA ALA D 90 -21.20 19.85 2.66
C ALA D 90 -21.23 18.36 2.35
N ARG D 91 -21.28 17.56 3.41
CA ARG D 91 -21.45 16.11 3.32
C ARG D 91 -22.68 15.70 2.50
N GLU D 92 -23.85 16.26 2.81
CA GLU D 92 -25.05 15.88 2.05
C GLU D 92 -24.99 16.31 0.59
N VAL D 93 -24.39 17.46 0.32
CA VAL D 93 -24.26 17.93 -1.05
C VAL D 93 -23.25 17.06 -1.82
N GLU D 94 -22.11 16.77 -1.21
CA GLU D 94 -21.07 15.99 -1.87
C GLU D 94 -21.45 14.51 -2.04
N ARG D 95 -22.30 14.00 -1.15
CA ARG D 95 -22.92 12.68 -1.35
C ARG D 95 -23.49 12.56 -2.76
N VAL D 96 -24.10 13.63 -3.26
CA VAL D 96 -24.52 13.69 -4.65
C VAL D 96 -23.37 14.00 -5.60
N ASP D 97 -22.71 15.15 -5.46
CA ASP D 97 -21.61 15.51 -6.37
C ASP D 97 -20.66 16.56 -5.80
N SER D 98 -19.35 16.32 -5.94
CA SER D 98 -18.31 17.23 -5.40
C SER D 98 -18.41 18.61 -6.05
N GLY D 99 -18.78 18.62 -7.33
CA GLY D 99 -18.93 19.86 -8.11
C GLY D 99 -19.94 20.84 -7.51
N TYR D 100 -21.07 20.30 -7.07
CA TYR D 100 -22.06 21.09 -6.37
C TYR D 100 -21.52 21.53 -5.00
N ARG D 101 -20.77 20.65 -4.33
CA ARG D 101 -20.17 21.02 -3.04
C ARG D 101 -19.15 22.15 -3.24
N SER D 102 -18.43 22.13 -4.35
CA SER D 102 -17.43 23.14 -4.68
C SER D 102 -18.04 24.54 -4.89
N MET D 103 -19.19 24.57 -5.57
CA MET D 103 -19.94 25.82 -5.77
C MET D 103 -20.33 26.45 -4.48
N MET D 104 -20.83 25.63 -3.57
CA MET D 104 -21.17 26.05 -2.22
C MET D 104 -19.92 26.41 -1.40
N SER D 105 -18.83 25.67 -1.55
CA SER D 105 -17.61 25.96 -0.79
C SER D 105 -17.15 27.39 -1.09
N VAL D 106 -17.19 27.77 -2.35
CA VAL D 106 -16.87 29.14 -2.75
C VAL D 106 -17.76 30.19 -2.09
N GLN D 107 -19.08 30.04 -2.24
CA GLN D 107 -20.05 30.98 -1.67
C GLN D 107 -19.78 31.23 -0.21
N SER D 108 -19.78 30.15 0.54
CA SER D 108 -19.75 30.22 2.00
C SER D 108 -18.36 30.56 2.50
N SER D 109 -17.35 29.77 2.12
CA SER D 109 -16.00 29.91 2.71
C SER D 109 -15.10 30.92 1.99
N LEU D 110 -15.22 31.03 0.67
CA LEU D 110 -14.36 31.94 -0.07
C LEU D 110 -14.93 33.35 -0.33
N VAL D 111 -16.23 33.56 -0.11
CA VAL D 111 -16.82 34.87 -0.37
C VAL D 111 -17.47 35.48 0.85
N MET D 112 -18.38 34.75 1.50
CA MET D 112 -19.08 35.29 2.68
C MET D 112 -18.18 35.41 3.89
N VAL D 113 -17.33 34.42 4.13
CA VAL D 113 -16.39 34.46 5.26
C VAL D 113 -15.42 35.67 5.27
N PRO D 114 -14.76 35.96 4.13
CA PRO D 114 -13.83 37.09 4.22
C PRO D 114 -14.56 38.42 4.38
N ILE D 115 -15.72 38.56 3.74
CA ILE D 115 -16.52 39.77 3.88
C ILE D 115 -16.91 39.93 5.36
N PHE D 116 -17.32 38.83 5.99
CA PHE D 116 -17.74 38.87 7.39
C PHE D 116 -16.58 39.14 8.36
N GLU D 117 -15.44 38.49 8.13
CA GLU D 117 -14.30 38.61 9.03
C GLU D 117 -13.55 39.93 8.81
N PHE D 118 -13.42 40.33 7.54
CA PHE D 118 -12.55 41.44 7.20
C PHE D 118 -13.26 42.69 6.67
N GLY D 119 -14.56 42.61 6.41
CA GLY D 119 -15.29 43.71 5.79
C GLY D 119 -15.63 44.85 6.75
N SER D 120 -16.00 46.00 6.18
CA SER D 120 -16.59 47.10 6.95
C SER D 120 -18.05 46.76 7.28
N ASP D 121 -18.66 47.53 8.17
CA ASP D 121 -20.08 47.37 8.46
C ASP D 121 -20.89 47.52 7.17
N ALA D 122 -20.55 48.51 6.35
CA ALA D 122 -21.30 48.78 5.11
C ALA D 122 -21.24 47.59 4.14
N GLN D 123 -20.04 47.03 3.97
CA GLN D 123 -19.83 45.88 3.10
C GLN D 123 -20.61 44.66 3.61
N LYS D 124 -20.52 44.37 4.90
CA LYS D 124 -21.23 43.24 5.48
C LYS D 124 -22.73 43.41 5.27
N GLU D 125 -23.24 44.61 5.49
CA GLU D 125 -24.69 44.86 5.39
C GLU D 125 -25.19 44.76 3.96
N LYS D 126 -24.35 45.15 3.00
CA LYS D 126 -24.73 45.16 1.60
C LYS D 126 -24.64 43.76 0.96
N TYR D 127 -23.53 43.07 1.18
CA TYR D 127 -23.26 41.82 0.44
C TYR D 127 -23.78 40.54 1.08
N LEU D 128 -23.67 40.41 2.39
CA LEU D 128 -23.94 39.14 3.05
C LEU D 128 -25.37 38.62 2.93
N PRO D 129 -26.40 39.49 3.13
CA PRO D 129 -27.78 39.02 3.01
C PRO D 129 -28.11 38.47 1.63
N LYS D 130 -27.57 39.10 0.59
CA LYS D 130 -27.79 38.67 -0.82
C LYS D 130 -27.03 37.42 -1.18
N LEU D 131 -25.81 37.29 -0.62
CA LEU D 131 -25.01 36.08 -0.81
C LEU D 131 -25.68 34.93 -0.09
N ALA D 132 -26.22 35.21 1.10
CA ALA D 132 -26.87 34.20 1.91
C ALA D 132 -28.10 33.56 1.24
N THR D 133 -28.90 34.38 0.56
CA THR D 133 -30.07 33.90 -0.18
C THR D 133 -29.71 33.41 -1.57
N GLY D 134 -28.46 33.64 -1.98
CA GLY D 134 -28.00 33.23 -3.29
C GLY D 134 -28.50 34.07 -4.45
N GLU D 135 -29.00 35.28 -4.16
CA GLU D 135 -29.38 36.26 -5.19
C GLU D 135 -28.13 36.73 -5.93
N TRP D 136 -27.07 36.97 -5.14
CA TRP D 136 -25.75 37.31 -5.68
C TRP D 136 -24.85 36.07 -5.56
N ILE D 137 -24.19 35.75 -6.67
CA ILE D 137 -23.29 34.64 -6.74
C ILE D 137 -21.87 35.19 -6.61
N GLY D 138 -21.07 34.59 -5.73
CA GLY D 138 -19.71 35.08 -5.48
C GLY D 138 -18.63 34.19 -6.05
N CYS D 139 -17.46 34.78 -6.25
CA CYS D 139 -16.23 34.02 -6.50
C CYS D 139 -15.00 34.67 -5.83
N PHE D 140 -13.88 33.95 -5.90
CA PHE D 140 -12.66 34.22 -5.11
C PHE D 140 -11.45 34.14 -6.04
N GLY D 141 -10.80 35.29 -6.23
CA GLY D 141 -9.72 35.42 -7.19
C GLY D 141 -8.39 35.50 -6.49
N LEU D 142 -7.71 34.36 -6.36
CA LEU D 142 -6.40 34.30 -5.72
C LEU D 142 -5.35 33.88 -6.73
N THR D 143 -5.56 32.71 -7.33
CA THR D 143 -4.59 32.05 -8.21
C THR D 143 -4.25 32.81 -9.48
N GLU D 144 -2.98 32.79 -9.89
CA GLU D 144 -2.54 33.44 -11.12
C GLU D 144 -1.61 32.50 -11.88
N PRO D 145 -1.77 32.41 -13.22
CA PRO D 145 -0.76 31.67 -13.97
C PRO D 145 0.54 32.46 -14.13
N SER D 153 4.42 36.15 -4.62
CA SER D 153 4.53 36.07 -6.07
C SER D 153 3.16 36.27 -6.76
N MET D 154 2.56 37.42 -6.46
CA MET D 154 1.25 37.77 -6.98
C MET D 154 1.39 39.03 -7.81
N VAL D 155 1.01 38.97 -9.09
CA VAL D 155 1.23 40.10 -10.01
C VAL D 155 0.02 41.03 -10.16
N THR D 156 -1.18 40.55 -9.86
CA THR D 156 -2.38 41.42 -9.86
C THR D 156 -2.19 42.54 -8.85
N ARG D 157 -2.36 43.78 -9.31
CA ARG D 157 -1.96 44.98 -8.57
C ARG D 157 -3.05 46.06 -8.50
N ALA D 158 -3.27 46.60 -7.31
CA ALA D 158 -4.17 47.72 -7.11
C ALA D 158 -3.34 49.02 -7.06
N ARG D 159 -3.78 50.03 -7.80
CA ARG D 159 -3.14 51.35 -7.77
C ARG D 159 -4.16 52.44 -7.37
N LYS D 160 -3.78 53.29 -6.42
CA LYS D 160 -4.64 54.40 -5.98
C LYS D 160 -4.97 55.36 -7.12
N VAL D 161 -6.25 55.73 -7.20
CA VAL D 161 -6.74 56.67 -8.20
C VAL D 161 -7.89 57.43 -7.57
N PRO D 162 -8.20 58.63 -8.09
CA PRO D 162 -9.27 59.43 -7.52
C PRO D 162 -10.47 58.57 -7.11
N GLY D 163 -10.79 58.60 -5.82
CA GLY D 163 -11.97 57.92 -5.31
C GLY D 163 -11.88 56.40 -5.26
N GLY D 164 -10.68 55.83 -5.21
CA GLY D 164 -10.56 54.36 -5.10
C GLY D 164 -9.30 53.73 -5.64
N TYR D 165 -9.48 52.68 -6.45
CA TYR D 165 -8.36 51.83 -6.87
C TYR D 165 -8.56 51.33 -8.30
N SER D 166 -7.46 50.99 -8.94
CA SER D 166 -7.48 50.50 -10.31
C SER D 166 -6.69 49.20 -10.37
N LEU D 167 -7.37 48.11 -10.68
CA LEU D 167 -6.78 46.80 -10.60
C LEU D 167 -6.47 46.31 -12.00
N SER D 168 -5.24 45.86 -12.20
CA SER D 168 -4.86 45.19 -13.43
C SER D 168 -4.14 43.87 -13.10
N GLY D 169 -4.48 42.82 -13.85
CA GLY D 169 -3.96 41.47 -13.61
C GLY D 169 -4.96 40.40 -14.04
N SER D 170 -4.61 39.13 -13.78
CA SER D 170 -5.44 37.98 -14.14
C SER D 170 -5.48 36.91 -13.05
N LYS D 171 -6.63 36.28 -12.88
CA LYS D 171 -6.73 35.07 -12.05
C LYS D 171 -7.23 33.89 -12.90
N MET D 172 -6.71 32.70 -12.63
CA MET D 172 -7.05 31.52 -13.41
C MET D 172 -7.67 30.40 -12.56
N TRP D 173 -8.50 29.57 -13.21
CA TRP D 173 -9.17 28.43 -12.57
C TRP D 173 -10.05 28.85 -11.39
N ILE D 174 -10.87 29.87 -11.63
CA ILE D 174 -11.75 30.39 -10.59
C ILE D 174 -13.17 29.82 -10.69
N THR D 175 -13.55 29.03 -9.69
CA THR D 175 -14.89 28.46 -9.62
C THR D 175 -15.95 29.54 -9.39
N ASN D 176 -17.05 29.46 -10.16
CA ASN D 176 -18.17 30.41 -10.15
C ASN D 176 -17.91 31.69 -10.94
N SER D 177 -16.71 31.88 -11.48
CA SER D 177 -16.37 33.21 -12.03
C SER D 177 -17.22 33.72 -13.22
N PRO D 178 -17.57 32.83 -14.17
CA PRO D 178 -18.40 33.27 -15.33
C PRO D 178 -19.85 33.63 -15.00
N ILE D 179 -20.33 33.25 -13.82
CA ILE D 179 -21.68 33.54 -13.39
C ILE D 179 -21.70 34.39 -12.11
N ALA D 180 -20.54 34.89 -11.68
CA ALA D 180 -20.45 35.64 -10.42
C ALA D 180 -21.03 37.04 -10.55
N ASP D 181 -21.72 37.47 -9.52
CA ASP D 181 -22.17 38.87 -9.33
C ASP D 181 -21.15 39.65 -8.51
N VAL D 182 -20.49 38.95 -7.57
CA VAL D 182 -19.57 39.52 -6.60
C VAL D 182 -18.23 38.77 -6.71
N PHE D 183 -17.16 39.54 -6.72
CA PHE D 183 -15.81 39.00 -6.89
C PHE D 183 -14.95 39.47 -5.70
N VAL D 184 -14.40 38.54 -4.92
CA VAL D 184 -13.36 38.89 -3.93
C VAL D 184 -11.97 38.63 -4.51
N VAL D 185 -11.24 39.71 -4.84
CA VAL D 185 -9.95 39.62 -5.52
C VAL D 185 -8.80 40.07 -4.61
N TRP D 186 -7.72 39.31 -4.65
CA TRP D 186 -6.54 39.57 -3.83
C TRP D 186 -5.49 40.14 -4.76
N ALA D 187 -4.98 41.29 -4.37
CA ALA D 187 -4.08 42.06 -5.21
C ALA D 187 -3.13 42.83 -4.32
N LYS D 188 -1.93 43.08 -4.83
CA LYS D 188 -0.93 43.83 -4.10
C LYS D 188 -1.26 45.33 -4.15
N LEU D 189 -1.19 46.00 -3.00
CA LEU D 189 -1.34 47.47 -2.91
C LEU D 189 -0.14 48.04 -2.17
N ASP D 190 0.68 48.83 -2.87
CA ASP D 190 1.87 49.45 -2.28
C ASP D 190 1.57 50.86 -1.76
N ASP D 195 3.86 47.35 0.71
CA ASP D 195 3.33 46.57 -0.41
C ASP D 195 2.72 45.25 0.04
N GLU D 196 1.43 45.29 0.39
CA GLU D 196 0.76 44.15 0.98
C GLU D 196 -0.35 43.59 0.10
N ILE D 197 -0.71 42.36 0.39
CA ILE D 197 -1.85 41.70 -0.20
C ILE D 197 -3.11 42.28 0.44
N ARG D 198 -3.99 42.84 -0.39
CA ARG D 198 -5.27 43.36 0.05
C ARG D 198 -6.41 42.70 -0.73
N GLY D 199 -7.58 42.63 -0.10
CA GLY D 199 -8.77 42.06 -0.71
C GLY D 199 -9.70 43.16 -1.18
N PHE D 200 -10.25 42.98 -2.37
CA PHE D 200 -11.15 43.94 -2.98
C PHE D 200 -12.45 43.27 -3.38
N ILE D 201 -13.57 43.95 -3.15
CA ILE D 201 -14.86 43.49 -3.64
C ILE D 201 -15.19 44.20 -4.94
N LEU D 202 -15.31 43.45 -6.04
CA LEU D 202 -15.80 43.96 -7.32
C LEU D 202 -17.18 43.36 -7.68
N GLU D 203 -17.94 44.10 -8.49
CA GLU D 203 -19.25 43.65 -8.95
C GLU D 203 -19.26 43.46 -10.47
N LYS D 204 -19.96 42.42 -10.95
CA LYS D 204 -20.16 42.20 -12.39
C LYS D 204 -20.67 43.49 -12.99
N GLY D 205 -20.13 43.86 -14.14
CA GLY D 205 -20.56 45.10 -14.79
C GLY D 205 -19.58 46.22 -14.57
N CYS D 206 -18.58 45.99 -13.71
CA CYS D 206 -17.47 46.91 -13.56
C CYS D 206 -16.75 46.95 -14.90
N LYS D 207 -16.52 48.17 -15.39
CA LYS D 207 -15.74 48.39 -16.59
C LYS D 207 -14.30 48.06 -16.22
N GLY D 208 -13.72 47.13 -16.97
CA GLY D 208 -12.39 46.62 -16.69
C GLY D 208 -12.41 45.15 -16.28
N LEU D 209 -13.54 44.70 -15.72
CA LEU D 209 -13.68 43.32 -15.22
C LEU D 209 -14.30 42.40 -16.26
N SER D 210 -13.65 41.28 -16.51
CA SER D 210 -14.12 40.24 -17.43
C SER D 210 -13.98 38.84 -16.78
N ALA D 211 -14.90 37.93 -17.08
CA ALA D 211 -14.84 36.57 -16.53
C ALA D 211 -15.08 35.48 -17.58
N PRO D 212 -14.12 35.26 -18.49
CA PRO D 212 -14.32 34.21 -19.51
C PRO D 212 -14.41 32.81 -18.94
N ALA D 213 -15.27 31.97 -19.51
CA ALA D 213 -15.47 30.62 -19.00
C ALA D 213 -14.38 29.65 -19.48
N ILE D 214 -14.12 28.62 -18.67
CA ILE D 214 -13.26 27.49 -19.00
C ILE D 214 -14.12 26.23 -19.20
N HIS D 215 -13.93 25.54 -20.33
CA HIS D 215 -14.64 24.29 -20.66
C HIS D 215 -13.70 23.10 -20.77
N GLY D 216 -14.27 21.90 -20.74
CA GLY D 216 -13.53 20.67 -20.99
C GLY D 216 -12.80 20.08 -19.79
N LYS D 217 -13.41 20.17 -18.61
CA LYS D 217 -12.78 19.65 -17.38
C LYS D 217 -12.89 18.12 -17.36
N VAL D 218 -11.89 17.47 -16.77
CA VAL D 218 -11.98 16.02 -16.57
C VAL D 218 -12.97 15.76 -15.44
N GLY D 219 -12.74 16.40 -14.30
CA GLY D 219 -13.57 16.24 -13.10
C GLY D 219 -14.25 17.55 -12.71
N LEU D 220 -15.20 17.43 -11.79
CA LEU D 220 -16.01 18.57 -11.35
C LEU D 220 -16.71 19.23 -12.54
N ARG D 221 -17.10 18.41 -13.51
CA ARG D 221 -17.79 18.92 -14.69
C ARG D 221 -19.10 19.60 -14.30
N ALA D 222 -19.67 19.22 -13.15
CA ALA D 222 -20.92 19.80 -12.68
C ALA D 222 -20.78 21.18 -12.03
N SER D 223 -19.56 21.72 -11.93
CA SER D 223 -19.34 23.11 -11.47
C SER D 223 -18.74 23.91 -12.62
N ILE D 224 -18.96 25.22 -12.61
CA ILE D 224 -18.46 26.09 -13.68
C ILE D 224 -17.28 26.85 -13.16
N THR D 225 -16.31 27.01 -14.04
CA THR D 225 -15.03 27.58 -13.73
C THR D 225 -14.67 28.50 -14.86
N GLY D 226 -13.95 29.56 -14.56
CA GLY D 226 -13.41 30.44 -15.59
C GLY D 226 -12.28 31.28 -15.07
N GLU D 227 -12.09 32.44 -15.69
CA GLU D 227 -11.03 33.38 -15.28
C GLU D 227 -11.62 34.66 -14.69
N ILE D 228 -10.72 35.51 -14.22
CA ILE D 228 -11.04 36.90 -13.90
C ILE D 228 -9.99 37.71 -14.61
N VAL D 229 -10.41 38.64 -15.46
CA VAL D 229 -9.46 39.47 -16.17
C VAL D 229 -9.73 40.93 -15.83
N LEU D 230 -8.68 41.61 -15.38
CA LEU D 230 -8.81 42.96 -14.89
C LEU D 230 -7.89 43.85 -15.69
N ASP D 231 -8.48 44.82 -16.38
CA ASP D 231 -7.76 45.85 -17.14
C ASP D 231 -8.24 47.18 -16.60
N GLU D 232 -7.46 47.74 -15.68
CA GLU D 232 -7.83 48.98 -15.02
C GLU D 232 -9.26 48.99 -14.53
N ALA D 233 -9.63 47.94 -13.80
CA ALA D 233 -10.95 47.84 -13.19
C ALA D 233 -10.99 48.74 -11.96
N PHE D 234 -11.87 49.73 -11.99
CA PHE D 234 -12.04 50.66 -10.89
C PHE D 234 -12.78 50.05 -9.72
N VAL D 235 -12.19 50.13 -8.53
CA VAL D 235 -12.87 49.77 -7.30
C VAL D 235 -12.94 51.03 -6.44
N PRO D 236 -14.15 51.41 -6.01
CA PRO D 236 -14.24 52.58 -5.15
C PRO D 236 -13.69 52.27 -3.75
N GLU D 237 -13.30 53.31 -3.00
CA GLU D 237 -12.65 53.15 -1.68
C GLU D 237 -13.43 52.26 -0.72
N GLU D 238 -14.74 52.40 -0.76
CA GLU D 238 -15.60 51.69 0.15
C GLU D 238 -15.64 50.16 -0.05
N ASN D 239 -15.05 49.66 -1.13
CA ASN D 239 -15.04 48.21 -1.46
C ASN D 239 -13.70 47.48 -1.22
N ILE D 240 -12.75 48.17 -0.60
CA ILE D 240 -11.52 47.50 -0.16
C ILE D 240 -11.82 46.93 1.21
N LEU D 241 -11.42 45.68 1.46
CA LEU D 241 -11.62 45.02 2.75
C LEU D 241 -10.68 45.69 3.75
N PRO D 242 -11.23 46.43 4.74
CA PRO D 242 -10.35 47.29 5.53
C PRO D 242 -9.58 46.59 6.65
N HIS D 243 -10.05 45.43 7.08
CA HIS D 243 -9.50 44.84 8.31
C HIS D 243 -8.63 43.61 8.08
N VAL D 244 -7.91 43.54 6.96
CA VAL D 244 -6.91 42.50 6.78
C VAL D 244 -5.86 42.91 5.78
N LYS D 245 -4.63 42.50 6.05
CA LYS D 245 -3.53 42.63 5.10
C LYS D 245 -2.72 41.36 5.17
N GLY D 246 -2.02 41.03 4.09
CA GLY D 246 -1.17 39.85 4.04
C GLY D 246 -1.86 38.52 3.75
N LEU D 247 -1.05 37.46 3.77
CA LEU D 247 -1.51 36.10 3.47
C LEU D 247 -2.68 35.65 4.35
N ARG D 248 -2.83 36.24 5.53
CA ARG D 248 -3.90 35.87 6.44
C ARG D 248 -5.31 36.01 5.81
N GLY D 249 -5.51 37.03 4.98
CA GLY D 249 -6.79 37.25 4.30
C GLY D 249 -7.13 36.00 3.52
N PRO D 250 -6.34 35.68 2.51
CA PRO D 250 -6.61 34.50 1.71
C PRO D 250 -6.64 33.20 2.51
N PHE D 251 -5.71 33.07 3.45
CA PHE D 251 -5.53 31.80 4.13
C PHE D 251 -6.68 31.49 5.07
N THR D 252 -7.25 32.51 5.69
CA THR D 252 -8.44 32.29 6.54
C THR D 252 -9.55 31.63 5.71
N CYS D 253 -9.67 32.05 4.45
CA CYS D 253 -10.71 31.54 3.56
C CYS D 253 -10.43 30.11 3.17
N LEU D 254 -9.20 29.84 2.75
CA LEU D 254 -8.78 28.50 2.35
C LEU D 254 -8.97 27.51 3.51
N ASN D 255 -8.63 27.93 4.72
CA ASN D 255 -8.80 27.10 5.92
C ASN D 255 -10.26 26.74 6.17
N SER D 256 -11.15 27.70 5.99
CA SER D 256 -12.60 27.47 6.11
C SER D 256 -13.10 26.53 5.04
N ALA D 257 -12.68 26.77 3.80
CA ALA D 257 -13.08 25.94 2.69
C ALA D 257 -12.67 24.46 2.96
N ARG D 258 -11.41 24.27 3.35
CA ARG D 258 -10.87 22.95 3.67
C ARG D 258 -11.67 22.17 4.69
N TYR D 259 -12.09 22.85 5.75
CA TYR D 259 -12.92 22.24 6.77
C TYR D 259 -14.19 21.61 6.18
N GLY D 260 -14.89 22.32 5.32
CA GLY D 260 -16.11 21.78 4.72
C GLY D 260 -15.85 20.67 3.72
N ILE D 261 -14.75 20.74 2.99
CA ILE D 261 -14.32 19.64 2.09
C ILE D 261 -13.94 18.37 2.89
N ALA D 262 -13.36 18.56 4.08
CA ALA D 262 -13.06 17.44 4.97
C ALA D 262 -14.33 16.62 5.27
N TRP D 263 -15.44 17.33 5.52
CA TRP D 263 -16.74 16.68 5.67
C TRP D 263 -17.26 16.16 4.34
N GLY D 264 -17.20 17.01 3.33
CA GLY D 264 -17.76 16.70 2.03
C GLY D 264 -17.21 15.42 1.41
N ALA D 265 -15.89 15.27 1.44
CA ALA D 265 -15.25 14.13 0.81
C ALA D 265 -15.78 12.83 1.45
N LEU D 266 -16.14 12.89 2.72
CA LEU D 266 -16.71 11.73 3.40
C LEU D 266 -18.12 11.39 2.86
N GLY D 267 -18.89 12.40 2.45
CA GLY D 267 -20.17 12.18 1.78
C GLY D 267 -20.03 11.35 0.53
N ALA D 268 -19.10 11.73 -0.35
CA ALA D 268 -18.82 10.99 -1.56
C ALA D 268 -18.30 9.59 -1.28
N ALA D 269 -17.43 9.47 -0.27
CA ALA D 269 -16.92 8.19 0.21
C ALA D 269 -18.07 7.27 0.60
N GLU D 270 -19.00 7.78 1.40
CA GLU D 270 -20.16 7.00 1.82
C GLU D 270 -20.99 6.47 0.63
N SER D 271 -21.27 7.33 -0.34
CA SER D 271 -21.94 6.92 -1.56
C SER D 271 -21.23 5.78 -2.26
N CYS D 272 -19.92 5.93 -2.46
CA CYS D 272 -19.17 4.87 -3.11
C CYS D 272 -19.30 3.58 -2.32
N TRP D 273 -19.17 3.68 -1.01
CA TRP D 273 -19.31 2.52 -0.14
C TRP D 273 -20.72 1.90 -0.24
N HIS D 274 -21.76 2.74 -0.21
CA HIS D 274 -23.13 2.26 -0.25
C HIS D 274 -23.40 1.55 -1.58
N ILE D 275 -22.95 2.16 -2.66
CA ILE D 275 -23.04 1.57 -4.01
C ILE D 275 -22.32 0.24 -4.07
N ALA D 276 -21.07 0.21 -3.59
CA ALA D 276 -20.27 -1.01 -3.66
C ALA D 276 -20.95 -2.12 -2.85
N ARG D 277 -21.46 -1.77 -1.67
CA ARG D 277 -22.08 -2.77 -0.82
C ARG D 277 -23.32 -3.34 -1.48
N GLN D 278 -24.16 -2.46 -2.02
CA GLN D 278 -25.41 -2.89 -2.65
C GLN D 278 -25.14 -3.71 -3.92
N TYR D 279 -24.07 -3.37 -4.63
CA TYR D 279 -23.65 -4.08 -5.81
C TYR D 279 -23.28 -5.54 -5.49
N VAL D 280 -22.44 -5.72 -4.49
CA VAL D 280 -21.98 -7.04 -4.13
C VAL D 280 -23.12 -7.84 -3.52
N LEU D 281 -24.09 -7.16 -2.92
CA LEU D 281 -25.32 -7.83 -2.47
C LEU D 281 -26.16 -8.37 -3.63
N ASP D 282 -26.22 -7.61 -4.73
CA ASP D 282 -27.04 -7.94 -5.88
C ASP D 282 -26.44 -8.96 -6.84
N ARG D 283 -25.13 -9.20 -6.76
CA ARG D 283 -24.45 -9.94 -7.82
C ARG D 283 -23.95 -11.31 -7.38
N LYS D 284 -23.83 -12.22 -8.33
CA LYS D 284 -23.49 -13.61 -8.01
C LYS D 284 -22.23 -14.08 -8.74
N GLN D 285 -21.68 -15.19 -8.27
CA GLN D 285 -20.42 -15.69 -8.79
C GLN D 285 -20.27 -17.14 -8.36
N PHE D 286 -20.55 -18.06 -9.29
CA PHE D 286 -20.62 -19.49 -9.01
C PHE D 286 -21.79 -19.79 -8.07
N GLY D 287 -22.89 -19.05 -8.21
CA GLY D 287 -24.08 -19.27 -7.36
C GLY D 287 -23.97 -18.66 -5.97
N ARG D 288 -22.73 -18.45 -5.50
CA ARG D 288 -22.47 -17.71 -4.27
C ARG D 288 -22.59 -16.21 -4.55
N PRO D 289 -23.29 -15.47 -3.67
CA PRO D 289 -23.40 -14.04 -3.90
C PRO D 289 -22.04 -13.40 -3.58
N LEU D 290 -21.69 -12.30 -4.24
CA LEU D 290 -20.35 -11.72 -4.08
C LEU D 290 -19.93 -11.49 -2.63
N ALA D 291 -20.87 -11.09 -1.79
CA ALA D 291 -20.62 -10.82 -0.36
C ALA D 291 -20.15 -12.04 0.43
N ALA D 292 -20.23 -13.23 -0.17
CA ALA D 292 -19.67 -14.43 0.46
C ALA D 292 -18.15 -14.43 0.36
N ASN D 293 -17.63 -13.61 -0.55
CA ASN D 293 -16.23 -13.57 -0.78
C ASN D 293 -15.51 -12.86 0.37
N GLN D 294 -14.52 -13.57 0.89
CA GLN D 294 -13.66 -13.13 1.97
C GLN D 294 -12.97 -11.78 1.66
N LEU D 295 -12.46 -11.65 0.44
CA LEU D 295 -11.77 -10.45 0.02
C LEU D 295 -12.73 -9.26 -0.05
N ILE D 296 -13.95 -9.50 -0.53
CA ILE D 296 -14.96 -8.44 -0.59
C ILE D 296 -15.29 -7.93 0.83
N GLN D 297 -15.39 -8.86 1.78
CA GLN D 297 -15.72 -8.49 3.14
C GLN D 297 -14.64 -7.60 3.76
N LYS D 298 -13.38 -7.93 3.50
CA LYS D 298 -12.27 -7.12 4.00
C LYS D 298 -12.35 -5.68 3.46
N LYS D 299 -12.65 -5.56 2.17
CA LYS D 299 -12.82 -4.27 1.51
C LYS D 299 -13.96 -3.41 2.09
N LEU D 300 -15.12 -4.03 2.30
CA LEU D 300 -16.25 -3.34 2.93
C LEU D 300 -15.94 -2.95 4.37
N ALA D 301 -15.26 -3.83 5.10
CA ALA D 301 -14.80 -3.53 6.44
C ALA D 301 -13.86 -2.32 6.45
N ASP D 302 -12.92 -2.27 5.53
CA ASP D 302 -12.00 -1.12 5.42
C ASP D 302 -12.75 0.16 5.09
N MET D 303 -13.71 0.10 4.19
CA MET D 303 -14.46 1.29 3.81
C MET D 303 -15.22 1.81 5.02
N GLN D 304 -15.84 0.88 5.75
CA GLN D 304 -16.65 1.23 6.92
C GLN D 304 -15.78 1.81 7.99
N THR D 305 -14.63 1.20 8.21
CA THR D 305 -13.76 1.65 9.28
C THR D 305 -13.26 3.09 9.01
N GLU D 306 -12.87 3.39 7.78
CA GLU D 306 -12.22 4.67 7.51
C GLU D 306 -13.20 5.82 7.51
N ILE D 307 -14.40 5.56 7.02
CA ILE D 307 -15.47 6.57 7.08
C ILE D 307 -15.87 6.82 8.54
N THR D 308 -16.05 5.74 9.30
CA THR D 308 -16.49 5.86 10.69
C THR D 308 -15.48 6.73 11.46
N LEU D 309 -14.19 6.40 11.31
CA LEU D 309 -13.11 7.17 11.96
C LEU D 309 -12.96 8.59 11.39
N GLY D 310 -13.07 8.74 10.07
CA GLY D 310 -13.03 10.06 9.43
C GLY D 310 -14.09 10.99 10.00
N LEU D 311 -15.28 10.43 10.24
CA LEU D 311 -16.43 11.19 10.75
C LEU D 311 -16.24 11.62 12.20
N GLN D 312 -15.72 10.72 13.04
CA GLN D 312 -15.34 11.13 14.40
C GLN D 312 -14.32 12.28 14.39
N GLY D 313 -13.38 12.24 13.46
CA GLY D 313 -12.37 13.31 13.31
C GLY D 313 -12.94 14.67 12.96
N VAL D 314 -13.77 14.71 11.92
CA VAL D 314 -14.34 15.97 11.48
C VAL D 314 -15.35 16.52 12.47
N LEU D 315 -16.04 15.63 13.17
CA LEU D 315 -16.99 16.05 14.20
C LEU D 315 -16.25 16.71 15.35
N ARG D 316 -15.17 16.09 15.80
CA ARG D 316 -14.42 16.65 16.89
C ARG D 316 -13.82 17.99 16.46
N LEU D 317 -13.26 18.08 15.25
CA LEU D 317 -12.71 19.36 14.78
C LEU D 317 -13.79 20.44 14.79
N GLY D 318 -14.97 20.09 14.28
CA GLY D 318 -16.11 21.01 14.28
C GLY D 318 -16.47 21.51 15.67
N ARG D 319 -16.53 20.61 16.64
CA ARG D 319 -16.82 21.00 18.03
C ARG D 319 -15.74 21.93 18.58
N MET D 320 -14.47 21.63 18.28
CA MET D 320 -13.34 22.47 18.70
C MET D 320 -13.40 23.88 18.07
N LYS D 321 -13.70 23.94 16.77
CA LYS D 321 -13.86 25.23 16.09
C LYS D 321 -15.02 26.06 16.68
N ASP D 322 -16.10 25.39 17.06
CA ASP D 322 -17.20 26.04 17.77
C ASP D 322 -16.77 26.58 19.16
N GLU D 323 -15.85 25.90 19.84
CA GLU D 323 -15.41 26.37 21.16
C GLU D 323 -14.14 27.23 21.05
N GLY D 324 -13.62 27.41 19.84
CA GLY D 324 -12.43 28.22 19.62
C GLY D 324 -11.11 27.59 20.03
N THR D 325 -11.06 26.26 20.14
CA THR D 325 -9.86 25.57 20.62
C THR D 325 -9.09 24.86 19.50
N ALA D 326 -9.51 25.10 18.26
CA ALA D 326 -8.92 24.39 17.10
C ALA D 326 -7.82 25.18 16.39
N ALA D 327 -6.57 24.71 16.48
CA ALA D 327 -5.51 25.29 15.65
C ALA D 327 -5.72 24.91 14.18
N VAL D 328 -5.14 25.70 13.30
CA VAL D 328 -5.30 25.51 11.87
C VAL D 328 -4.66 24.21 11.33
N GLU D 329 -3.63 23.72 12.02
CA GLU D 329 -2.97 22.48 11.62
C GLU D 329 -3.91 21.24 11.66
N ILE D 330 -4.89 21.24 12.56
CA ILE D 330 -5.84 20.14 12.64
C ILE D 330 -6.64 20.02 11.33
N THR D 331 -6.95 21.16 10.72
CA THR D 331 -7.63 21.18 9.45
C THR D 331 -6.84 20.40 8.39
N SER D 332 -5.52 20.55 8.40
CA SER D 332 -4.67 19.78 7.49
C SER D 332 -4.81 18.28 7.67
N ILE D 333 -4.90 17.82 8.92
CA ILE D 333 -5.06 16.42 9.24
C ILE D 333 -6.35 15.89 8.62
N MET D 334 -7.45 16.60 8.85
CA MET D 334 -8.77 16.09 8.45
C MET D 334 -9.07 16.18 6.97
N LYS D 335 -8.72 17.30 6.36
CA LYS D 335 -8.97 17.47 4.93
C LYS D 335 -8.14 16.48 4.16
N ARG D 336 -6.88 16.34 4.55
CA ARG D 336 -5.98 15.38 3.90
C ARG D 336 -6.51 13.96 4.05
N ASN D 337 -6.88 13.59 5.27
CA ASN D 337 -7.37 12.24 5.51
C ASN D 337 -8.66 11.96 4.73
N SER D 338 -9.64 12.85 4.85
CA SER D 338 -10.93 12.68 4.15
C SER D 338 -10.82 12.55 2.64
N CYS D 339 -10.08 13.47 2.02
CA CYS D 339 -9.89 13.45 0.59
C CYS D 339 -9.09 12.21 0.20
N GLY D 340 -8.04 11.88 0.96
CA GLY D 340 -7.20 10.71 0.67
C GLY D 340 -7.96 9.38 0.78
N LYS D 341 -8.63 9.18 1.89
CA LYS D 341 -9.36 7.92 2.10
C LYS D 341 -10.55 7.82 1.14
N ALA D 342 -11.18 8.95 0.84
CA ALA D 342 -12.32 8.98 -0.09
C ALA D 342 -11.92 8.53 -1.47
N LEU D 343 -10.84 9.09 -1.98
CA LEU D 343 -10.25 8.59 -3.23
C LEU D 343 -9.91 7.08 -3.17
N ASP D 344 -9.26 6.61 -2.11
CA ASP D 344 -9.00 5.14 -2.02
C ASP D 344 -10.30 4.32 -2.01
N ILE D 345 -11.30 4.81 -1.30
CA ILE D 345 -12.58 4.11 -1.26
C ILE D 345 -13.25 4.09 -2.64
N ALA D 346 -13.20 5.22 -3.33
CA ALA D 346 -13.78 5.34 -4.66
C ALA D 346 -13.08 4.35 -5.62
N ARG D 347 -11.76 4.25 -5.50
CA ARG D 347 -10.97 3.31 -6.28
C ARG D 347 -11.21 1.85 -5.90
N LEU D 348 -11.33 1.57 -4.62
CA LEU D 348 -11.75 0.25 -4.13
C LEU D 348 -13.13 -0.12 -4.74
N ALA D 349 -14.10 0.77 -4.65
CA ALA D 349 -15.45 0.50 -5.18
C ALA D 349 -15.43 0.34 -6.71
N ARG D 350 -14.63 1.15 -7.39
CA ARG D 350 -14.52 1.05 -8.85
C ARG D 350 -14.01 -0.32 -9.27
N ASP D 351 -12.97 -0.79 -8.62
CA ASP D 351 -12.34 -2.04 -9.01
C ASP D 351 -13.18 -3.26 -8.61
N MET D 352 -14.12 -3.09 -7.69
CA MET D 352 -15.08 -4.14 -7.37
C MET D 352 -16.11 -4.33 -8.50
N LEU D 353 -16.36 -3.27 -9.27
CA LEU D 353 -17.41 -3.31 -10.30
C LEU D 353 -16.95 -3.99 -11.57
N GLY D 354 -17.83 -4.84 -12.10
CA GLY D 354 -17.61 -5.46 -13.39
C GLY D 354 -18.39 -4.71 -14.46
N GLY D 355 -18.12 -5.04 -15.72
CA GLY D 355 -18.80 -4.38 -16.82
C GLY D 355 -18.04 -3.14 -17.25
N ASN D 356 -18.72 -2.32 -18.04
CA ASN D 356 -18.12 -1.12 -18.60
C ASN D 356 -19.22 -0.09 -18.85
N GLY D 357 -19.65 0.54 -17.75
CA GLY D 357 -20.60 1.65 -17.80
C GLY D 357 -22.05 1.35 -17.46
N ILE D 358 -22.49 0.10 -17.59
CA ILE D 358 -23.93 -0.22 -17.50
C ILE D 358 -24.45 -0.35 -16.06
N SER D 359 -25.47 0.44 -15.74
CA SER D 359 -26.02 0.55 -14.39
C SER D 359 -25.41 1.77 -13.72
N ASP D 360 -26.18 2.38 -12.81
CA ASP D 360 -25.72 3.59 -12.09
C ASP D 360 -24.80 3.24 -10.91
N GLU D 361 -24.45 1.95 -10.79
CA GLU D 361 -23.29 1.51 -10.04
C GLU D 361 -22.01 2.23 -10.53
N PHE D 362 -21.98 2.63 -11.80
CA PHE D 362 -20.87 3.44 -12.31
C PHE D 362 -21.00 4.92 -11.96
N GLY D 363 -22.00 5.30 -11.16
CA GLY D 363 -21.99 6.57 -10.41
C GLY D 363 -20.72 6.68 -9.56
N VAL D 364 -20.12 5.54 -9.23
CA VAL D 364 -18.78 5.48 -8.67
C VAL D 364 -17.76 6.17 -9.60
N ALA D 365 -17.93 6.03 -10.92
CA ALA D 365 -16.98 6.60 -11.89
C ALA D 365 -16.99 8.13 -11.85
N ARG D 366 -18.17 8.67 -11.62
CA ARG D 366 -18.34 10.11 -11.53
C ARG D 366 -17.65 10.61 -10.24
N HIS D 367 -18.02 10.00 -9.11
CA HIS D 367 -17.35 10.29 -7.81
C HIS D 367 -15.83 10.13 -7.90
N LEU D 368 -15.39 9.07 -8.56
CA LEU D 368 -13.96 8.81 -8.70
C LEU D 368 -13.22 9.94 -9.42
N VAL D 369 -13.64 10.29 -10.62
CA VAL D 369 -12.98 11.40 -11.35
C VAL D 369 -13.05 12.72 -10.58
N ASN D 370 -14.20 12.99 -9.96
CA ASN D 370 -14.35 14.17 -9.12
C ASN D 370 -13.26 14.17 -8.03
N LEU D 371 -13.16 13.08 -7.28
CA LEU D 371 -12.21 13.02 -6.15
C LEU D 371 -10.74 13.08 -6.62
N GLU D 372 -10.47 12.65 -7.84
CA GLU D 372 -9.12 12.71 -8.38
C GLU D 372 -8.71 14.17 -8.64
N VAL D 373 -9.68 15.00 -9.00
CA VAL D 373 -9.44 16.45 -9.09
C VAL D 373 -9.33 17.07 -7.71
N VAL D 374 -10.26 16.76 -6.82
CA VAL D 374 -10.24 17.31 -5.45
C VAL D 374 -8.90 17.04 -4.73
N ASN D 375 -8.38 15.82 -4.90
CA ASN D 375 -7.12 15.42 -4.26
C ASN D 375 -5.86 16.00 -4.88
N THR D 376 -5.98 16.62 -6.06
CA THR D 376 -4.87 17.33 -6.66
C THR D 376 -5.08 18.84 -6.83
N TYR D 377 -6.23 19.38 -6.41
CA TYR D 377 -6.51 20.81 -6.56
C TYR D 377 -5.51 21.69 -5.79
N GLU D 378 -5.05 21.23 -4.64
CA GLU D 378 -4.08 22.01 -3.85
C GLU D 378 -2.65 21.67 -4.25
N GLY D 379 -2.48 20.99 -5.39
CA GLY D 379 -1.16 20.76 -5.98
C GLY D 379 -0.68 19.33 -5.85
N THR D 380 0.37 19.02 -6.61
CA THR D 380 1.02 17.70 -6.55
C THR D 380 1.87 17.53 -5.29
N HIS D 381 2.38 18.63 -4.76
CA HIS D 381 3.06 18.62 -3.47
C HIS D 381 2.00 18.24 -2.47
N ASP D 382 2.25 17.18 -1.70
CA ASP D 382 1.37 16.76 -0.59
C ASP D 382 1.50 17.83 0.49
N ILE D 383 0.90 18.98 0.23
CA ILE D 383 1.09 20.18 1.04
C ILE D 383 0.75 19.95 2.50
N HIS D 384 -0.33 19.24 2.78
CA HIS D 384 -0.75 19.08 4.16
C HIS D 384 0.16 18.13 4.97
N ALA D 385 0.73 17.13 4.31
CA ALA D 385 1.73 16.27 4.96
C ALA D 385 2.91 17.12 5.41
N LEU D 386 3.27 18.11 4.58
CA LEU D 386 4.40 18.98 4.88
C LEU D 386 4.08 19.99 5.96
N ILE D 387 2.85 20.52 5.97
CA ILE D 387 2.42 21.37 7.06
C ILE D 387 2.51 20.59 8.38
N LEU D 388 1.98 19.37 8.38
CA LEU D 388 1.98 18.53 9.57
C LEU D 388 3.41 18.10 9.98
N GLY D 389 4.26 17.85 8.99
CA GLY D 389 5.67 17.53 9.24
C GLY D 389 6.40 18.67 9.93
N ARG D 390 6.19 19.88 9.43
CA ARG D 390 6.78 21.06 10.06
C ARG D 390 6.24 21.21 11.47
N ALA D 391 4.93 21.12 11.60
CA ALA D 391 4.29 21.17 12.90
C ALA D 391 4.87 20.15 13.91
N GLN D 392 5.31 18.98 13.46
CA GLN D 392 5.90 17.99 14.36
C GLN D 392 7.37 18.27 14.67
N THR D 393 8.11 18.80 13.70
CA THR D 393 9.58 18.83 13.74
C THR D 393 10.18 20.23 13.85
N GLY D 394 9.39 21.26 13.56
CA GLY D 394 9.85 22.64 13.58
C GLY D 394 10.67 22.99 12.36
N ILE D 395 10.55 22.17 11.29
CA ILE D 395 11.41 22.28 10.12
C ILE D 395 10.63 22.36 8.81
N GLN D 396 10.95 23.39 8.03
CA GLN D 396 10.37 23.59 6.69
C GLN D 396 10.99 22.64 5.67
N ALA D 397 10.16 21.74 5.14
CA ALA D 397 10.61 20.74 4.18
C ALA D 397 9.72 20.73 2.93
S SO4 E . 17.40 0.33 -0.28
O1 SO4 E . 18.01 -0.97 -0.56
O2 SO4 E . 18.05 0.92 0.89
O3 SO4 E . 17.54 1.22 -1.43
O4 SO4 E . 15.97 0.10 0.01
O11 QQQ F . 24.76 -4.93 5.95
S10 QQQ F . 24.31 -5.12 4.60
O13 QQQ F . 22.91 -4.83 4.52
O12 QQQ F . 24.56 -6.63 4.08
C8 QQQ F . 25.11 -4.04 3.62
N7 QQQ F . 24.37 -3.17 2.89
C3 QQQ F . 25.29 -2.45 2.21
C4 QQQ F . 25.20 -1.40 1.30
C5 QQQ F . 26.37 -0.87 0.77
C6 QQQ F . 27.63 -1.35 1.15
C1 QQQ F . 27.77 -2.39 2.05
C2 QQQ F . 26.63 -2.97 2.62
N9 QQQ F . 26.44 -3.96 3.49
C14 QQQ F . 27.54 -4.77 4.12
C15 QQQ F . 28.51 -3.91 4.94
C16 QQQ F . 28.31 -5.50 3.02
O11 QQQ G . -10.80 -5.43 -23.22
S10 QQQ G . -9.44 -5.81 -23.02
O13 QQQ G . -9.03 -5.39 -21.71
O12 QQQ G . -8.44 -5.11 -24.07
C8 QQQ G . -9.29 -7.46 -23.16
N7 QQQ G . -8.80 -8.17 -22.12
C3 QQQ G . -8.79 -9.44 -22.56
C4 QQQ G . -8.42 -10.64 -22.00
C5 QQQ G . -8.54 -11.82 -22.73
C6 QQQ G . -9.06 -11.82 -24.02
C1 QQQ G . -9.46 -10.63 -24.64
C2 QQQ G . -9.34 -9.43 -23.95
N9 QQQ G . -9.63 -8.16 -24.25
C14 QQQ G . -10.18 -7.69 -25.57
C15 QQQ G . -11.51 -8.33 -25.94
C16 QQQ G . -9.13 -8.01 -26.63
N1 EPE H . -5.28 -7.48 -10.89
C2 EPE H . -5.22 -8.13 -9.55
C3 EPE H . -4.57 -7.17 -8.54
N4 EPE H . -5.25 -5.88 -8.50
C5 EPE H . -5.31 -5.28 -9.81
C6 EPE H . -6.01 -6.20 -10.81
C7 EPE H . -4.58 -4.95 -7.59
C8 EPE H . -4.79 -5.29 -6.13
O8 EPE H . -3.68 -6.04 -5.66
C9 EPE H . -5.92 -8.38 -11.87
C10 EPE H . -5.68 -7.82 -13.29
S EPE H . -5.73 -9.04 -14.62
O1S EPE H . -7.09 -9.50 -14.86
O2S EPE H . -4.90 -10.18 -14.24
O3S EPE H . -5.19 -8.41 -15.82
O11 QQQ I . -1.80 -11.91 23.18
S10 QQQ I . -2.62 -10.84 22.75
O13 QQQ I . -2.31 -10.50 21.39
O12 QQQ I . -2.37 -9.55 23.71
C8 QQQ I . -4.22 -11.19 22.87
N7 QQQ I . -5.04 -10.98 21.83
C3 QQQ I . -6.26 -11.33 22.28
C4 QQQ I . -7.52 -11.34 21.69
C5 QQQ I . -8.61 -11.79 22.43
C6 QQQ I . -8.45 -12.20 23.75
C1 QQQ I . -7.20 -12.21 24.38
C2 QQQ I . -6.09 -11.78 23.68
N9 QQQ I . -4.79 -11.67 23.99
C14 QQQ I . -4.16 -12.01 25.29
C15 QQQ I . -4.43 -13.48 25.64
C16 QQQ I . -4.73 -11.10 26.39
N1 EPE J . -5.30 -7.29 10.71
C2 EPE J . -3.88 -7.36 10.33
C3 EPE J . -3.58 -6.49 9.10
N4 EPE J . -4.37 -6.90 7.95
C5 EPE J . -5.78 -6.78 8.28
C6 EPE J . -6.24 -7.45 9.58
C7 EPE J . -3.97 -8.22 7.43
C8 EPE J . -4.86 -9.45 7.67
O8 EPE J . -4.41 -10.54 6.89
C9 EPE J . -5.63 -8.33 11.69
C10 EPE J . -5.38 -7.77 13.08
S EPE J . -6.67 -8.26 14.26
O1S EPE J . -6.18 -7.79 15.55
O2S EPE J . -6.81 -9.70 14.25
O3S EPE J . -7.96 -7.69 13.94
O11 QQQ K . -12.12 22.10 -6.34
S10 QQQ K . -12.14 21.60 -5.00
O13 QQQ K . -11.48 20.33 -4.98
O12 QQQ K . -13.64 21.38 -4.42
C8 QQQ K . -11.42 22.66 -3.97
N7 QQQ K . -10.39 22.26 -3.19
C3 QQQ K . -10.09 23.36 -2.45
C4 QQQ K . -9.14 23.63 -1.48
C5 QQQ K . -9.07 24.90 -0.89
C6 QQQ K . -9.96 25.91 -1.27
C1 QQQ K . -10.93 25.67 -2.26
C2 QQQ K . -11.03 24.43 -2.86
N9 QQQ K . -11.83 23.93 -3.81
C14 QQQ K . -12.94 24.67 -4.47
C15 QQQ K . -12.37 25.85 -5.26
C16 QQQ K . -13.89 25.15 -3.39
N1 EPE L . -3.19 13.01 -0.24
C2 EPE L . -4.03 11.89 -0.72
C3 EPE L . -3.34 11.03 -1.79
N4 EPE L . -2.60 11.86 -2.73
C5 EPE L . -1.55 12.62 -2.05
C6 EPE L . -1.77 12.79 -0.54
C7 EPE L . -2.11 11.10 -3.90
C8 EPE L . -0.79 10.32 -3.77
O8 EPE L . -0.68 9.30 -4.75
C9 EPE L . -3.63 14.33 -0.75
C10 EPE L . -4.89 14.85 -0.07
S EPE L . -5.01 16.66 -0.06
O1S EPE L . -6.40 17.07 -0.16
O2S EPE L . -4.25 17.30 -1.14
O3S EPE L . -4.45 17.08 1.22
#